data_1A70
# 
_entry.id   1A70 
# 
_audit_conform.dict_name       mmcif_pdbx.dic 
_audit_conform.dict_version    5.392 
_audit_conform.dict_location   http://mmcif.pdb.org/dictionaries/ascii/mmcif_pdbx.dic 
# 
loop_
_database_2.database_id 
_database_2.database_code 
_database_2.pdbx_database_accession 
_database_2.pdbx_DOI 
PDB   1A70         pdb_00001a70 10.2210/pdb1a70/pdb 
WWPDB D_1000170471 ?            ?                   
# 
loop_
_pdbx_audit_revision_history.ordinal 
_pdbx_audit_revision_history.data_content_type 
_pdbx_audit_revision_history.major_revision 
_pdbx_audit_revision_history.minor_revision 
_pdbx_audit_revision_history.revision_date 
1 'Structure model' 1 0 1998-11-25 
2 'Structure model' 1 1 2008-03-24 
3 'Structure model' 1 2 2011-07-13 
4 'Structure model' 1 3 2021-11-03 
5 'Structure model' 1 4 2023-08-02 
6 'Structure model' 1 5 2024-05-22 
# 
_pdbx_audit_revision_details.ordinal             1 
_pdbx_audit_revision_details.revision_ordinal    1 
_pdbx_audit_revision_details.data_content_type   'Structure model' 
_pdbx_audit_revision_details.provider            repository 
_pdbx_audit_revision_details.type                'Initial release' 
_pdbx_audit_revision_details.description         ? 
_pdbx_audit_revision_details.details             ? 
# 
loop_
_pdbx_audit_revision_group.ordinal 
_pdbx_audit_revision_group.revision_ordinal 
_pdbx_audit_revision_group.data_content_type 
_pdbx_audit_revision_group.group 
1 2 'Structure model' 'Version format compliance' 
2 3 'Structure model' 'Version format compliance' 
3 4 'Structure model' 'Database references'       
4 4 'Structure model' 'Derived calculations'      
5 4 'Structure model' 'Refinement description'    
6 5 'Structure model' 'Refinement description'    
7 6 'Structure model' 'Data collection'           
# 
loop_
_pdbx_audit_revision_category.ordinal 
_pdbx_audit_revision_category.revision_ordinal 
_pdbx_audit_revision_category.data_content_type 
_pdbx_audit_revision_category.category 
1 4 'Structure model' database_2                    
2 4 'Structure model' software                      
3 4 'Structure model' struct_conn                   
4 4 'Structure model' struct_ref_seq_dif            
5 4 'Structure model' struct_site                   
6 5 'Structure model' pdbx_initial_refinement_model 
7 6 'Structure model' chem_comp_atom                
8 6 'Structure model' chem_comp_bond                
# 
loop_
_pdbx_audit_revision_item.ordinal 
_pdbx_audit_revision_item.revision_ordinal 
_pdbx_audit_revision_item.data_content_type 
_pdbx_audit_revision_item.item 
1  4 'Structure model' '_database_2.pdbx_DOI'                
2  4 'Structure model' '_database_2.pdbx_database_accession' 
3  4 'Structure model' '_software.name'                      
4  4 'Structure model' '_struct_conn.ptnr1_auth_comp_id'     
5  4 'Structure model' '_struct_conn.ptnr1_auth_seq_id'      
6  4 'Structure model' '_struct_conn.ptnr1_label_asym_id'    
7  4 'Structure model' '_struct_conn.ptnr1_label_atom_id'    
8  4 'Structure model' '_struct_conn.ptnr1_label_comp_id'    
9  4 'Structure model' '_struct_conn.ptnr1_label_seq_id'     
10 4 'Structure model' '_struct_conn.ptnr2_auth_comp_id'     
11 4 'Structure model' '_struct_conn.ptnr2_auth_seq_id'      
12 4 'Structure model' '_struct_conn.ptnr2_label_asym_id'    
13 4 'Structure model' '_struct_conn.ptnr2_label_atom_id'    
14 4 'Structure model' '_struct_conn.ptnr2_label_comp_id'    
15 4 'Structure model' '_struct_conn.ptnr2_label_seq_id'     
16 4 'Structure model' '_struct_ref_seq_dif.details'         
17 4 'Structure model' '_struct_site.pdbx_auth_asym_id'      
18 4 'Structure model' '_struct_site.pdbx_auth_comp_id'      
19 4 'Structure model' '_struct_site.pdbx_auth_seq_id'       
# 
_pdbx_database_status.status_code                     REL 
_pdbx_database_status.entry_id                        1A70 
_pdbx_database_status.recvd_initial_deposition_date   1998-03-19 
_pdbx_database_status.deposit_site                    ? 
_pdbx_database_status.process_site                    BNL 
_pdbx_database_status.status_code_sf                  REL 
_pdbx_database_status.status_code_mr                  ? 
_pdbx_database_status.SG_entry                        ? 
_pdbx_database_status.pdb_format_compatible           Y 
_pdbx_database_status.status_code_cs                  ? 
_pdbx_database_status.status_code_nmr_data            ? 
_pdbx_database_status.methods_development_category    ? 
# 
loop_
_audit_author.name 
_audit_author.pdbx_ordinal 
'Binda, C.'    1 
'Coda, A.'     2 
'Mattevi, A.'  3 
'Aliverti, A.' 4 
'Zanetti, G.'  5 
# 
_citation.id                        primary 
_citation.title                     
'Structure of the mutant E92K of [2Fe-2S] ferredoxin I from Spinacia oleracea at 1.7 A resolution.' 
_citation.journal_abbrev            'Acta Crystallogr.,Sect.D' 
_citation.journal_volume            54 
_citation.page_first                1353 
_citation.page_last                 1358 
_citation.year                      1998 
_citation.journal_id_ASTM           ABCRE6 
_citation.country                   DK 
_citation.journal_id_ISSN           0907-4449 
_citation.journal_id_CSD            0766 
_citation.book_publisher            ? 
_citation.pdbx_database_id_PubMed   10089511 
_citation.pdbx_database_id_DOI      10.1107/S0907444998005137 
# 
loop_
_citation_author.citation_id 
_citation_author.name 
_citation_author.ordinal 
_citation_author.identifier_ORCID 
primary 'Binda, C.'    1 ? 
primary 'Coda, A.'     2 ? 
primary 'Aliverti, A.' 3 ? 
primary 'Zanetti, G.'  4 ? 
primary 'Mattevi, A.'  5 ? 
# 
loop_
_entity.id 
_entity.type 
_entity.src_method 
_entity.pdbx_description 
_entity.formula_weight 
_entity.pdbx_number_of_molecules 
_entity.pdbx_ec 
_entity.pdbx_mutation 
_entity.pdbx_fragment 
_entity.details 
1 polymer     man FERREDOXIN                   10488.470 1  ? E92K ? ? 
2 non-polymer syn 'FE2/S2 (INORGANIC) CLUSTER' 175.820   1  ? ?    ? ? 
3 water       nat water                        18.015    81 ? ?    ? ? 
# 
_entity_poly.entity_id                      1 
_entity_poly.type                           'polypeptide(L)' 
_entity_poly.nstd_linkage                   no 
_entity_poly.nstd_monomer                   no 
_entity_poly.pdbx_seq_one_letter_code       
;AAYKVTLVTPTGNVEFQCPDDVYILDAAEEEGIDLPYSCRAGSCSSCAGKLKTGSLNQDDQSFLDDDQIDEGWVLTCAAY
PVSDVTIETHKKEELTA
;
_entity_poly.pdbx_seq_one_letter_code_can   
;AAYKVTLVTPTGNVEFQCPDDVYILDAAEEEGIDLPYSCRAGSCSSCAGKLKTGSLNQDDQSFLDDDQIDEGWVLTCAAY
PVSDVTIETHKKEELTA
;
_entity_poly.pdbx_strand_id                 A 
_entity_poly.pdbx_target_identifier         ? 
# 
loop_
_pdbx_entity_nonpoly.entity_id 
_pdbx_entity_nonpoly.name 
_pdbx_entity_nonpoly.comp_id 
2 'FE2/S2 (INORGANIC) CLUSTER' FES 
3 water                        HOH 
# 
loop_
_entity_poly_seq.entity_id 
_entity_poly_seq.num 
_entity_poly_seq.mon_id 
_entity_poly_seq.hetero 
1 1  ALA n 
1 2  ALA n 
1 3  TYR n 
1 4  LYS n 
1 5  VAL n 
1 6  THR n 
1 7  LEU n 
1 8  VAL n 
1 9  THR n 
1 10 PRO n 
1 11 THR n 
1 12 GLY n 
1 13 ASN n 
1 14 VAL n 
1 15 GLU n 
1 16 PHE n 
1 17 GLN n 
1 18 CYS n 
1 19 PRO n 
1 20 ASP n 
1 21 ASP n 
1 22 VAL n 
1 23 TYR n 
1 24 ILE n 
1 25 LEU n 
1 26 ASP n 
1 27 ALA n 
1 28 ALA n 
1 29 GLU n 
1 30 GLU n 
1 31 GLU n 
1 32 GLY n 
1 33 ILE n 
1 34 ASP n 
1 35 LEU n 
1 36 PRO n 
1 37 TYR n 
1 38 SER n 
1 39 CYS n 
1 40 ARG n 
1 41 ALA n 
1 42 GLY n 
1 43 SER n 
1 44 CYS n 
1 45 SER n 
1 46 SER n 
1 47 CYS n 
1 48 ALA n 
1 49 GLY n 
1 50 LYS n 
1 51 LEU n 
1 52 LYS n 
1 53 THR n 
1 54 GLY n 
1 55 SER n 
1 56 LEU n 
1 57 ASN n 
1 58 GLN n 
1 59 ASP n 
1 60 ASP n 
1 61 GLN n 
1 62 SER n 
1 63 PHE n 
1 64 LEU n 
1 65 ASP n 
1 66 ASP n 
1 67 ASP n 
1 68 GLN n 
1 69 ILE n 
1 70 ASP n 
1 71 GLU n 
1 72 GLY n 
1 73 TRP n 
1 74 VAL n 
1 75 LEU n 
1 76 THR n 
1 77 CYS n 
1 78 ALA n 
1 79 ALA n 
1 80 TYR n 
1 81 PRO n 
1 82 VAL n 
1 83 SER n 
1 84 ASP n 
1 85 VAL n 
1 86 THR n 
1 87 ILE n 
1 88 GLU n 
1 89 THR n 
1 90 HIS n 
1 91 LYS n 
1 92 LYS n 
1 93 GLU n 
1 94 GLU n 
1 95 LEU n 
1 96 THR n 
1 97 ALA n 
# 
_entity_src_gen.entity_id                          1 
_entity_src_gen.pdbx_src_id                        1 
_entity_src_gen.pdbx_alt_source_flag               sample 
_entity_src_gen.pdbx_seq_type                      ? 
_entity_src_gen.pdbx_beg_seq_num                   ? 
_entity_src_gen.pdbx_end_seq_num                   ? 
_entity_src_gen.gene_src_common_name               spinach 
_entity_src_gen.gene_src_genus                     Spinacia 
_entity_src_gen.pdbx_gene_src_gene                 ? 
_entity_src_gen.gene_src_species                   ? 
_entity_src_gen.gene_src_strain                    ? 
_entity_src_gen.gene_src_tissue                    ? 
_entity_src_gen.gene_src_tissue_fraction           ? 
_entity_src_gen.gene_src_details                   ? 
_entity_src_gen.pdbx_gene_src_fragment             ? 
_entity_src_gen.pdbx_gene_src_scientific_name      'Spinacia oleracea' 
_entity_src_gen.pdbx_gene_src_ncbi_taxonomy_id     3562 
_entity_src_gen.pdbx_gene_src_variant              ? 
_entity_src_gen.pdbx_gene_src_cell_line            ? 
_entity_src_gen.pdbx_gene_src_atcc                 ? 
_entity_src_gen.pdbx_gene_src_organ                ? 
_entity_src_gen.pdbx_gene_src_organelle            ? 
_entity_src_gen.pdbx_gene_src_cell                 ? 
_entity_src_gen.pdbx_gene_src_cellular_location    ? 
_entity_src_gen.host_org_common_name               ? 
_entity_src_gen.pdbx_host_org_scientific_name      'Escherichia coli' 
_entity_src_gen.pdbx_host_org_ncbi_taxonomy_id     562 
_entity_src_gen.host_org_genus                     Escherichia 
_entity_src_gen.pdbx_host_org_gene                 ? 
_entity_src_gen.pdbx_host_org_organ                ? 
_entity_src_gen.host_org_species                   ? 
_entity_src_gen.pdbx_host_org_tissue               ? 
_entity_src_gen.pdbx_host_org_tissue_fraction      ? 
_entity_src_gen.pdbx_host_org_strain               ? 
_entity_src_gen.pdbx_host_org_variant              ? 
_entity_src_gen.pdbx_host_org_cell_line            ? 
_entity_src_gen.pdbx_host_org_atcc                 ? 
_entity_src_gen.pdbx_host_org_culture_collection   ? 
_entity_src_gen.pdbx_host_org_cell                 ? 
_entity_src_gen.pdbx_host_org_organelle            ? 
_entity_src_gen.pdbx_host_org_cellular_location    ? 
_entity_src_gen.pdbx_host_org_vector_type          ? 
_entity_src_gen.pdbx_host_org_vector               ? 
_entity_src_gen.host_org_details                   ? 
_entity_src_gen.expression_system_id               ? 
_entity_src_gen.plasmid_name                       ? 
_entity_src_gen.plasmid_details                    ? 
_entity_src_gen.pdbx_description                   ? 
# 
loop_
_chem_comp.id 
_chem_comp.type 
_chem_comp.mon_nstd_flag 
_chem_comp.name 
_chem_comp.pdbx_synonyms 
_chem_comp.formula 
_chem_comp.formula_weight 
ALA 'L-peptide linking' y ALANINE                      ? 'C3 H7 N O2'     89.093  
ARG 'L-peptide linking' y ARGININE                     ? 'C6 H15 N4 O2 1' 175.209 
ASN 'L-peptide linking' y ASPARAGINE                   ? 'C4 H8 N2 O3'    132.118 
ASP 'L-peptide linking' y 'ASPARTIC ACID'              ? 'C4 H7 N O4'     133.103 
CYS 'L-peptide linking' y CYSTEINE                     ? 'C3 H7 N O2 S'   121.158 
FES non-polymer         . 'FE2/S2 (INORGANIC) CLUSTER' ? 'Fe2 S2'         175.820 
GLN 'L-peptide linking' y GLUTAMINE                    ? 'C5 H10 N2 O3'   146.144 
GLU 'L-peptide linking' y 'GLUTAMIC ACID'              ? 'C5 H9 N O4'     147.129 
GLY 'peptide linking'   y GLYCINE                      ? 'C2 H5 N O2'     75.067  
HIS 'L-peptide linking' y HISTIDINE                    ? 'C6 H10 N3 O2 1' 156.162 
HOH non-polymer         . WATER                        ? 'H2 O'           18.015  
ILE 'L-peptide linking' y ISOLEUCINE                   ? 'C6 H13 N O2'    131.173 
LEU 'L-peptide linking' y LEUCINE                      ? 'C6 H13 N O2'    131.173 
LYS 'L-peptide linking' y LYSINE                       ? 'C6 H15 N2 O2 1' 147.195 
PHE 'L-peptide linking' y PHENYLALANINE                ? 'C9 H11 N O2'    165.189 
PRO 'L-peptide linking' y PROLINE                      ? 'C5 H9 N O2'     115.130 
SER 'L-peptide linking' y SERINE                       ? 'C3 H7 N O3'     105.093 
THR 'L-peptide linking' y THREONINE                    ? 'C4 H9 N O3'     119.119 
TRP 'L-peptide linking' y TRYPTOPHAN                   ? 'C11 H12 N2 O2'  204.225 
TYR 'L-peptide linking' y TYROSINE                     ? 'C9 H11 N O3'    181.189 
VAL 'L-peptide linking' y VALINE                       ? 'C5 H11 N O2'    117.146 
# 
loop_
_pdbx_poly_seq_scheme.asym_id 
_pdbx_poly_seq_scheme.entity_id 
_pdbx_poly_seq_scheme.seq_id 
_pdbx_poly_seq_scheme.mon_id 
_pdbx_poly_seq_scheme.ndb_seq_num 
_pdbx_poly_seq_scheme.pdb_seq_num 
_pdbx_poly_seq_scheme.auth_seq_num 
_pdbx_poly_seq_scheme.pdb_mon_id 
_pdbx_poly_seq_scheme.auth_mon_id 
_pdbx_poly_seq_scheme.pdb_strand_id 
_pdbx_poly_seq_scheme.pdb_ins_code 
_pdbx_poly_seq_scheme.hetero 
A 1 1  ALA 1  1  1  ALA ALA A . n 
A 1 2  ALA 2  2  2  ALA ALA A . n 
A 1 3  TYR 3  3  3  TYR TYR A . n 
A 1 4  LYS 4  4  4  LYS LYS A . n 
A 1 5  VAL 5  5  5  VAL VAL A . n 
A 1 6  THR 6  6  6  THR THR A . n 
A 1 7  LEU 7  7  7  LEU LEU A . n 
A 1 8  VAL 8  8  8  VAL VAL A . n 
A 1 9  THR 9  9  9  THR THR A . n 
A 1 10 PRO 10 10 10 PRO PRO A . n 
A 1 11 THR 11 11 11 THR THR A . n 
A 1 12 GLY 12 12 12 GLY GLY A . n 
A 1 13 ASN 13 13 13 ASN ASN A . n 
A 1 14 VAL 14 14 14 VAL VAL A . n 
A 1 15 GLU 15 15 15 GLU GLU A . n 
A 1 16 PHE 16 16 16 PHE PHE A . n 
A 1 17 GLN 17 17 17 GLN GLN A . n 
A 1 18 CYS 18 18 18 CYS CYS A . n 
A 1 19 PRO 19 19 19 PRO PRO A . n 
A 1 20 ASP 20 20 20 ASP ASP A . n 
A 1 21 ASP 21 21 21 ASP ASP A . n 
A 1 22 VAL 22 22 22 VAL VAL A . n 
A 1 23 TYR 23 23 23 TYR TYR A . n 
A 1 24 ILE 24 24 24 ILE ILE A . n 
A 1 25 LEU 25 25 25 LEU LEU A . n 
A 1 26 ASP 26 26 26 ASP ASP A . n 
A 1 27 ALA 27 27 27 ALA ALA A . n 
A 1 28 ALA 28 28 28 ALA ALA A . n 
A 1 29 GLU 29 29 29 GLU GLU A . n 
A 1 30 GLU 30 30 30 GLU GLU A . n 
A 1 31 GLU 31 31 31 GLU GLU A . n 
A 1 32 GLY 32 32 32 GLY GLY A . n 
A 1 33 ILE 33 33 33 ILE ILE A . n 
A 1 34 ASP 34 34 34 ASP ASP A . n 
A 1 35 LEU 35 35 35 LEU LEU A . n 
A 1 36 PRO 36 36 36 PRO PRO A . n 
A 1 37 TYR 37 37 37 TYR TYR A . n 
A 1 38 SER 38 38 38 SER SER A . n 
A 1 39 CYS 39 39 39 CYS CYS A . n 
A 1 40 ARG 40 40 40 ARG ARG A . n 
A 1 41 ALA 41 41 41 ALA ALA A . n 
A 1 42 GLY 42 42 42 GLY GLY A . n 
A 1 43 SER 43 43 43 SER SER A . n 
A 1 44 CYS 44 44 44 CYS CYS A . n 
A 1 45 SER 45 45 45 SER SER A . n 
A 1 46 SER 46 46 46 SER SER A . n 
A 1 47 CYS 47 47 47 CYS CYS A . n 
A 1 48 ALA 48 48 48 ALA ALA A . n 
A 1 49 GLY 49 49 49 GLY GLY A . n 
A 1 50 LYS 50 50 50 LYS LYS A . n 
A 1 51 LEU 51 51 51 LEU LEU A . n 
A 1 52 LYS 52 52 52 LYS LYS A . n 
A 1 53 THR 53 53 53 THR THR A . n 
A 1 54 GLY 54 54 54 GLY GLY A . n 
A 1 55 SER 55 55 55 SER SER A . n 
A 1 56 LEU 56 56 56 LEU LEU A . n 
A 1 57 ASN 57 57 57 ASN ASN A . n 
A 1 58 GLN 58 58 58 GLN GLN A . n 
A 1 59 ASP 59 59 59 ASP ASP A . n 
A 1 60 ASP 60 60 60 ASP ASP A . n 
A 1 61 GLN 61 61 61 GLN GLN A . n 
A 1 62 SER 62 62 62 SER SER A . n 
A 1 63 PHE 63 63 63 PHE PHE A . n 
A 1 64 LEU 64 64 64 LEU LEU A . n 
A 1 65 ASP 65 65 65 ASP ASP A . n 
A 1 66 ASP 66 66 66 ASP ASP A . n 
A 1 67 ASP 67 67 67 ASP ASP A . n 
A 1 68 GLN 68 68 68 GLN GLN A . n 
A 1 69 ILE 69 69 69 ILE ILE A . n 
A 1 70 ASP 70 70 70 ASP ASP A . n 
A 1 71 GLU 71 71 71 GLU GLU A . n 
A 1 72 GLY 72 72 72 GLY GLY A . n 
A 1 73 TRP 73 73 73 TRP TRP A . n 
A 1 74 VAL 74 74 74 VAL VAL A . n 
A 1 75 LEU 75 75 75 LEU LEU A . n 
A 1 76 THR 76 76 76 THR THR A . n 
A 1 77 CYS 77 77 77 CYS CYS A . n 
A 1 78 ALA 78 78 78 ALA ALA A . n 
A 1 79 ALA 79 79 79 ALA ALA A . n 
A 1 80 TYR 80 80 80 TYR TYR A . n 
A 1 81 PRO 81 81 81 PRO PRO A . n 
A 1 82 VAL 82 82 82 VAL VAL A . n 
A 1 83 SER 83 83 83 SER SER A . n 
A 1 84 ASP 84 84 84 ASP ASP A . n 
A 1 85 VAL 85 85 85 VAL VAL A . n 
A 1 86 THR 86 86 86 THR THR A . n 
A 1 87 ILE 87 87 87 ILE ILE A . n 
A 1 88 GLU 88 88 88 GLU GLU A . n 
A 1 89 THR 89 89 89 THR THR A . n 
A 1 90 HIS 90 90 90 HIS HIS A . n 
A 1 91 LYS 91 91 91 LYS LYS A . n 
A 1 92 LYS 92 92 92 LYS LYS A . n 
A 1 93 GLU 93 93 93 GLU GLU A . n 
A 1 94 GLU 94 94 94 GLU GLU A . n 
A 1 95 LEU 95 95 95 LEU LEU A . n 
A 1 96 THR 96 96 96 THR THR A . n 
A 1 97 ALA 97 97 97 ALA ALA A . n 
# 
loop_
_pdbx_nonpoly_scheme.asym_id 
_pdbx_nonpoly_scheme.entity_id 
_pdbx_nonpoly_scheme.mon_id 
_pdbx_nonpoly_scheme.ndb_seq_num 
_pdbx_nonpoly_scheme.pdb_seq_num 
_pdbx_nonpoly_scheme.auth_seq_num 
_pdbx_nonpoly_scheme.pdb_mon_id 
_pdbx_nonpoly_scheme.auth_mon_id 
_pdbx_nonpoly_scheme.pdb_strand_id 
_pdbx_nonpoly_scheme.pdb_ins_code 
B 2 FES 1  1602 1602 FES FES A . 
C 3 HOH 1  1603 1    HOH HOH A . 
C 3 HOH 2  1604 2    HOH HOH A . 
C 3 HOH 3  1605 3    HOH HOH A . 
C 3 HOH 4  1606 4    HOH HOH A . 
C 3 HOH 5  1607 5    HOH HOH A . 
C 3 HOH 6  1608 6    HOH HOH A . 
C 3 HOH 7  1609 7    HOH HOH A . 
C 3 HOH 8  1610 8    HOH HOH A . 
C 3 HOH 9  1611 9    HOH HOH A . 
C 3 HOH 10 1612 10   HOH HOH A . 
C 3 HOH 11 1613 11   HOH HOH A . 
C 3 HOH 12 1614 12   HOH HOH A . 
C 3 HOH 13 1615 13   HOH HOH A . 
C 3 HOH 14 1616 14   HOH HOH A . 
C 3 HOH 15 1617 15   HOH HOH A . 
C 3 HOH 16 1618 16   HOH HOH A . 
C 3 HOH 17 1619 17   HOH HOH A . 
C 3 HOH 18 1620 18   HOH HOH A . 
C 3 HOH 19 1621 19   HOH HOH A . 
C 3 HOH 20 1622 20   HOH HOH A . 
C 3 HOH 21 1623 21   HOH HOH A . 
C 3 HOH 22 1624 22   HOH HOH A . 
C 3 HOH 23 1625 23   HOH HOH A . 
C 3 HOH 24 1626 24   HOH HOH A . 
C 3 HOH 25 1627 25   HOH HOH A . 
C 3 HOH 26 1628 26   HOH HOH A . 
C 3 HOH 27 1629 27   HOH HOH A . 
C 3 HOH 28 1630 28   HOH HOH A . 
C 3 HOH 29 1631 29   HOH HOH A . 
C 3 HOH 30 1632 30   HOH HOH A . 
C 3 HOH 31 1633 31   HOH HOH A . 
C 3 HOH 32 1634 32   HOH HOH A . 
C 3 HOH 33 1635 33   HOH HOH A . 
C 3 HOH 34 1636 34   HOH HOH A . 
C 3 HOH 35 1637 35   HOH HOH A . 
C 3 HOH 36 1638 36   HOH HOH A . 
C 3 HOH 37 1639 37   HOH HOH A . 
C 3 HOH 38 1640 38   HOH HOH A . 
C 3 HOH 39 1641 39   HOH HOH A . 
C 3 HOH 40 1642 40   HOH HOH A . 
C 3 HOH 41 1643 41   HOH HOH A . 
C 3 HOH 42 1644 42   HOH HOH A . 
C 3 HOH 43 1645 43   HOH HOH A . 
C 3 HOH 44 1646 44   HOH HOH A . 
C 3 HOH 45 1647 45   HOH HOH A . 
C 3 HOH 46 1648 46   HOH HOH A . 
C 3 HOH 47 1649 47   HOH HOH A . 
C 3 HOH 48 1650 48   HOH HOH A . 
C 3 HOH 49 1651 49   HOH HOH A . 
C 3 HOH 50 1652 50   HOH HOH A . 
C 3 HOH 51 1653 51   HOH HOH A . 
C 3 HOH 52 1654 52   HOH HOH A . 
C 3 HOH 53 1655 53   HOH HOH A . 
C 3 HOH 54 1656 54   HOH HOH A . 
C 3 HOH 55 1657 55   HOH HOH A . 
C 3 HOH 56 1658 56   HOH HOH A . 
C 3 HOH 57 1659 57   HOH HOH A . 
C 3 HOH 58 1660 58   HOH HOH A . 
C 3 HOH 59 1661 59   HOH HOH A . 
C 3 HOH 60 1662 60   HOH HOH A . 
C 3 HOH 61 1663 61   HOH HOH A . 
C 3 HOH 62 1664 62   HOH HOH A . 
C 3 HOH 63 1665 63   HOH HOH A . 
C 3 HOH 64 1666 64   HOH HOH A . 
C 3 HOH 65 1667 65   HOH HOH A . 
C 3 HOH 66 1668 66   HOH HOH A . 
C 3 HOH 67 1669 67   HOH HOH A . 
C 3 HOH 68 1670 68   HOH HOH A . 
C 3 HOH 69 1671 69   HOH HOH A . 
C 3 HOH 70 1672 70   HOH HOH A . 
C 3 HOH 71 1673 71   HOH HOH A . 
C 3 HOH 72 1674 72   HOH HOH A . 
C 3 HOH 73 1675 73   HOH HOH A . 
C 3 HOH 74 1676 74   HOH HOH A . 
C 3 HOH 75 1677 75   HOH HOH A . 
C 3 HOH 76 1678 76   HOH HOH A . 
C 3 HOH 77 1679 77   HOH HOH A . 
C 3 HOH 78 1680 78   HOH HOH A . 
C 3 HOH 79 1681 79   HOH HOH A . 
C 3 HOH 80 1682 80   HOH HOH A . 
C 3 HOH 81 1683 81   HOH HOH A . 
# 
loop_
_software.name 
_software.classification 
_software.version 
_software.citation_id 
_software.pdbx_ordinal 
AMoRE    phasing          .  ? 1 
TNT      refinement       5D ? 2 
MOSFLM   'data reduction' .  ? 3 
Agrovata 'data scaling'   .  ? 4 
# 
_cell.entry_id           1A70 
_cell.length_a           31.000 
_cell.length_b           39.180 
_cell.length_c           83.520 
_cell.angle_alpha        90.00 
_cell.angle_beta         90.00 
_cell.angle_gamma        90.00 
_cell.Z_PDB              4 
_cell.pdbx_unique_axis   ? 
# 
_symmetry.entry_id                         1A70 
_symmetry.space_group_name_H-M             'P 21 21 21' 
_symmetry.pdbx_full_space_group_name_H-M   ? 
_symmetry.cell_setting                     ? 
_symmetry.Int_Tables_number                19 
# 
_exptl.entry_id          1A70 
_exptl.method            'X-RAY DIFFRACTION' 
_exptl.crystals_number   1 
# 
_exptl_crystal.id                    1 
_exptl_crystal.density_meas          ? 
_exptl_crystal.density_Matthews      1.5 
_exptl_crystal.density_percent_sol   50 
_exptl_crystal.description           ? 
# 
_exptl_crystal_grow.crystal_id      1 
_exptl_crystal_grow.method          ? 
_exptl_crystal_grow.temp            ? 
_exptl_crystal_grow.temp_details    ? 
_exptl_crystal_grow.pH              7.5 
_exptl_crystal_grow.pdbx_pH_range   ? 
_exptl_crystal_grow.pdbx_details    'PROTEIN WAS CRYSTALLIZED FROM 2.6M AMMONIUM SULPHATE IN 50MM PHOSPHATE BUFFER, PH 7.5' 
# 
_diffrn.id                     1 
_diffrn.ambient_temp           293 
_diffrn.ambient_temp_details   ? 
_diffrn.crystal_id             1 
# 
_diffrn_detector.diffrn_id              1 
_diffrn_detector.detector               'IMAGE PLATE' 
_diffrn_detector.type                   MARRESEARCH 
_diffrn_detector.pdbx_collection_date   1996-06 
_diffrn_detector.details                MIRRORS 
# 
_diffrn_radiation.diffrn_id                        1 
_diffrn_radiation.wavelength_id                    1 
_diffrn_radiation.pdbx_monochromatic_or_laue_m_l   M 
_diffrn_radiation.monochromator                    'GRAPHITE(002)' 
_diffrn_radiation.pdbx_diffrn_protocol             ? 
_diffrn_radiation.pdbx_scattering_type             x-ray 
# 
_diffrn_radiation_wavelength.id           1 
_diffrn_radiation_wavelength.wavelength   1.5418 
_diffrn_radiation_wavelength.wt           1.0 
# 
_diffrn_source.diffrn_id                   1 
_diffrn_source.source                      'ROTATING ANODE' 
_diffrn_source.type                        'RIGAKU RUH2R' 
_diffrn_source.pdbx_synchrotron_site       ? 
_diffrn_source.pdbx_synchrotron_beamline   ? 
_diffrn_source.pdbx_wavelength             1.5418 
_diffrn_source.pdbx_wavelength_list        ? 
# 
_reflns.entry_id                     1A70 
_reflns.observed_criterion_sigma_I   2 
_reflns.observed_criterion_sigma_F   ? 
_reflns.d_resolution_low             ? 
_reflns.d_resolution_high            1.70 
_reflns.number_obs                   11755 
_reflns.number_all                   ? 
_reflns.percent_possible_obs         97.6 
_reflns.pdbx_Rmerge_I_obs            0.0780000 
_reflns.pdbx_Rsym_value              0.1120000 
_reflns.pdbx_netI_over_sigmaI        10 
_reflns.B_iso_Wilson_estimate        5.1 
_reflns.pdbx_redundancy              2.5 
_reflns.pdbx_diffrn_id               1 
_reflns.pdbx_ordinal                 1 
# 
_reflns_shell.d_res_high             1.7 
_reflns_shell.d_res_low              1.8 
_reflns_shell.percent_possible_all   68 
_reflns_shell.Rmerge_I_obs           0.2020000 
_reflns_shell.pdbx_Rsym_value        0.3050000 
_reflns_shell.meanI_over_sigI_obs    2 
_reflns_shell.pdbx_redundancy        2.5 
_reflns_shell.pdbx_diffrn_id         ? 
_reflns_shell.pdbx_ordinal           1 
# 
_refine.entry_id                                 1A70 
_refine.ls_number_reflns_obs                     11755 
_refine.ls_number_reflns_all                     11755 
_refine.pdbx_ls_sigma_I                          ? 
_refine.pdbx_ls_sigma_F                          0.0 
_refine.pdbx_data_cutoff_high_absF               ? 
_refine.pdbx_data_cutoff_low_absF                ? 
_refine.pdbx_data_cutoff_high_rms_absF           ? 
_refine.ls_d_res_low                             100.0 
_refine.ls_d_res_high                            1.7 
_refine.ls_percent_reflns_obs                    97.6 
_refine.ls_R_factor_obs                          0.1900000 
_refine.ls_R_factor_all                          0.2010000 
_refine.ls_R_factor_R_work                       0.1820000 
_refine.ls_R_factor_R_free                       0.2000000 
_refine.ls_R_factor_R_free_error                 ? 
_refine.ls_R_factor_R_free_error_details         ? 
_refine.ls_percent_reflns_R_free                 10.0 
_refine.ls_number_reflns_R_free                  1090 
_refine.ls_number_parameters                     ? 
_refine.ls_number_restraints                     ? 
_refine.occupancy_min                            ? 
_refine.occupancy_max                            ? 
_refine.B_iso_mean                               ? 
_refine.aniso_B[1][1]                            ? 
_refine.aniso_B[2][2]                            ? 
_refine.aniso_B[3][3]                            ? 
_refine.aniso_B[1][2]                            ? 
_refine.aniso_B[1][3]                            ? 
_refine.aniso_B[2][3]                            ? 
_refine.solvent_model_details                    'BABINET SCALING' 
_refine.solvent_model_param_ksol                 0.80 
_refine.solvent_model_param_bsol                 150 
_refine.pdbx_ls_cross_valid_method               'A POSTERIORI' 
_refine.details                                  ? 
_refine.pdbx_starting_model                      'PDB ENTRY 1FRR' 
_refine.pdbx_method_to_determine_struct          'MOLECULAR REPLACEMENT' 
_refine.pdbx_isotropic_thermal_model             'TNT BCORREL V1.0' 
_refine.pdbx_stereochemistry_target_values       'TNT PROTGEO' 
_refine.pdbx_stereochem_target_val_spec_case     ? 
_refine.pdbx_R_Free_selection_details            'EVERY 10TH REFLECTION' 
_refine.pdbx_overall_ESU_R                       ? 
_refine.pdbx_overall_ESU_R_Free                  ? 
_refine.overall_SU_ML                            ? 
_refine.overall_SU_B                             ? 
_refine.pdbx_refine_id                           'X-RAY DIFFRACTION' 
_refine.pdbx_diffrn_id                           1 
_refine.pdbx_TLS_residual_ADP_flag               ? 
_refine.correlation_coeff_Fo_to_Fc               ? 
_refine.correlation_coeff_Fo_to_Fc_free          ? 
_refine.pdbx_solvent_vdw_probe_radii             ? 
_refine.pdbx_solvent_ion_probe_radii             ? 
_refine.pdbx_solvent_shrinkage_radii             ? 
_refine.pdbx_overall_phase_error                 ? 
_refine.overall_SU_R_Cruickshank_DPI             ? 
_refine.pdbx_overall_SU_R_free_Cruickshank_DPI   ? 
_refine.pdbx_overall_SU_R_Blow_DPI               ? 
_refine.pdbx_overall_SU_R_free_Blow_DPI          ? 
# 
_refine_hist.pdbx_refine_id                   'X-RAY DIFFRACTION' 
_refine_hist.cycle_id                         LAST 
_refine_hist.pdbx_number_atoms_protein        732 
_refine_hist.pdbx_number_atoms_nucleic_acid   0 
_refine_hist.pdbx_number_atoms_ligand         4 
_refine_hist.number_atoms_solvent             81 
_refine_hist.number_atoms_total               817 
_refine_hist.d_res_high                       1.7 
_refine_hist.d_res_low                        100.0 
# 
loop_
_refine_ls_restr.type 
_refine_ls_restr.dev_ideal 
_refine_ls_restr.dev_ideal_target 
_refine_ls_restr.weight 
_refine_ls_restr.number 
_refine_ls_restr.pdbx_refine_id 
_refine_ls_restr.pdbx_restraint_function 
t_bond_d           0.019 ? 70   620 'X-RAY DIFFRACTION' ? 
t_angle_deg        2.994 ? 90   855 'X-RAY DIFFRACTION' ? 
t_dihedral_angle_d 18.50 ? 0.00 300 'X-RAY DIFFRACTION' ? 
t_incorr_chiral_ct 1     ? ?    ?   'X-RAY DIFFRACTION' ? 
t_pseud_angle      ?     ? ?    ?   'X-RAY DIFFRACTION' ? 
t_trig_c_planes    0.021 ? 70   13  'X-RAY DIFFRACTION' ? 
t_gen_planes       0.021 ? 240  94  'X-RAY DIFFRACTION' ? 
t_it               4.3   ? 2.1  620 'X-RAY DIFFRACTION' ? 
t_nbd              0.039 ? 125  9   'X-RAY DIFFRACTION' ? 
# 
_pdbx_refine.entry_id                                    1A70 
_pdbx_refine.R_factor_all_no_cutoff                      0.2010000 
_pdbx_refine.R_factor_obs_no_cutoff                      0.1960000 
_pdbx_refine.free_R_factor_no_cutoff                     0.2590000 
_pdbx_refine.free_R_val_test_set_size_perc_no_cutoff     10 
_pdbx_refine.free_R_val_test_set_ct_no_cutoff            1176 
_pdbx_refine.R_factor_all_4sig_cutoff                    ? 
_pdbx_refine.R_factor_obs_4sig_cutoff                    ? 
_pdbx_refine.free_R_factor_4sig_cutoff                   ? 
_pdbx_refine.free_R_val_test_set_size_perc_4sig_cutoff   ? 
_pdbx_refine.free_R_val_test_set_ct_4sig_cutoff          ? 
_pdbx_refine.number_reflns_obs_4sig_cutoff               ? 
_pdbx_refine.pdbx_refine_id                              'X-RAY DIFFRACTION' 
_pdbx_refine.free_R_error_no_cutoff                      ? 
# 
_struct.entry_id                  1A70 
_struct.title                     'SPINACH FERREDOXIN' 
_struct.pdbx_model_details        ? 
_struct.pdbx_CASP_flag            ? 
_struct.pdbx_model_type_details   ? 
# 
_struct_keywords.entry_id        1A70 
_struct_keywords.pdbx_keywords   'IRON-SULFUR PROTEIN' 
_struct_keywords.text            'IRON-SULFUR PROTEIN, PHOTOSYNTHESIS, ELECTRON TRANSPORT' 
# 
loop_
_struct_asym.id 
_struct_asym.pdbx_blank_PDB_chainid_flag 
_struct_asym.pdbx_modified 
_struct_asym.entity_id 
_struct_asym.details 
A N N 1 ? 
B N N 2 ? 
C N N 3 ? 
# 
_struct_ref.id                         1 
_struct_ref.db_name                    UNP 
_struct_ref.db_code                    FER1_SPIOL 
_struct_ref.entity_id                  1 
_struct_ref.pdbx_db_accession          P00221 
_struct_ref.pdbx_align_begin           1 
_struct_ref.pdbx_seq_one_letter_code   
;MAATTTTMMGMATTFVPKPQAPPMMAALPSNTGRSLFGLKTGSRGGRMTMAAYKVTLVTPTGNVEFQCPDDVYILDAAEE
EGIDLPYSCRAGSCSSCAGKLKTGSLNQDDQSFLDDDQIDEGWVLTCAAYPVSDVTIETHKEEELTA
;
_struct_ref.pdbx_db_isoform            ? 
# 
_struct_ref_seq.align_id                      1 
_struct_ref_seq.ref_id                        1 
_struct_ref_seq.pdbx_PDB_id_code              1A70 
_struct_ref_seq.pdbx_strand_id                A 
_struct_ref_seq.seq_align_beg                 1 
_struct_ref_seq.pdbx_seq_align_beg_ins_code   ? 
_struct_ref_seq.seq_align_end                 97 
_struct_ref_seq.pdbx_seq_align_end_ins_code   ? 
_struct_ref_seq.pdbx_db_accession             P00221 
_struct_ref_seq.db_align_beg                  51 
_struct_ref_seq.pdbx_db_align_beg_ins_code    ? 
_struct_ref_seq.db_align_end                  147 
_struct_ref_seq.pdbx_db_align_end_ins_code    ? 
_struct_ref_seq.pdbx_auth_seq_align_beg       1 
_struct_ref_seq.pdbx_auth_seq_align_end       97 
# 
_struct_ref_seq_dif.align_id                     1 
_struct_ref_seq_dif.pdbx_pdb_id_code             1A70 
_struct_ref_seq_dif.mon_id                       LYS 
_struct_ref_seq_dif.pdbx_pdb_strand_id           A 
_struct_ref_seq_dif.seq_num                      92 
_struct_ref_seq_dif.pdbx_pdb_ins_code            ? 
_struct_ref_seq_dif.pdbx_seq_db_name             UNP 
_struct_ref_seq_dif.pdbx_seq_db_accession_code   P00221 
_struct_ref_seq_dif.db_mon_id                    GLU 
_struct_ref_seq_dif.pdbx_seq_db_seq_num          142 
_struct_ref_seq_dif.details                      'engineered mutation' 
_struct_ref_seq_dif.pdbx_auth_seq_num            92 
_struct_ref_seq_dif.pdbx_ordinal                 1 
# 
_pdbx_struct_assembly.id                   1 
_pdbx_struct_assembly.details              author_defined_assembly 
_pdbx_struct_assembly.method_details       ? 
_pdbx_struct_assembly.oligomeric_details   monomeric 
_pdbx_struct_assembly.oligomeric_count     1 
# 
_pdbx_struct_assembly_gen.assembly_id       1 
_pdbx_struct_assembly_gen.oper_expression   1 
_pdbx_struct_assembly_gen.asym_id_list      A,B,C 
# 
_pdbx_struct_oper_list.id                   1 
_pdbx_struct_oper_list.type                 'identity operation' 
_pdbx_struct_oper_list.name                 1_555 
_pdbx_struct_oper_list.symmetry_operation   x,y,z 
_pdbx_struct_oper_list.matrix[1][1]         1.0000000000 
_pdbx_struct_oper_list.matrix[1][2]         0.0000000000 
_pdbx_struct_oper_list.matrix[1][3]         0.0000000000 
_pdbx_struct_oper_list.vector[1]            0.0000000000 
_pdbx_struct_oper_list.matrix[2][1]         0.0000000000 
_pdbx_struct_oper_list.matrix[2][2]         1.0000000000 
_pdbx_struct_oper_list.matrix[2][3]         0.0000000000 
_pdbx_struct_oper_list.vector[2]            0.0000000000 
_pdbx_struct_oper_list.matrix[3][1]         0.0000000000 
_pdbx_struct_oper_list.matrix[3][2]         0.0000000000 
_pdbx_struct_oper_list.matrix[3][3]         1.0000000000 
_pdbx_struct_oper_list.vector[3]            0.0000000000 
# 
_struct_biol.id   1 
# 
loop_
_struct_conf.conf_type_id 
_struct_conf.id 
_struct_conf.pdbx_PDB_helix_id 
_struct_conf.beg_label_comp_id 
_struct_conf.beg_label_asym_id 
_struct_conf.beg_label_seq_id 
_struct_conf.pdbx_beg_PDB_ins_code 
_struct_conf.end_label_comp_id 
_struct_conf.end_label_asym_id 
_struct_conf.end_label_seq_id 
_struct_conf.pdbx_end_PDB_ins_code 
_struct_conf.beg_auth_comp_id 
_struct_conf.beg_auth_asym_id 
_struct_conf.beg_auth_seq_id 
_struct_conf.end_auth_comp_id 
_struct_conf.end_auth_asym_id 
_struct_conf.end_auth_seq_id 
_struct_conf.pdbx_PDB_helix_class 
_struct_conf.details 
_struct_conf.pdbx_PDB_helix_length 
HELX_P HELX_P1 1 ILE A 24 ? GLU A 30 ? ILE A 24 GLU A 30 1 ? 7 
HELX_P HELX_P2 2 ASP A 66 ? GLU A 71 ? ASP A 66 GLU A 71 1 ? 6 
HELX_P HELX_P3 3 THR A 76 ? ALA A 78 ? THR A 76 ALA A 78 5 ? 3 
HELX_P HELX_P4 4 LYS A 92 ? GLU A 94 ? LYS A 92 GLU A 94 5 ? 3 
# 
_struct_conf_type.id          HELX_P 
_struct_conf_type.criteria    ? 
_struct_conf_type.reference   ? 
# 
loop_
_struct_conn.id 
_struct_conn.conn_type_id 
_struct_conn.pdbx_leaving_atom_flag 
_struct_conn.pdbx_PDB_id 
_struct_conn.ptnr1_label_asym_id 
_struct_conn.ptnr1_label_comp_id 
_struct_conn.ptnr1_label_seq_id 
_struct_conn.ptnr1_label_atom_id 
_struct_conn.pdbx_ptnr1_label_alt_id 
_struct_conn.pdbx_ptnr1_PDB_ins_code 
_struct_conn.pdbx_ptnr1_standard_comp_id 
_struct_conn.ptnr1_symmetry 
_struct_conn.ptnr2_label_asym_id 
_struct_conn.ptnr2_label_comp_id 
_struct_conn.ptnr2_label_seq_id 
_struct_conn.ptnr2_label_atom_id 
_struct_conn.pdbx_ptnr2_label_alt_id 
_struct_conn.pdbx_ptnr2_PDB_ins_code 
_struct_conn.ptnr1_auth_asym_id 
_struct_conn.ptnr1_auth_comp_id 
_struct_conn.ptnr1_auth_seq_id 
_struct_conn.ptnr2_auth_asym_id 
_struct_conn.ptnr2_auth_comp_id 
_struct_conn.ptnr2_auth_seq_id 
_struct_conn.ptnr2_symmetry 
_struct_conn.pdbx_ptnr3_label_atom_id 
_struct_conn.pdbx_ptnr3_label_seq_id 
_struct_conn.pdbx_ptnr3_label_comp_id 
_struct_conn.pdbx_ptnr3_label_asym_id 
_struct_conn.pdbx_ptnr3_label_alt_id 
_struct_conn.pdbx_ptnr3_PDB_ins_code 
_struct_conn.details 
_struct_conn.pdbx_dist_value 
_struct_conn.pdbx_value_order 
_struct_conn.pdbx_role 
metalc1 metalc ? ? A CYS 39 SG ? ? ? 1_555 B FES . FE1 ? ? A CYS 39 A FES 1602 1_555 ? ? ? ? ? ? ? 2.318 ? ? 
metalc2 metalc ? ? A CYS 44 SG ? ? ? 1_555 B FES . FE1 ? ? A CYS 44 A FES 1602 1_555 ? ? ? ? ? ? ? 2.277 ? ? 
metalc3 metalc ? ? A CYS 47 SG ? ? ? 1_555 B FES . FE2 ? ? A CYS 47 A FES 1602 1_555 ? ? ? ? ? ? ? 2.361 ? ? 
metalc4 metalc ? ? A CYS 77 SG ? ? ? 1_555 B FES . FE2 ? ? A CYS 77 A FES 1602 1_555 ? ? ? ? ? ? ? 2.269 ? ? 
# 
_struct_conn_type.id          metalc 
_struct_conn_type.criteria    ? 
_struct_conn_type.reference   ? 
# 
loop_
_pdbx_struct_conn_angle.id 
_pdbx_struct_conn_angle.ptnr1_label_atom_id 
_pdbx_struct_conn_angle.ptnr1_label_alt_id 
_pdbx_struct_conn_angle.ptnr1_label_asym_id 
_pdbx_struct_conn_angle.ptnr1_label_comp_id 
_pdbx_struct_conn_angle.ptnr1_label_seq_id 
_pdbx_struct_conn_angle.ptnr1_auth_atom_id 
_pdbx_struct_conn_angle.ptnr1_auth_asym_id 
_pdbx_struct_conn_angle.ptnr1_auth_comp_id 
_pdbx_struct_conn_angle.ptnr1_auth_seq_id 
_pdbx_struct_conn_angle.ptnr1_PDB_ins_code 
_pdbx_struct_conn_angle.ptnr1_symmetry 
_pdbx_struct_conn_angle.ptnr2_label_atom_id 
_pdbx_struct_conn_angle.ptnr2_label_alt_id 
_pdbx_struct_conn_angle.ptnr2_label_asym_id 
_pdbx_struct_conn_angle.ptnr2_label_comp_id 
_pdbx_struct_conn_angle.ptnr2_label_seq_id 
_pdbx_struct_conn_angle.ptnr2_auth_atom_id 
_pdbx_struct_conn_angle.ptnr2_auth_asym_id 
_pdbx_struct_conn_angle.ptnr2_auth_comp_id 
_pdbx_struct_conn_angle.ptnr2_auth_seq_id 
_pdbx_struct_conn_angle.ptnr2_PDB_ins_code 
_pdbx_struct_conn_angle.ptnr2_symmetry 
_pdbx_struct_conn_angle.ptnr3_label_atom_id 
_pdbx_struct_conn_angle.ptnr3_label_alt_id 
_pdbx_struct_conn_angle.ptnr3_label_asym_id 
_pdbx_struct_conn_angle.ptnr3_label_comp_id 
_pdbx_struct_conn_angle.ptnr3_label_seq_id 
_pdbx_struct_conn_angle.ptnr3_auth_atom_id 
_pdbx_struct_conn_angle.ptnr3_auth_asym_id 
_pdbx_struct_conn_angle.ptnr3_auth_comp_id 
_pdbx_struct_conn_angle.ptnr3_auth_seq_id 
_pdbx_struct_conn_angle.ptnr3_PDB_ins_code 
_pdbx_struct_conn_angle.ptnr3_symmetry 
_pdbx_struct_conn_angle.value 
_pdbx_struct_conn_angle.value_esd 
1  SG ? A CYS 39 ? A CYS 39   ? 1_555 FE1 ? B FES . ? A FES 1602 ? 1_555 S1 ? B FES .  ? A FES 1602 ? 1_555 116.8 ? 
2  SG ? A CYS 39 ? A CYS 39   ? 1_555 FE1 ? B FES . ? A FES 1602 ? 1_555 S2 ? B FES .  ? A FES 1602 ? 1_555 100.8 ? 
3  S1 ? B FES .  ? A FES 1602 ? 1_555 FE1 ? B FES . ? A FES 1602 ? 1_555 S2 ? B FES .  ? A FES 1602 ? 1_555 104.5 ? 
4  SG ? A CYS 39 ? A CYS 39   ? 1_555 FE1 ? B FES . ? A FES 1602 ? 1_555 SG ? A CYS 44 ? A CYS 44   ? 1_555 107.2 ? 
5  S1 ? B FES .  ? A FES 1602 ? 1_555 FE1 ? B FES . ? A FES 1602 ? 1_555 SG ? A CYS 44 ? A CYS 44   ? 1_555 108.3 ? 
6  S2 ? B FES .  ? A FES 1602 ? 1_555 FE1 ? B FES . ? A FES 1602 ? 1_555 SG ? A CYS 44 ? A CYS 44   ? 1_555 119.7 ? 
7  SG ? A CYS 47 ? A CYS 47   ? 1_555 FE2 ? B FES . ? A FES 1602 ? 1_555 S1 ? B FES .  ? A FES 1602 ? 1_555 113.0 ? 
8  SG ? A CYS 47 ? A CYS 47   ? 1_555 FE2 ? B FES . ? A FES 1602 ? 1_555 S2 ? B FES .  ? A FES 1602 ? 1_555 109.6 ? 
9  S1 ? B FES .  ? A FES 1602 ? 1_555 FE2 ? B FES . ? A FES 1602 ? 1_555 S2 ? B FES .  ? A FES 1602 ? 1_555 105.4 ? 
10 SG ? A CYS 47 ? A CYS 47   ? 1_555 FE2 ? B FES . ? A FES 1602 ? 1_555 SG ? A CYS 77 ? A CYS 77   ? 1_555 107.1 ? 
11 S1 ? B FES .  ? A FES 1602 ? 1_555 FE2 ? B FES . ? A FES 1602 ? 1_555 SG ? A CYS 77 ? A CYS 77   ? 1_555 122.0 ? 
12 S2 ? B FES .  ? A FES 1602 ? 1_555 FE2 ? B FES . ? A FES 1602 ? 1_555 SG ? A CYS 77 ? A CYS 77   ? 1_555 98.4  ? 
# 
_struct_sheet.id               A 
_struct_sheet.type             ? 
_struct_sheet.number_strands   5 
_struct_sheet.details          ? 
# 
loop_
_struct_sheet_order.sheet_id 
_struct_sheet_order.range_id_1 
_struct_sheet_order.range_id_2 
_struct_sheet_order.offset 
_struct_sheet_order.sense 
A 1 2 ? anti-parallel 
A 2 3 ? parallel      
A 3 4 ? anti-parallel 
A 4 5 ? anti-parallel 
# 
loop_
_struct_sheet_range.sheet_id 
_struct_sheet_range.id 
_struct_sheet_range.beg_label_comp_id 
_struct_sheet_range.beg_label_asym_id 
_struct_sheet_range.beg_label_seq_id 
_struct_sheet_range.pdbx_beg_PDB_ins_code 
_struct_sheet_range.end_label_comp_id 
_struct_sheet_range.end_label_asym_id 
_struct_sheet_range.end_label_seq_id 
_struct_sheet_range.pdbx_end_PDB_ins_code 
_struct_sheet_range.beg_auth_comp_id 
_struct_sheet_range.beg_auth_asym_id 
_struct_sheet_range.beg_auth_seq_id 
_struct_sheet_range.end_auth_comp_id 
_struct_sheet_range.end_auth_asym_id 
_struct_sheet_range.end_auth_seq_id 
A 1 GLY A 12 ? PRO A 19 ? GLY A 12 PRO A 19 
A 2 ALA A 2  ? THR A 9  ? ALA A 2  THR A 9  
A 3 VAL A 85 ? GLU A 88 ? VAL A 85 GLU A 88 
A 4 ALA A 48 ? THR A 53 ? ALA A 48 THR A 53 
A 5 TRP A 73 ? LEU A 75 ? TRP A 73 LEU A 75 
# 
loop_
_pdbx_struct_sheet_hbond.sheet_id 
_pdbx_struct_sheet_hbond.range_id_1 
_pdbx_struct_sheet_hbond.range_id_2 
_pdbx_struct_sheet_hbond.range_1_label_atom_id 
_pdbx_struct_sheet_hbond.range_1_label_comp_id 
_pdbx_struct_sheet_hbond.range_1_label_asym_id 
_pdbx_struct_sheet_hbond.range_1_label_seq_id 
_pdbx_struct_sheet_hbond.range_1_PDB_ins_code 
_pdbx_struct_sheet_hbond.range_1_auth_atom_id 
_pdbx_struct_sheet_hbond.range_1_auth_comp_id 
_pdbx_struct_sheet_hbond.range_1_auth_asym_id 
_pdbx_struct_sheet_hbond.range_1_auth_seq_id 
_pdbx_struct_sheet_hbond.range_2_label_atom_id 
_pdbx_struct_sheet_hbond.range_2_label_comp_id 
_pdbx_struct_sheet_hbond.range_2_label_asym_id 
_pdbx_struct_sheet_hbond.range_2_label_seq_id 
_pdbx_struct_sheet_hbond.range_2_PDB_ins_code 
_pdbx_struct_sheet_hbond.range_2_auth_atom_id 
_pdbx_struct_sheet_hbond.range_2_auth_comp_id 
_pdbx_struct_sheet_hbond.range_2_auth_asym_id 
_pdbx_struct_sheet_hbond.range_2_auth_seq_id 
A 1 2 O GLY A 12 ? O GLY A 12 N THR A 9  ? N THR A 9  
A 2 3 O THR A 6  ? O THR A 6  N VAL A 85 ? N VAL A 85 
A 3 4 O THR A 86 ? O THR A 86 N THR A 53 ? N THR A 53 
A 4 5 O GLY A 49 ? O GLY A 49 N VAL A 74 ? N VAL A 74 
# 
_struct_site.id                   AC1 
_struct_site.pdbx_evidence_code   Software 
_struct_site.pdbx_auth_asym_id    A 
_struct_site.pdbx_auth_comp_id    FES 
_struct_site.pdbx_auth_seq_id     1602 
_struct_site.pdbx_auth_ins_code   ? 
_struct_site.pdbx_num_residues    8 
_struct_site.details              'BINDING SITE FOR RESIDUE FES A 1602' 
# 
loop_
_struct_site_gen.id 
_struct_site_gen.site_id 
_struct_site_gen.pdbx_num_res 
_struct_site_gen.label_comp_id 
_struct_site_gen.label_asym_id 
_struct_site_gen.label_seq_id 
_struct_site_gen.pdbx_auth_ins_code 
_struct_site_gen.auth_comp_id 
_struct_site_gen.auth_asym_id 
_struct_site_gen.auth_seq_id 
_struct_site_gen.label_atom_id 
_struct_site_gen.label_alt_id 
_struct_site_gen.symmetry 
_struct_site_gen.details 
1 AC1 8 SER A 38 ? SER A 38 . ? 1_555 ? 
2 AC1 8 CYS A 39 ? CYS A 39 . ? 1_555 ? 
3 AC1 8 ARG A 40 ? ARG A 40 . ? 1_555 ? 
4 AC1 8 GLY A 42 ? GLY A 42 . ? 1_555 ? 
5 AC1 8 SER A 43 ? SER A 43 . ? 1_555 ? 
6 AC1 8 CYS A 44 ? CYS A 44 . ? 1_555 ? 
7 AC1 8 CYS A 47 ? CYS A 47 . ? 1_555 ? 
8 AC1 8 CYS A 77 ? CYS A 77 . ? 1_555 ? 
# 
loop_
_pdbx_validate_rmsd_angle.id 
_pdbx_validate_rmsd_angle.PDB_model_num 
_pdbx_validate_rmsd_angle.auth_atom_id_1 
_pdbx_validate_rmsd_angle.auth_asym_id_1 
_pdbx_validate_rmsd_angle.auth_comp_id_1 
_pdbx_validate_rmsd_angle.auth_seq_id_1 
_pdbx_validate_rmsd_angle.PDB_ins_code_1 
_pdbx_validate_rmsd_angle.label_alt_id_1 
_pdbx_validate_rmsd_angle.auth_atom_id_2 
_pdbx_validate_rmsd_angle.auth_asym_id_2 
_pdbx_validate_rmsd_angle.auth_comp_id_2 
_pdbx_validate_rmsd_angle.auth_seq_id_2 
_pdbx_validate_rmsd_angle.PDB_ins_code_2 
_pdbx_validate_rmsd_angle.label_alt_id_2 
_pdbx_validate_rmsd_angle.auth_atom_id_3 
_pdbx_validate_rmsd_angle.auth_asym_id_3 
_pdbx_validate_rmsd_angle.auth_comp_id_3 
_pdbx_validate_rmsd_angle.auth_seq_id_3 
_pdbx_validate_rmsd_angle.PDB_ins_code_3 
_pdbx_validate_rmsd_angle.label_alt_id_3 
_pdbx_validate_rmsd_angle.angle_value 
_pdbx_validate_rmsd_angle.angle_target_value 
_pdbx_validate_rmsd_angle.angle_deviation 
_pdbx_validate_rmsd_angle.angle_standard_deviation 
_pdbx_validate_rmsd_angle.linker_flag 
1 1 CB A ASP 20 ? ? CG A ASP 20 ? ? OD2 A ASP 20 ? ? 111.49 118.30 -6.81  0.90 N 
2 1 CB A ASP 34 ? ? CG A ASP 34 ? ? OD1 A ASP 34 ? ? 124.39 118.30 6.09   0.90 N 
3 1 CB A ASP 34 ? ? CG A ASP 34 ? ? OD2 A ASP 34 ? ? 112.40 118.30 -5.90  0.90 N 
4 1 NE A ARG 40 ? ? CZ A ARG 40 ? ? NH2 A ARG 40 ? ? 115.57 120.30 -4.73  0.50 N 
5 1 CB A ASP 59 ? ? CG A ASP 59 ? ? OD2 A ASP 59 ? ? 112.67 118.30 -5.63  0.90 N 
6 1 CB A ASP 65 ? ? CG A ASP 65 ? ? OD1 A ASP 65 ? ? 123.98 118.30 5.68   0.90 N 
7 1 CB A ASP 84 ? ? CG A ASP 84 ? ? OD1 A ASP 84 ? ? 130.52 118.30 12.22  0.90 N 
8 1 CB A ASP 84 ? ? CG A ASP 84 ? ? OD2 A ASP 84 ? ? 103.70 118.30 -14.60 0.90 N 
# 
_pdbx_validate_torsion.id              1 
_pdbx_validate_torsion.PDB_model_num   1 
_pdbx_validate_torsion.auth_comp_id    SER 
_pdbx_validate_torsion.auth_asym_id    A 
_pdbx_validate_torsion.auth_seq_id     38 
_pdbx_validate_torsion.PDB_ins_code    ? 
_pdbx_validate_torsion.label_alt_id    ? 
_pdbx_validate_torsion.phi             -141.70 
_pdbx_validate_torsion.psi             -77.42 
# 
_pdbx_validate_chiral.id              1 
_pdbx_validate_chiral.PDB_model_num   1 
_pdbx_validate_chiral.auth_atom_id    CA 
_pdbx_validate_chiral.label_alt_id    ? 
_pdbx_validate_chiral.auth_asym_id    A 
_pdbx_validate_chiral.auth_comp_id    ALA 
_pdbx_validate_chiral.auth_seq_id     1 
_pdbx_validate_chiral.PDB_ins_code    ? 
_pdbx_validate_chiral.details         'WRONG HAND' 
_pdbx_validate_chiral.omega           . 
# 
loop_
_chem_comp_atom.comp_id 
_chem_comp_atom.atom_id 
_chem_comp_atom.type_symbol 
_chem_comp_atom.pdbx_aromatic_flag 
_chem_comp_atom.pdbx_stereo_config 
_chem_comp_atom.pdbx_ordinal 
ALA N    N  N N 1   
ALA CA   C  N S 2   
ALA C    C  N N 3   
ALA O    O  N N 4   
ALA CB   C  N N 5   
ALA OXT  O  N N 6   
ALA H    H  N N 7   
ALA H2   H  N N 8   
ALA HA   H  N N 9   
ALA HB1  H  N N 10  
ALA HB2  H  N N 11  
ALA HB3  H  N N 12  
ALA HXT  H  N N 13  
ARG N    N  N N 14  
ARG CA   C  N S 15  
ARG C    C  N N 16  
ARG O    O  N N 17  
ARG CB   C  N N 18  
ARG CG   C  N N 19  
ARG CD   C  N N 20  
ARG NE   N  N N 21  
ARG CZ   C  N N 22  
ARG NH1  N  N N 23  
ARG NH2  N  N N 24  
ARG OXT  O  N N 25  
ARG H    H  N N 26  
ARG H2   H  N N 27  
ARG HA   H  N N 28  
ARG HB2  H  N N 29  
ARG HB3  H  N N 30  
ARG HG2  H  N N 31  
ARG HG3  H  N N 32  
ARG HD2  H  N N 33  
ARG HD3  H  N N 34  
ARG HE   H  N N 35  
ARG HH11 H  N N 36  
ARG HH12 H  N N 37  
ARG HH21 H  N N 38  
ARG HH22 H  N N 39  
ARG HXT  H  N N 40  
ASN N    N  N N 41  
ASN CA   C  N S 42  
ASN C    C  N N 43  
ASN O    O  N N 44  
ASN CB   C  N N 45  
ASN CG   C  N N 46  
ASN OD1  O  N N 47  
ASN ND2  N  N N 48  
ASN OXT  O  N N 49  
ASN H    H  N N 50  
ASN H2   H  N N 51  
ASN HA   H  N N 52  
ASN HB2  H  N N 53  
ASN HB3  H  N N 54  
ASN HD21 H  N N 55  
ASN HD22 H  N N 56  
ASN HXT  H  N N 57  
ASP N    N  N N 58  
ASP CA   C  N S 59  
ASP C    C  N N 60  
ASP O    O  N N 61  
ASP CB   C  N N 62  
ASP CG   C  N N 63  
ASP OD1  O  N N 64  
ASP OD2  O  N N 65  
ASP OXT  O  N N 66  
ASP H    H  N N 67  
ASP H2   H  N N 68  
ASP HA   H  N N 69  
ASP HB2  H  N N 70  
ASP HB3  H  N N 71  
ASP HD2  H  N N 72  
ASP HXT  H  N N 73  
CYS N    N  N N 74  
CYS CA   C  N R 75  
CYS C    C  N N 76  
CYS O    O  N N 77  
CYS CB   C  N N 78  
CYS SG   S  N N 79  
CYS OXT  O  N N 80  
CYS H    H  N N 81  
CYS H2   H  N N 82  
CYS HA   H  N N 83  
CYS HB2  H  N N 84  
CYS HB3  H  N N 85  
CYS HG   H  N N 86  
CYS HXT  H  N N 87  
FES FE1  FE N N 88  
FES FE2  FE N N 89  
FES S1   S  N N 90  
FES S2   S  N N 91  
GLN N    N  N N 92  
GLN CA   C  N S 93  
GLN C    C  N N 94  
GLN O    O  N N 95  
GLN CB   C  N N 96  
GLN CG   C  N N 97  
GLN CD   C  N N 98  
GLN OE1  O  N N 99  
GLN NE2  N  N N 100 
GLN OXT  O  N N 101 
GLN H    H  N N 102 
GLN H2   H  N N 103 
GLN HA   H  N N 104 
GLN HB2  H  N N 105 
GLN HB3  H  N N 106 
GLN HG2  H  N N 107 
GLN HG3  H  N N 108 
GLN HE21 H  N N 109 
GLN HE22 H  N N 110 
GLN HXT  H  N N 111 
GLU N    N  N N 112 
GLU CA   C  N S 113 
GLU C    C  N N 114 
GLU O    O  N N 115 
GLU CB   C  N N 116 
GLU CG   C  N N 117 
GLU CD   C  N N 118 
GLU OE1  O  N N 119 
GLU OE2  O  N N 120 
GLU OXT  O  N N 121 
GLU H    H  N N 122 
GLU H2   H  N N 123 
GLU HA   H  N N 124 
GLU HB2  H  N N 125 
GLU HB3  H  N N 126 
GLU HG2  H  N N 127 
GLU HG3  H  N N 128 
GLU HE2  H  N N 129 
GLU HXT  H  N N 130 
GLY N    N  N N 131 
GLY CA   C  N N 132 
GLY C    C  N N 133 
GLY O    O  N N 134 
GLY OXT  O  N N 135 
GLY H    H  N N 136 
GLY H2   H  N N 137 
GLY HA2  H  N N 138 
GLY HA3  H  N N 139 
GLY HXT  H  N N 140 
HIS N    N  N N 141 
HIS CA   C  N S 142 
HIS C    C  N N 143 
HIS O    O  N N 144 
HIS CB   C  N N 145 
HIS CG   C  Y N 146 
HIS ND1  N  Y N 147 
HIS CD2  C  Y N 148 
HIS CE1  C  Y N 149 
HIS NE2  N  Y N 150 
HIS OXT  O  N N 151 
HIS H    H  N N 152 
HIS H2   H  N N 153 
HIS HA   H  N N 154 
HIS HB2  H  N N 155 
HIS HB3  H  N N 156 
HIS HD1  H  N N 157 
HIS HD2  H  N N 158 
HIS HE1  H  N N 159 
HIS HE2  H  N N 160 
HIS HXT  H  N N 161 
HOH O    O  N N 162 
HOH H1   H  N N 163 
HOH H2   H  N N 164 
ILE N    N  N N 165 
ILE CA   C  N S 166 
ILE C    C  N N 167 
ILE O    O  N N 168 
ILE CB   C  N S 169 
ILE CG1  C  N N 170 
ILE CG2  C  N N 171 
ILE CD1  C  N N 172 
ILE OXT  O  N N 173 
ILE H    H  N N 174 
ILE H2   H  N N 175 
ILE HA   H  N N 176 
ILE HB   H  N N 177 
ILE HG12 H  N N 178 
ILE HG13 H  N N 179 
ILE HG21 H  N N 180 
ILE HG22 H  N N 181 
ILE HG23 H  N N 182 
ILE HD11 H  N N 183 
ILE HD12 H  N N 184 
ILE HD13 H  N N 185 
ILE HXT  H  N N 186 
LEU N    N  N N 187 
LEU CA   C  N S 188 
LEU C    C  N N 189 
LEU O    O  N N 190 
LEU CB   C  N N 191 
LEU CG   C  N N 192 
LEU CD1  C  N N 193 
LEU CD2  C  N N 194 
LEU OXT  O  N N 195 
LEU H    H  N N 196 
LEU H2   H  N N 197 
LEU HA   H  N N 198 
LEU HB2  H  N N 199 
LEU HB3  H  N N 200 
LEU HG   H  N N 201 
LEU HD11 H  N N 202 
LEU HD12 H  N N 203 
LEU HD13 H  N N 204 
LEU HD21 H  N N 205 
LEU HD22 H  N N 206 
LEU HD23 H  N N 207 
LEU HXT  H  N N 208 
LYS N    N  N N 209 
LYS CA   C  N S 210 
LYS C    C  N N 211 
LYS O    O  N N 212 
LYS CB   C  N N 213 
LYS CG   C  N N 214 
LYS CD   C  N N 215 
LYS CE   C  N N 216 
LYS NZ   N  N N 217 
LYS OXT  O  N N 218 
LYS H    H  N N 219 
LYS H2   H  N N 220 
LYS HA   H  N N 221 
LYS HB2  H  N N 222 
LYS HB3  H  N N 223 
LYS HG2  H  N N 224 
LYS HG3  H  N N 225 
LYS HD2  H  N N 226 
LYS HD3  H  N N 227 
LYS HE2  H  N N 228 
LYS HE3  H  N N 229 
LYS HZ1  H  N N 230 
LYS HZ2  H  N N 231 
LYS HZ3  H  N N 232 
LYS HXT  H  N N 233 
PHE N    N  N N 234 
PHE CA   C  N S 235 
PHE C    C  N N 236 
PHE O    O  N N 237 
PHE CB   C  N N 238 
PHE CG   C  Y N 239 
PHE CD1  C  Y N 240 
PHE CD2  C  Y N 241 
PHE CE1  C  Y N 242 
PHE CE2  C  Y N 243 
PHE CZ   C  Y N 244 
PHE OXT  O  N N 245 
PHE H    H  N N 246 
PHE H2   H  N N 247 
PHE HA   H  N N 248 
PHE HB2  H  N N 249 
PHE HB3  H  N N 250 
PHE HD1  H  N N 251 
PHE HD2  H  N N 252 
PHE HE1  H  N N 253 
PHE HE2  H  N N 254 
PHE HZ   H  N N 255 
PHE HXT  H  N N 256 
PRO N    N  N N 257 
PRO CA   C  N S 258 
PRO C    C  N N 259 
PRO O    O  N N 260 
PRO CB   C  N N 261 
PRO CG   C  N N 262 
PRO CD   C  N N 263 
PRO OXT  O  N N 264 
PRO H    H  N N 265 
PRO HA   H  N N 266 
PRO HB2  H  N N 267 
PRO HB3  H  N N 268 
PRO HG2  H  N N 269 
PRO HG3  H  N N 270 
PRO HD2  H  N N 271 
PRO HD3  H  N N 272 
PRO HXT  H  N N 273 
SER N    N  N N 274 
SER CA   C  N S 275 
SER C    C  N N 276 
SER O    O  N N 277 
SER CB   C  N N 278 
SER OG   O  N N 279 
SER OXT  O  N N 280 
SER H    H  N N 281 
SER H2   H  N N 282 
SER HA   H  N N 283 
SER HB2  H  N N 284 
SER HB3  H  N N 285 
SER HG   H  N N 286 
SER HXT  H  N N 287 
THR N    N  N N 288 
THR CA   C  N S 289 
THR C    C  N N 290 
THR O    O  N N 291 
THR CB   C  N R 292 
THR OG1  O  N N 293 
THR CG2  C  N N 294 
THR OXT  O  N N 295 
THR H    H  N N 296 
THR H2   H  N N 297 
THR HA   H  N N 298 
THR HB   H  N N 299 
THR HG1  H  N N 300 
THR HG21 H  N N 301 
THR HG22 H  N N 302 
THR HG23 H  N N 303 
THR HXT  H  N N 304 
TRP N    N  N N 305 
TRP CA   C  N S 306 
TRP C    C  N N 307 
TRP O    O  N N 308 
TRP CB   C  N N 309 
TRP CG   C  Y N 310 
TRP CD1  C  Y N 311 
TRP CD2  C  Y N 312 
TRP NE1  N  Y N 313 
TRP CE2  C  Y N 314 
TRP CE3  C  Y N 315 
TRP CZ2  C  Y N 316 
TRP CZ3  C  Y N 317 
TRP CH2  C  Y N 318 
TRP OXT  O  N N 319 
TRP H    H  N N 320 
TRP H2   H  N N 321 
TRP HA   H  N N 322 
TRP HB2  H  N N 323 
TRP HB3  H  N N 324 
TRP HD1  H  N N 325 
TRP HE1  H  N N 326 
TRP HE3  H  N N 327 
TRP HZ2  H  N N 328 
TRP HZ3  H  N N 329 
TRP HH2  H  N N 330 
TRP HXT  H  N N 331 
TYR N    N  N N 332 
TYR CA   C  N S 333 
TYR C    C  N N 334 
TYR O    O  N N 335 
TYR CB   C  N N 336 
TYR CG   C  Y N 337 
TYR CD1  C  Y N 338 
TYR CD2  C  Y N 339 
TYR CE1  C  Y N 340 
TYR CE2  C  Y N 341 
TYR CZ   C  Y N 342 
TYR OH   O  N N 343 
TYR OXT  O  N N 344 
TYR H    H  N N 345 
TYR H2   H  N N 346 
TYR HA   H  N N 347 
TYR HB2  H  N N 348 
TYR HB3  H  N N 349 
TYR HD1  H  N N 350 
TYR HD2  H  N N 351 
TYR HE1  H  N N 352 
TYR HE2  H  N N 353 
TYR HH   H  N N 354 
TYR HXT  H  N N 355 
VAL N    N  N N 356 
VAL CA   C  N S 357 
VAL C    C  N N 358 
VAL O    O  N N 359 
VAL CB   C  N N 360 
VAL CG1  C  N N 361 
VAL CG2  C  N N 362 
VAL OXT  O  N N 363 
VAL H    H  N N 364 
VAL H2   H  N N 365 
VAL HA   H  N N 366 
VAL HB   H  N N 367 
VAL HG11 H  N N 368 
VAL HG12 H  N N 369 
VAL HG13 H  N N 370 
VAL HG21 H  N N 371 
VAL HG22 H  N N 372 
VAL HG23 H  N N 373 
VAL HXT  H  N N 374 
# 
loop_
_chem_comp_bond.comp_id 
_chem_comp_bond.atom_id_1 
_chem_comp_bond.atom_id_2 
_chem_comp_bond.value_order 
_chem_comp_bond.pdbx_aromatic_flag 
_chem_comp_bond.pdbx_stereo_config 
_chem_comp_bond.pdbx_ordinal 
ALA N   CA   sing N N 1   
ALA N   H    sing N N 2   
ALA N   H2   sing N N 3   
ALA CA  C    sing N N 4   
ALA CA  CB   sing N N 5   
ALA CA  HA   sing N N 6   
ALA C   O    doub N N 7   
ALA C   OXT  sing N N 8   
ALA CB  HB1  sing N N 9   
ALA CB  HB2  sing N N 10  
ALA CB  HB3  sing N N 11  
ALA OXT HXT  sing N N 12  
ARG N   CA   sing N N 13  
ARG N   H    sing N N 14  
ARG N   H2   sing N N 15  
ARG CA  C    sing N N 16  
ARG CA  CB   sing N N 17  
ARG CA  HA   sing N N 18  
ARG C   O    doub N N 19  
ARG C   OXT  sing N N 20  
ARG CB  CG   sing N N 21  
ARG CB  HB2  sing N N 22  
ARG CB  HB3  sing N N 23  
ARG CG  CD   sing N N 24  
ARG CG  HG2  sing N N 25  
ARG CG  HG3  sing N N 26  
ARG CD  NE   sing N N 27  
ARG CD  HD2  sing N N 28  
ARG CD  HD3  sing N N 29  
ARG NE  CZ   sing N N 30  
ARG NE  HE   sing N N 31  
ARG CZ  NH1  sing N N 32  
ARG CZ  NH2  doub N N 33  
ARG NH1 HH11 sing N N 34  
ARG NH1 HH12 sing N N 35  
ARG NH2 HH21 sing N N 36  
ARG NH2 HH22 sing N N 37  
ARG OXT HXT  sing N N 38  
ASN N   CA   sing N N 39  
ASN N   H    sing N N 40  
ASN N   H2   sing N N 41  
ASN CA  C    sing N N 42  
ASN CA  CB   sing N N 43  
ASN CA  HA   sing N N 44  
ASN C   O    doub N N 45  
ASN C   OXT  sing N N 46  
ASN CB  CG   sing N N 47  
ASN CB  HB2  sing N N 48  
ASN CB  HB3  sing N N 49  
ASN CG  OD1  doub N N 50  
ASN CG  ND2  sing N N 51  
ASN ND2 HD21 sing N N 52  
ASN ND2 HD22 sing N N 53  
ASN OXT HXT  sing N N 54  
ASP N   CA   sing N N 55  
ASP N   H    sing N N 56  
ASP N   H2   sing N N 57  
ASP CA  C    sing N N 58  
ASP CA  CB   sing N N 59  
ASP CA  HA   sing N N 60  
ASP C   O    doub N N 61  
ASP C   OXT  sing N N 62  
ASP CB  CG   sing N N 63  
ASP CB  HB2  sing N N 64  
ASP CB  HB3  sing N N 65  
ASP CG  OD1  doub N N 66  
ASP CG  OD2  sing N N 67  
ASP OD2 HD2  sing N N 68  
ASP OXT HXT  sing N N 69  
CYS N   CA   sing N N 70  
CYS N   H    sing N N 71  
CYS N   H2   sing N N 72  
CYS CA  C    sing N N 73  
CYS CA  CB   sing N N 74  
CYS CA  HA   sing N N 75  
CYS C   O    doub N N 76  
CYS C   OXT  sing N N 77  
CYS CB  SG   sing N N 78  
CYS CB  HB2  sing N N 79  
CYS CB  HB3  sing N N 80  
CYS SG  HG   sing N N 81  
CYS OXT HXT  sing N N 82  
FES FE1 S1   sing N N 83  
FES FE1 S2   sing N N 84  
FES FE2 S1   sing N N 85  
FES FE2 S2   sing N N 86  
GLN N   CA   sing N N 87  
GLN N   H    sing N N 88  
GLN N   H2   sing N N 89  
GLN CA  C    sing N N 90  
GLN CA  CB   sing N N 91  
GLN CA  HA   sing N N 92  
GLN C   O    doub N N 93  
GLN C   OXT  sing N N 94  
GLN CB  CG   sing N N 95  
GLN CB  HB2  sing N N 96  
GLN CB  HB3  sing N N 97  
GLN CG  CD   sing N N 98  
GLN CG  HG2  sing N N 99  
GLN CG  HG3  sing N N 100 
GLN CD  OE1  doub N N 101 
GLN CD  NE2  sing N N 102 
GLN NE2 HE21 sing N N 103 
GLN NE2 HE22 sing N N 104 
GLN OXT HXT  sing N N 105 
GLU N   CA   sing N N 106 
GLU N   H    sing N N 107 
GLU N   H2   sing N N 108 
GLU CA  C    sing N N 109 
GLU CA  CB   sing N N 110 
GLU CA  HA   sing N N 111 
GLU C   O    doub N N 112 
GLU C   OXT  sing N N 113 
GLU CB  CG   sing N N 114 
GLU CB  HB2  sing N N 115 
GLU CB  HB3  sing N N 116 
GLU CG  CD   sing N N 117 
GLU CG  HG2  sing N N 118 
GLU CG  HG3  sing N N 119 
GLU CD  OE1  doub N N 120 
GLU CD  OE2  sing N N 121 
GLU OE2 HE2  sing N N 122 
GLU OXT HXT  sing N N 123 
GLY N   CA   sing N N 124 
GLY N   H    sing N N 125 
GLY N   H2   sing N N 126 
GLY CA  C    sing N N 127 
GLY CA  HA2  sing N N 128 
GLY CA  HA3  sing N N 129 
GLY C   O    doub N N 130 
GLY C   OXT  sing N N 131 
GLY OXT HXT  sing N N 132 
HIS N   CA   sing N N 133 
HIS N   H    sing N N 134 
HIS N   H2   sing N N 135 
HIS CA  C    sing N N 136 
HIS CA  CB   sing N N 137 
HIS CA  HA   sing N N 138 
HIS C   O    doub N N 139 
HIS C   OXT  sing N N 140 
HIS CB  CG   sing N N 141 
HIS CB  HB2  sing N N 142 
HIS CB  HB3  sing N N 143 
HIS CG  ND1  sing Y N 144 
HIS CG  CD2  doub Y N 145 
HIS ND1 CE1  doub Y N 146 
HIS ND1 HD1  sing N N 147 
HIS CD2 NE2  sing Y N 148 
HIS CD2 HD2  sing N N 149 
HIS CE1 NE2  sing Y N 150 
HIS CE1 HE1  sing N N 151 
HIS NE2 HE2  sing N N 152 
HIS OXT HXT  sing N N 153 
HOH O   H1   sing N N 154 
HOH O   H2   sing N N 155 
ILE N   CA   sing N N 156 
ILE N   H    sing N N 157 
ILE N   H2   sing N N 158 
ILE CA  C    sing N N 159 
ILE CA  CB   sing N N 160 
ILE CA  HA   sing N N 161 
ILE C   O    doub N N 162 
ILE C   OXT  sing N N 163 
ILE CB  CG1  sing N N 164 
ILE CB  CG2  sing N N 165 
ILE CB  HB   sing N N 166 
ILE CG1 CD1  sing N N 167 
ILE CG1 HG12 sing N N 168 
ILE CG1 HG13 sing N N 169 
ILE CG2 HG21 sing N N 170 
ILE CG2 HG22 sing N N 171 
ILE CG2 HG23 sing N N 172 
ILE CD1 HD11 sing N N 173 
ILE CD1 HD12 sing N N 174 
ILE CD1 HD13 sing N N 175 
ILE OXT HXT  sing N N 176 
LEU N   CA   sing N N 177 
LEU N   H    sing N N 178 
LEU N   H2   sing N N 179 
LEU CA  C    sing N N 180 
LEU CA  CB   sing N N 181 
LEU CA  HA   sing N N 182 
LEU C   O    doub N N 183 
LEU C   OXT  sing N N 184 
LEU CB  CG   sing N N 185 
LEU CB  HB2  sing N N 186 
LEU CB  HB3  sing N N 187 
LEU CG  CD1  sing N N 188 
LEU CG  CD2  sing N N 189 
LEU CG  HG   sing N N 190 
LEU CD1 HD11 sing N N 191 
LEU CD1 HD12 sing N N 192 
LEU CD1 HD13 sing N N 193 
LEU CD2 HD21 sing N N 194 
LEU CD2 HD22 sing N N 195 
LEU CD2 HD23 sing N N 196 
LEU OXT HXT  sing N N 197 
LYS N   CA   sing N N 198 
LYS N   H    sing N N 199 
LYS N   H2   sing N N 200 
LYS CA  C    sing N N 201 
LYS CA  CB   sing N N 202 
LYS CA  HA   sing N N 203 
LYS C   O    doub N N 204 
LYS C   OXT  sing N N 205 
LYS CB  CG   sing N N 206 
LYS CB  HB2  sing N N 207 
LYS CB  HB3  sing N N 208 
LYS CG  CD   sing N N 209 
LYS CG  HG2  sing N N 210 
LYS CG  HG3  sing N N 211 
LYS CD  CE   sing N N 212 
LYS CD  HD2  sing N N 213 
LYS CD  HD3  sing N N 214 
LYS CE  NZ   sing N N 215 
LYS CE  HE2  sing N N 216 
LYS CE  HE3  sing N N 217 
LYS NZ  HZ1  sing N N 218 
LYS NZ  HZ2  sing N N 219 
LYS NZ  HZ3  sing N N 220 
LYS OXT HXT  sing N N 221 
PHE N   CA   sing N N 222 
PHE N   H    sing N N 223 
PHE N   H2   sing N N 224 
PHE CA  C    sing N N 225 
PHE CA  CB   sing N N 226 
PHE CA  HA   sing N N 227 
PHE C   O    doub N N 228 
PHE C   OXT  sing N N 229 
PHE CB  CG   sing N N 230 
PHE CB  HB2  sing N N 231 
PHE CB  HB3  sing N N 232 
PHE CG  CD1  doub Y N 233 
PHE CG  CD2  sing Y N 234 
PHE CD1 CE1  sing Y N 235 
PHE CD1 HD1  sing N N 236 
PHE CD2 CE2  doub Y N 237 
PHE CD2 HD2  sing N N 238 
PHE CE1 CZ   doub Y N 239 
PHE CE1 HE1  sing N N 240 
PHE CE2 CZ   sing Y N 241 
PHE CE2 HE2  sing N N 242 
PHE CZ  HZ   sing N N 243 
PHE OXT HXT  sing N N 244 
PRO N   CA   sing N N 245 
PRO N   CD   sing N N 246 
PRO N   H    sing N N 247 
PRO CA  C    sing N N 248 
PRO CA  CB   sing N N 249 
PRO CA  HA   sing N N 250 
PRO C   O    doub N N 251 
PRO C   OXT  sing N N 252 
PRO CB  CG   sing N N 253 
PRO CB  HB2  sing N N 254 
PRO CB  HB3  sing N N 255 
PRO CG  CD   sing N N 256 
PRO CG  HG2  sing N N 257 
PRO CG  HG3  sing N N 258 
PRO CD  HD2  sing N N 259 
PRO CD  HD3  sing N N 260 
PRO OXT HXT  sing N N 261 
SER N   CA   sing N N 262 
SER N   H    sing N N 263 
SER N   H2   sing N N 264 
SER CA  C    sing N N 265 
SER CA  CB   sing N N 266 
SER CA  HA   sing N N 267 
SER C   O    doub N N 268 
SER C   OXT  sing N N 269 
SER CB  OG   sing N N 270 
SER CB  HB2  sing N N 271 
SER CB  HB3  sing N N 272 
SER OG  HG   sing N N 273 
SER OXT HXT  sing N N 274 
THR N   CA   sing N N 275 
THR N   H    sing N N 276 
THR N   H2   sing N N 277 
THR CA  C    sing N N 278 
THR CA  CB   sing N N 279 
THR CA  HA   sing N N 280 
THR C   O    doub N N 281 
THR C   OXT  sing N N 282 
THR CB  OG1  sing N N 283 
THR CB  CG2  sing N N 284 
THR CB  HB   sing N N 285 
THR OG1 HG1  sing N N 286 
THR CG2 HG21 sing N N 287 
THR CG2 HG22 sing N N 288 
THR CG2 HG23 sing N N 289 
THR OXT HXT  sing N N 290 
TRP N   CA   sing N N 291 
TRP N   H    sing N N 292 
TRP N   H2   sing N N 293 
TRP CA  C    sing N N 294 
TRP CA  CB   sing N N 295 
TRP CA  HA   sing N N 296 
TRP C   O    doub N N 297 
TRP C   OXT  sing N N 298 
TRP CB  CG   sing N N 299 
TRP CB  HB2  sing N N 300 
TRP CB  HB3  sing N N 301 
TRP CG  CD1  doub Y N 302 
TRP CG  CD2  sing Y N 303 
TRP CD1 NE1  sing Y N 304 
TRP CD1 HD1  sing N N 305 
TRP CD2 CE2  doub Y N 306 
TRP CD2 CE3  sing Y N 307 
TRP NE1 CE2  sing Y N 308 
TRP NE1 HE1  sing N N 309 
TRP CE2 CZ2  sing Y N 310 
TRP CE3 CZ3  doub Y N 311 
TRP CE3 HE3  sing N N 312 
TRP CZ2 CH2  doub Y N 313 
TRP CZ2 HZ2  sing N N 314 
TRP CZ3 CH2  sing Y N 315 
TRP CZ3 HZ3  sing N N 316 
TRP CH2 HH2  sing N N 317 
TRP OXT HXT  sing N N 318 
TYR N   CA   sing N N 319 
TYR N   H    sing N N 320 
TYR N   H2   sing N N 321 
TYR CA  C    sing N N 322 
TYR CA  CB   sing N N 323 
TYR CA  HA   sing N N 324 
TYR C   O    doub N N 325 
TYR C   OXT  sing N N 326 
TYR CB  CG   sing N N 327 
TYR CB  HB2  sing N N 328 
TYR CB  HB3  sing N N 329 
TYR CG  CD1  doub Y N 330 
TYR CG  CD2  sing Y N 331 
TYR CD1 CE1  sing Y N 332 
TYR CD1 HD1  sing N N 333 
TYR CD2 CE2  doub Y N 334 
TYR CD2 HD2  sing N N 335 
TYR CE1 CZ   doub Y N 336 
TYR CE1 HE1  sing N N 337 
TYR CE2 CZ   sing Y N 338 
TYR CE2 HE2  sing N N 339 
TYR CZ  OH   sing N N 340 
TYR OH  HH   sing N N 341 
TYR OXT HXT  sing N N 342 
VAL N   CA   sing N N 343 
VAL N   H    sing N N 344 
VAL N   H2   sing N N 345 
VAL CA  C    sing N N 346 
VAL CA  CB   sing N N 347 
VAL CA  HA   sing N N 348 
VAL C   O    doub N N 349 
VAL C   OXT  sing N N 350 
VAL CB  CG1  sing N N 351 
VAL CB  CG2  sing N N 352 
VAL CB  HB   sing N N 353 
VAL CG1 HG11 sing N N 354 
VAL CG1 HG12 sing N N 355 
VAL CG1 HG13 sing N N 356 
VAL CG2 HG21 sing N N 357 
VAL CG2 HG22 sing N N 358 
VAL CG2 HG23 sing N N 359 
VAL OXT HXT  sing N N 360 
# 
_pdbx_initial_refinement_model.id               1 
_pdbx_initial_refinement_model.entity_id_list   ? 
_pdbx_initial_refinement_model.type             'experimental model' 
_pdbx_initial_refinement_model.source_name      PDB 
_pdbx_initial_refinement_model.accession_code   1FRR 
_pdbx_initial_refinement_model.details          'PDB ENTRY 1FRR' 
# 
_atom_sites.entry_id                    1A70 
_atom_sites.fract_transf_matrix[1][1]   0.02884935 
_atom_sites.fract_transf_matrix[1][2]   -0.01355648 
_atom_sites.fract_transf_matrix[1][3]   0.00495132 
_atom_sites.fract_transf_matrix[2][1]   0.00826849 
_atom_sites.fract_transf_matrix[2][2]   0.00948589 
_atom_sites.fract_transf_matrix[2][3]   -0.02220526 
_atom_sites.fract_transf_matrix[3][1]   0.00369459 
_atom_sites.fract_transf_matrix[3][2]   0.00991128 
_atom_sites.fract_transf_matrix[3][3]   0.00560975 
_atom_sites.fract_transf_vector[1]      0.396700 
_atom_sites.fract_transf_vector[2]      0.216910 
_atom_sites.fract_transf_vector[3]      0.134992 
# 
loop_
_atom_type.symbol 
C  
FE 
N  
O  
S  
# 
loop_
_atom_site.group_PDB 
_atom_site.id 
_atom_site.type_symbol 
_atom_site.label_atom_id 
_atom_site.label_alt_id 
_atom_site.label_comp_id 
_atom_site.label_asym_id 
_atom_site.label_entity_id 
_atom_site.label_seq_id 
_atom_site.pdbx_PDB_ins_code 
_atom_site.Cartn_x 
_atom_site.Cartn_y 
_atom_site.Cartn_z 
_atom_site.occupancy 
_atom_site.B_iso_or_equiv 
_atom_site.pdbx_formal_charge 
_atom_site.auth_seq_id 
_atom_site.auth_comp_id 
_atom_site.auth_asym_id 
_atom_site.auth_atom_id 
_atom_site.pdbx_PDB_model_num 
ATOM   1   N  N   . ALA A 1 1  ? -15.592 -5.246  6.646   1.00 64.26  ? 1    ALA A N   1 
ATOM   2   C  CA  . ALA A 1 1  ? -15.151 -5.757  7.929   1.00 56.75  ? 1    ALA A CA  1 
ATOM   3   C  C   . ALA A 1 1  ? -13.648 -5.839  7.887   1.00 52.65  ? 1    ALA A C   1 
ATOM   4   O  O   . ALA A 1 1  ? -13.067 -4.815  8.145   1.00 48.15  ? 1    ALA A O   1 
ATOM   5   C  CB  . ALA A 1 1  ? -15.510 -4.742  9.000   1.00 57.60  ? 1    ALA A CB  1 
ATOM   6   N  N   . ALA A 1 2  ? -13.050 -6.965  7.484   1.00 44.72  ? 2    ALA A N   1 
ATOM   7   C  CA  . ALA A 1 2  ? -11.600 -7.079  7.389   1.00 39.74  ? 2    ALA A CA  1 
ATOM   8   C  C   . ALA A 1 2  ? -11.274 -7.882  6.148   1.00 38.97  ? 2    ALA A C   1 
ATOM   9   O  O   . ALA A 1 2  ? -12.090 -8.680  5.648   1.00 35.65  ? 2    ALA A O   1 
ATOM   10  C  CB  . ALA A 1 2  ? -11.063 -7.729  8.636   1.00 39.07  ? 2    ALA A CB  1 
ATOM   11  N  N   . TYR A 1 3  ? -10.085 -7.712  5.612   1.00 35.77  ? 3    TYR A N   1 
ATOM   12  C  CA  . TYR A 1 3  ? -9.841  -8.418  4.377   1.00 34.41  ? 3    TYR A CA  1 
ATOM   13  C  C   . TYR A 1 3  ? -8.451  -8.983  4.375   1.00 33.59  ? 3    TYR A C   1 
ATOM   14  O  O   . TYR A 1 3  ? -7.640  -8.688  5.257   1.00 31.95  ? 3    TYR A O   1 
ATOM   15  C  CB  . TYR A 1 3  ? -10.069 -7.591  3.063   1.00 39.83  ? 3    TYR A CB  1 
ATOM   16  C  CG  . TYR A 1 3  ? -11.400 -6.848  2.953   1.00 45.38  ? 3    TYR A CG  1 
ATOM   17  C  CD1 . TYR A 1 3  ? -12.520 -7.501  2.435   1.00 44.25  ? 3    TYR A CD1 1 
ATOM   18  C  CD2 . TYR A 1 3  ? -11.490 -5.504  3.347   1.00 42.82  ? 3    TYR A CD2 1 
ATOM   19  C  CE1 . TYR A 1 3  ? -13.734 -6.817  2.315   1.00 44.87  ? 3    TYR A CE1 1 
ATOM   20  C  CE2 . TYR A 1 3  ? -12.705 -4.818  3.226   1.00 31.11  ? 3    TYR A CE2 1 
ATOM   21  C  CZ  . TYR A 1 3  ? -13.826 -5.477  2.710   1.00 36.82  ? 3    TYR A CZ  1 
ATOM   22  O  OH  . TYR A 1 3  ? -15.009 -4.819  2.589   1.00 45.94  ? 3    TYR A OH  1 
ATOM   23  N  N   . LYS A 1 4  ? -8.215  -9.797  3.385   1.00 25.97  ? 4    LYS A N   1 
ATOM   24  C  CA  . LYS A 1 4  ? -6.939  -10.473 3.276   1.00 26.02  ? 4    LYS A CA  1 
ATOM   25  C  C   . LYS A 1 4  ? -5.983  -9.701  2.377   1.00 27.15  ? 4    LYS A C   1 
ATOM   26  O  O   . LYS A 1 4  ? -6.259  -9.453  1.193   1.00 29.78  ? 4    LYS A O   1 
ATOM   27  C  CB  . LYS A 1 4  ? -7.131  -11.877 2.728   1.00 28.74  ? 4    LYS A CB  1 
ATOM   28  C  CG  . LYS A 1 4  ? -5.800  -12.565 2.450   1.00 41.18  ? 4    LYS A CG  1 
ATOM   29  C  CD  . LYS A 1 4  ? -5.643  -13.898 3.176   1.00 65.99  ? 4    LYS A CD  1 
ATOM   30  C  CE  . LYS A 1 4  ? -5.474  -13.746 4.688   1.00 71.21  ? 4    LYS A CE  1 
ATOM   31  N  NZ  . LYS A 1 4  ? -4.742  -14.863 5.296   1.00 100.00 ? 4    LYS A NZ  1 
ATOM   32  N  N   . VAL A 1 5  ? -4.862  -9.338  2.977   1.00 25.81  ? 5    VAL A N   1 
ATOM   33  C  CA  . VAL A 1 5  ? -3.815  -8.620  2.262   1.00 21.97  ? 5    VAL A CA  1 
ATOM   34  C  C   . VAL A 1 5  ? -2.676  -9.522  1.949   1.00 24.32  ? 5    VAL A C   1 
ATOM   35  O  O   . VAL A 1 5  ? -2.158  -10.073 2.920   1.00 28.20  ? 5    VAL A O   1 
ATOM   36  C  CB  . VAL A 1 5  ? -3.282  -7.425  3.054   1.00 26.13  ? 5    VAL A CB  1 
ATOM   37  C  CG1 . VAL A 1 5  ? -2.116  -6.722  2.340   1.00 24.03  ? 5    VAL A CG1 1 
ATOM   38  C  CG2 . VAL A 1 5  ? -4.338  -6.343  3.276   1.00 28.00  ? 5    VAL A CG2 1 
ATOM   39  N  N   . THR A 1 6  ? -2.261  -9.677  0.672   1.00 23.42  ? 6    THR A N   1 
ATOM   40  C  CA  . THR A 1 6  ? -1.026  -10.423 0.384   1.00 22.77  ? 6    THR A CA  1 
ATOM   41  C  C   . THR A 1 6  ? 0.062   -9.391  -0.030  1.00 27.61  ? 6    THR A C   1 
ATOM   42  O  O   . THR A 1 6  ? -0.120  -8.613  -0.969  1.00 28.00  ? 6    THR A O   1 
ATOM   43  C  CB  . THR A 1 6  ? -1.277  -11.384 -0.776  1.00 26.23  ? 6    THR A CB  1 
ATOM   44  O  OG1 . THR A 1 6  ? -2.279  -12.297 -0.374  1.00 27.15  ? 6    THR A OG1 1 
ATOM   45  C  CG2 . THR A 1 6  ? 0.038   -12.047 -1.069  1.00 27.17  ? 6    THR A CG2 1 
ATOM   46  N  N   . LEU A 1 7  ? 1.206   -9.299  0.616   1.00 20.82  ? 7    LEU A N   1 
ATOM   47  C  CA  . LEU A 1 7  ? 2.211   -8.370  0.144   1.00 18.17  ? 7    LEU A CA  1 
ATOM   48  C  C   . LEU A 1 7  ? 3.352   -9.215  -0.433  1.00 26.80  ? 7    LEU A C   1 
ATOM   49  O  O   . LEU A 1 7  ? 3.874   -10.142 0.195   1.00 31.28  ? 7    LEU A O   1 
ATOM   50  C  CB  . LEU A 1 7  ? 2.839   -7.531  1.316   1.00 24.27  ? 7    LEU A CB  1 
ATOM   51  C  CG  . LEU A 1 7  ? 1.863   -6.605  2.114   1.00 25.99  ? 7    LEU A CG  1 
ATOM   52  C  CD1 . LEU A 1 7  ? 2.521   -6.006  3.392   1.00 28.24  ? 7    LEU A CD1 1 
ATOM   53  C  CD2 . LEU A 1 7  ? 1.148   -5.566  1.197   1.00 23.18  ? 7    LEU A CD2 1 
ATOM   54  N  N   . VAL A 1 8  ? 3.811   -8.841  -1.584  1.00 24.64  ? 8    VAL A N   1 
ATOM   55  C  CA  . VAL A 1 8  ? 4.965   -9.428  -2.274  1.00 24.53  ? 8    VAL A CA  1 
ATOM   56  C  C   . VAL A 1 8  ? 6.139   -8.523  -1.974  1.00 25.60  ? 8    VAL A C   1 
ATOM   57  O  O   . VAL A 1 8  ? 6.237   -7.464  -2.631  1.00 24.85  ? 8    VAL A O   1 
ATOM   58  C  CB  . VAL A 1 8  ? 4.739   -9.514  -3.815  1.00 26.13  ? 8    VAL A CB  1 
ATOM   59  C  CG1 . VAL A 1 8  ? 5.967   -10.040 -4.559  1.00 26.51  ? 8    VAL A CG1 1 
ATOM   60  C  CG2 . VAL A 1 8  ? 3.486   -10.375 -4.056  1.00 23.87  ? 8    VAL A CG2 1 
ATOM   61  N  N   . THR A 1 9  ? 6.968   -8.927  -0.970  1.00 23.15  ? 9    THR A N   1 
ATOM   62  C  CA  . THR A 1 9  ? 8.119   -8.091  -0.623  1.00 23.40  ? 9    THR A CA  1 
ATOM   63  C  C   . THR A 1 9  ? 9.392   -8.691  -1.153  1.00 33.13  ? 9    THR A C   1 
ATOM   64  O  O   . THR A 1 9  ? 9.448   -9.860  -1.547  1.00 31.04  ? 9    THR A O   1 
ATOM   65  C  CB  . THR A 1 9  ? 8.312   -7.980  0.869   1.00 29.07  ? 9    THR A CB  1 
ATOM   66  O  OG1 . THR A 1 9  ? 9.063   -9.127  1.295   1.00 34.25  ? 9    THR A OG1 1 
ATOM   67  C  CG2 . THR A 1 9  ? 6.950   -7.951  1.576   1.00 23.85  ? 9    THR A CG2 1 
ATOM   68  N  N   . PRO A 1 10 ? 10.431  -7.891  -1.106  1.00 32.74  ? 10   PRO A N   1 
ATOM   69  C  CA  . PRO A 1 10 ? 11.694  -8.352  -1.659  1.00 40.21  ? 10   PRO A CA  1 
ATOM   70  C  C   . PRO A 1 10 ? 12.257  -9.649  -1.103  1.00 39.02  ? 10   PRO A C   1 
ATOM   71  O  O   . PRO A 1 10 ? 12.957  -10.425 -1.776  1.00 40.41  ? 10   PRO A O   1 
ATOM   72  C  CB  . PRO A 1 10 ? 12.653  -7.138  -1.619  1.00 40.85  ? 10   PRO A CB  1 
ATOM   73  C  CG  . PRO A 1 10 ? 11.793  -5.883  -1.411  1.00 38.81  ? 10   PRO A CG  1 
ATOM   74  C  CD  . PRO A 1 10 ? 10.431  -6.387  -0.926  1.00 29.25  ? 10   PRO A CD  1 
ATOM   75  N  N   . THR A 1 11 ? 11.947  -9.864  0.138   1.00 29.69  ? 11   THR A N   1 
ATOM   76  C  CA  . THR A 1 11 ? 12.455  -11.021 0.801   1.00 31.68  ? 11   THR A CA  1 
ATOM   77  C  C   . THR A 1 11 ? 11.360  -12.067 0.986   1.00 40.26  ? 11   THR A C   1 
ATOM   78  O  O   . THR A 1 11 ? 11.500  -12.975 1.824   1.00 32.78  ? 11   THR A O   1 
ATOM   79  C  CB  . THR A 1 11 ? 13.038  -10.596 2.175   1.00 35.16  ? 11   THR A CB  1 
ATOM   80  O  OG1 . THR A 1 11 ? 12.015  -10.060 3.036   1.00 41.86  ? 11   THR A OG1 1 
ATOM   81  C  CG2 . THR A 1 11 ? 14.143  -9.586  1.992   1.00 34.63  ? 11   THR A CG2 1 
ATOM   82  N  N   . GLY A 1 12 ? 10.204  -11.912 0.324   1.00 29.29  ? 12   GLY A N   1 
ATOM   83  C  CA  . GLY A 1 12 ? 9.167   -12.926 0.590   1.00 27.67  ? 12   GLY A CA  1 
ATOM   84  C  C   . GLY A 1 12 ? 7.720   -12.470 0.689   1.00 31.61  ? 12   GLY A C   1 
ATOM   85  O  O   . GLY A 1 12 ? 7.408   -11.361 1.069   1.00 27.16  ? 12   GLY A O   1 
ATOM   86  N  N   . ASN A 1 13 ? 6.780   -13.348 0.372   1.00 27.49  ? 13   ASN A N   1 
ATOM   87  C  CA  . ASN A 1 13 ? 5.353   -13.046 0.480   1.00 28.15  ? 13   ASN A CA  1 
ATOM   88  C  C   . ASN A 1 13 ? 4.873   -13.129 1.942   1.00 34.35  ? 13   ASN A C   1 
ATOM   89  O  O   . ASN A 1 13 ? 5.191   -14.047 2.721   1.00 34.29  ? 13   ASN A O   1 
ATOM   90  C  CB  . ASN A 1 13 ? 4.548   -14.081 -0.348  1.00 22.27  ? 13   ASN A CB  1 
ATOM   91  C  CG  . ASN A 1 13 ? 4.812   -14.032 -1.846  1.00 28.56  ? 13   ASN A CG  1 
ATOM   92  O  OD1 . ASN A 1 13 ? 5.302   -13.052 -2.435  1.00 29.38  ? 13   ASN A OD1 1 
ATOM   93  N  ND2 . ASN A 1 13 ? 4.468   -15.123 -2.536  1.00 29.02  ? 13   ASN A ND2 1 
ATOM   94  N  N   . VAL A 1 14 ? 3.972   -12.281 2.376   1.00 24.93  ? 14   VAL A N   1 
ATOM   95  C  CA  . VAL A 1 14 ? 3.488   -12.393 3.741   1.00 24.17  ? 14   VAL A CA  1 
ATOM   96  C  C   . VAL A 1 14 ? 1.980   -12.043 3.644   1.00 35.26  ? 14   VAL A C   1 
ATOM   97  O  O   . VAL A 1 14 ? 1.589   -11.153 2.876   1.00 34.14  ? 14   VAL A O   1 
ATOM   98  C  CB  . VAL A 1 14 ? 4.113   -11.335 4.673   1.00 35.72  ? 14   VAL A CB  1 
ATOM   99  C  CG1 . VAL A 1 14 ? 5.638   -11.278 4.569   1.00 45.19  ? 14   VAL A CG1 1 
ATOM   100 C  CG2 . VAL A 1 14 ? 3.627   -9.918  4.364   1.00 37.45  ? 14   VAL A CG2 1 
ATOM   101 N  N   . GLU A 1 15 ? 1.116   -12.730 4.379   1.00 25.56  ? 15   GLU A N   1 
ATOM   102 C  CA  . GLU A 1 15 ? -0.343  -12.402 4.368   1.00 24.81  ? 15   GLU A CA  1 
ATOM   103 C  C   . GLU A 1 15 ? -0.809  -12.022 5.776   1.00 28.51  ? 15   GLU A C   1 
ATOM   104 O  O   . GLU A 1 15 ? -0.189  -12.369 6.775   1.00 39.92  ? 15   GLU A O   1 
ATOM   105 C  CB  . GLU A 1 15 ? -1.220  -13.596 3.961   1.00 26.55  ? 15   GLU A CB  1 
ATOM   106 C  CG  . GLU A 1 15 ? -0.769  -14.352 2.714   1.00 76.87  ? 15   GLU A CG  1 
ATOM   107 C  CD  . GLU A 1 15 ? -1.634  -15.596 2.460   1.00 100.00 ? 15   GLU A CD  1 
ATOM   108 O  OE1 . GLU A 1 15 ? -2.567  -15.917 3.296   1.00 68.35  ? 15   GLU A OE1 1 
ATOM   109 O  OE2 . GLU A 1 15 ? -1.429  -16.322 1.417   1.00 100.00 ? 15   GLU A OE2 1 
ATOM   110 N  N   . PHE A 1 16 ? -1.910  -11.318 5.867   1.00 26.52  ? 16   PHE A N   1 
ATOM   111 C  CA  . PHE A 1 16 ? -2.477  -10.931 7.174   1.00 28.30  ? 16   PHE A CA  1 
ATOM   112 C  C   . PHE A 1 16 ? -3.847  -10.294 6.909   1.00 33.00  ? 16   PHE A C   1 
ATOM   113 O  O   . PHE A 1 16 ? -4.094  -9.770  5.817   1.00 30.39  ? 16   PHE A O   1 
ATOM   114 C  CB  . PHE A 1 16 ? -1.546  -9.944  7.897   1.00 32.53  ? 16   PHE A CB  1 
ATOM   115 C  CG  . PHE A 1 16 ? -1.271  -8.636  7.137   1.00 25.02  ? 16   PHE A CG  1 
ATOM   116 C  CD1 . PHE A 1 16 ? -2.175  -7.565  7.218   1.00 32.70  ? 16   PHE A CD1 1 
ATOM   117 C  CD2 . PHE A 1 16 ? -0.105  -8.498  6.369   1.00 28.27  ? 16   PHE A CD2 1 
ATOM   118 C  CE1 . PHE A 1 16 ? -1.909  -6.365  6.541   1.00 33.73  ? 16   PHE A CE1 1 
ATOM   119 C  CE2 . PHE A 1 16 ? 0.161   -7.298  5.696   1.00 30.83  ? 16   PHE A CE2 1 
ATOM   120 C  CZ  . PHE A 1 16 ? -0.740  -6.231  5.782   1.00 28.38  ? 16   PHE A CZ  1 
ATOM   121 N  N   . GLN A 1 17 ? -4.721  -10.365 7.903   1.00 35.55  ? 17   GLN A N   1 
ATOM   122 C  CA  . GLN A 1 17 ? -6.088  -9.792  7.792   1.00 33.09  ? 17   GLN A CA  1 
ATOM   123 C  C   . GLN A 1 17 ? -6.059  -8.298  8.179   1.00 36.52  ? 17   GLN A C   1 
ATOM   124 O  O   . GLN A 1 17 ? -5.444  -7.908  9.176   1.00 34.16  ? 17   GLN A O   1 
ATOM   125 C  CB  . GLN A 1 17 ? -7.062  -10.525 8.731   1.00 40.84  ? 17   GLN A CB  1 
ATOM   126 C  CG  . GLN A 1 17 ? -7.280  -12.006 8.377   1.00 75.19  ? 17   GLN A CG  1 
ATOM   127 C  CD  . GLN A 1 17 ? -8.276  -12.296 7.245   1.00 100.00 ? 17   GLN A CD  1 
ATOM   128 O  OE1 . GLN A 1 17 ? -9.478  -12.078 7.401   1.00 91.53  ? 17   GLN A OE1 1 
ATOM   129 N  NE2 . GLN A 1 17 ? -7.835  -12.786 6.100   1.00 56.40  ? 17   GLN A NE2 1 
ATOM   130 N  N   . CYS A 1 18 ? -6.737  -7.458  7.387   1.00 32.45  ? 18   CYS A N   1 
ATOM   131 C  CA  . CYS A 1 18 ? -6.749  -5.986  7.633   1.00 34.72  ? 18   CYS A CA  1 
ATOM   132 C  C   . CYS A 1 18 ? -8.142  -5.424  7.613   1.00 34.29  ? 18   CYS A C   1 
ATOM   133 O  O   . CYS A 1 18 ? -8.876  -5.524  6.641   1.00 31.05  ? 18   CYS A O   1 
ATOM   134 C  CB  . CYS A 1 18 ? -5.899  -5.280  6.569   1.00 29.02  ? 18   CYS A CB  1 
ATOM   135 S  SG  . CYS A 1 18 ? -5.743  -3.444  6.833   1.00 28.94  ? 18   CYS A SG  1 
ATOM   136 N  N   . PRO A 1 19 ? -8.464  -4.796  8.739   1.00 33.32  ? 19   PRO A N   1 
ATOM   137 C  CA  . PRO A 1 19 ? -9.746  -4.136  8.927   1.00 32.10  ? 19   PRO A CA  1 
ATOM   138 C  C   . PRO A 1 19 ? -9.803  -2.989  7.947   1.00 40.78  ? 19   PRO A C   1 
ATOM   139 O  O   . PRO A 1 19 ? -8.794  -2.336  7.672   1.00 36.47  ? 19   PRO A O   1 
ATOM   140 C  CB  . PRO A 1 19 ? -9.774  -3.601  10.364  1.00 34.58  ? 19   PRO A CB  1 
ATOM   141 C  CG  . PRO A 1 19 ? -8.545  -4.177  11.054  1.00 38.47  ? 19   PRO A CG  1 
ATOM   142 C  CD  . PRO A 1 19 ? -7.664  -4.830  9.979   1.00 36.38  ? 19   PRO A CD  1 
ATOM   143 N  N   . ASP A 1 20 ? -11.006 -2.784  7.406   1.00 34.47  ? 20   ASP A N   1 
ATOM   144 C  CA  . ASP A 1 20 ? -11.283 -1.784  6.402   1.00 33.10  ? 20   ASP A CA  1 
ATOM   145 C  C   . ASP A 1 20 ? -11.094 -0.373  6.914   1.00 37.33  ? 20   ASP A C   1 
ATOM   146 O  O   . ASP A 1 20 ? -11.171 0.570   6.121   1.00 33.51  ? 20   ASP A O   1 
ATOM   147 C  CB  . ASP A 1 20 ? -12.561 -2.035  5.581   1.00 44.18  ? 20   ASP A CB  1 
ATOM   148 C  CG  . ASP A 1 20 ? -13.832 -1.816  6.339   1.00 58.88  ? 20   ASP A CG  1 
ATOM   149 O  OD1 . ASP A 1 20 ? -13.858 -1.606  7.549   1.00 56.81  ? 20   ASP A OD1 1 
ATOM   150 O  OD2 . ASP A 1 20 ? -14.879 -1.803  5.534   1.00 79.64  ? 20   ASP A OD2 1 
ATOM   151 N  N   . ASP A 1 21 ? -10.855 -0.292  8.237   1.00 35.64  ? 21   ASP A N   1 
ATOM   152 C  CA  . ASP A 1 21 ? -10.621 1.008   8.815   1.00 40.82  ? 21   ASP A CA  1 
ATOM   153 C  C   . ASP A 1 21 ? -9.209  1.194   9.269   1.00 45.13  ? 21   ASP A C   1 
ATOM   154 O  O   . ASP A 1 21 ? -8.994  2.016   10.148  1.00 45.86  ? 21   ASP A O   1 
ATOM   155 C  CB  . ASP A 1 21 ? -11.671 1.569   9.809   1.00 39.20  ? 21   ASP A CB  1 
ATOM   156 C  CG  . ASP A 1 21 ? -11.818 0.869   11.153  1.00 64.17  ? 21   ASP A CG  1 
ATOM   157 O  OD1 . ASP A 1 21 ? -11.291 -0.204  11.404  1.00 61.46  ? 21   ASP A OD1 1 
ATOM   158 O  OD2 . ASP A 1 21 ? -12.611 1.505   12.010  1.00 79.00  ? 21   ASP A OD2 1 
ATOM   159 N  N   . VAL A 1 22 ? -8.253  0.451   8.728   1.00 30.02  ? 22   VAL A N   1 
ATOM   160 C  CA  . VAL A 1 22 ? -6.858  0.642   9.175   1.00 23.17  ? 22   VAL A CA  1 
ATOM   161 C  C   . VAL A 1 22 ? -5.986  0.679   7.925   1.00 37.42  ? 22   VAL A C   1 
ATOM   162 O  O   . VAL A 1 22 ? -6.209  -0.076  6.935   1.00 29.14  ? 22   VAL A O   1 
ATOM   163 C  CB  . VAL A 1 22 ? -6.481  -0.557  10.053  1.00 35.95  ? 22   VAL A CB  1 
ATOM   164 C  CG1 . VAL A 1 22 ? -4.995  -0.606  10.331  1.00 33.42  ? 22   VAL A CG1 1 
ATOM   165 C  CG2 . VAL A 1 22 ? -7.280  -0.615  11.366  1.00 40.60  ? 22   VAL A CG2 1 
ATOM   166 N  N   . TYR A 1 23 ? -5.045  1.612   7.885   1.00 31.07  ? 23   TYR A N   1 
ATOM   167 C  CA  . TYR A 1 23 ? -4.195  1.688   6.719   1.00 23.20  ? 23   TYR A CA  1 
ATOM   168 C  C   . TYR A 1 23 ? -3.343  0.425   6.621   1.00 20.53  ? 23   TYR A C   1 
ATOM   169 O  O   . TYR A 1 23 ? -2.872  -0.167  7.609   1.00 22.64  ? 23   TYR A O   1 
ATOM   170 C  CB  . TYR A 1 23 ? -3.259  2.906   6.807   1.00 24.89  ? 23   TYR A CB  1 
ATOM   171 C  CG  . TYR A 1 23 ? -3.900  4.296   6.799   1.00 29.11  ? 23   TYR A CG  1 
ATOM   172 C  CD1 . TYR A 1 23 ? -4.730  4.721   5.760   1.00 25.37  ? 23   TYR A CD1 1 
ATOM   173 C  CD2 . TYR A 1 23 ? -3.621  5.182   7.853   1.00 29.47  ? 23   TYR A CD2 1 
ATOM   174 C  CE1 . TYR A 1 23 ? -5.260  6.007   5.800   1.00 33.05  ? 23   TYR A CE1 1 
ATOM   175 C  CE2 . TYR A 1 23 ? -4.023  6.511   7.841   1.00 27.42  ? 23   TYR A CE2 1 
ATOM   176 C  CZ  . TYR A 1 23 ? -4.852  6.904   6.797   1.00 29.98  ? 23   TYR A CZ  1 
ATOM   177 O  OH  . TYR A 1 23 ? -5.339  8.163   6.791   1.00 32.49  ? 23   TYR A OH  1 
ATOM   178 N  N   . ILE A 1 24 ? -3.064  0.056   5.368   1.00 26.63  ? 24   ILE A N   1 
ATOM   179 C  CA  . ILE A 1 24 ? -2.217  -1.088  5.027   1.00 23.62  ? 24   ILE A CA  1 
ATOM   180 C  C   . ILE A 1 24 ? -0.896  -1.083  5.842   1.00 27.47  ? 24   ILE A C   1 
ATOM   181 O  O   . ILE A 1 24 ? -0.490  -2.065  6.472   1.00 25.11  ? 24   ILE A O   1 
ATOM   182 C  CB  . ILE A 1 24 ? -2.032  -1.225  3.483   1.00 27.34  ? 24   ILE A CB  1 
ATOM   183 C  CG1 . ILE A 1 24 ? -3.420  -1.490  2.886   1.00 27.39  ? 24   ILE A CG1 1 
ATOM   184 C  CG2 . ILE A 1 24 ? -1.017  -2.324  3.089   1.00 25.71  ? 24   ILE A CG2 1 
ATOM   185 C  CD1 . ILE A 1 24 ? -3.342  -2.063  1.521   1.00 35.33  ? 24   ILE A CD1 1 
ATOM   186 N  N   . LEU A 1 25 ? -0.175  0.044   5.816   1.00 21.68  ? 25   LEU A N   1 
ATOM   187 C  CA  . LEU A 1 25 ? 1.091   0.110   6.507   1.00 23.19  ? 25   LEU A CA  1 
ATOM   188 C  C   . LEU A 1 25 ? 0.992   -0.201  7.977   1.00 19.67  ? 25   LEU A C   1 
ATOM   189 O  O   . LEU A 1 25 ? 1.797   -0.964  8.547   1.00 21.97  ? 25   LEU A O   1 
ATOM   190 C  CB  . LEU A 1 25 ? 1.787   1.504   6.190   1.00 25.03  ? 25   LEU A CB  1 
ATOM   191 C  CG  . LEU A 1 25 ? 3.122   1.802   6.949   1.00 33.85  ? 25   LEU A CG  1 
ATOM   192 C  CD1 . LEU A 1 25 ? 4.334   0.952   6.472   1.00 28.22  ? 25   LEU A CD1 1 
ATOM   193 C  CD2 . LEU A 1 25 ? 3.394   3.319   6.940   1.00 23.35  ? 25   LEU A CD2 1 
ATOM   194 N  N   . ASP A 1 26 ? 0.030   0.490   8.644   1.00 21.80  ? 26   ASP A N   1 
ATOM   195 C  CA  . ASP A 1 26 ? -0.176  0.294   10.102  1.00 24.22  ? 26   ASP A CA  1 
ATOM   196 C  C   . ASP A 1 26 ? -0.470  -1.154  10.461  1.00 28.12  ? 26   ASP A C   1 
ATOM   197 O  O   . ASP A 1 26 ? 0.112   -1.761  11.397  1.00 26.29  ? 26   ASP A O   1 
ATOM   198 C  CB  . ASP A 1 26 ? -1.400  1.071   10.641  1.00 26.64  ? 26   ASP A CB  1 
ATOM   199 C  CG  . ASP A 1 26 ? -1.253  2.599   10.607  1.00 37.98  ? 26   ASP A CG  1 
ATOM   200 O  OD1 . ASP A 1 26 ? -0.379  3.156   10.004  1.00 46.55  ? 26   ASP A OD1 1 
ATOM   201 O  OD2 . ASP A 1 26 ? -2.277  3.277   11.054  1.00 44.33  ? 26   ASP A OD2 1 
ATOM   202 N  N   . ALA A 1 27 ? -1.388  -1.731  9.656   1.00 28.45  ? 27   ALA A N   1 
ATOM   203 C  CA  . ALA A 1 27 ? -1.767  -3.172  9.829   1.00 30.31  ? 27   ALA A CA  1 
ATOM   204 C  C   . ALA A 1 27 ? -0.549  -4.088  9.699   1.00 24.55  ? 27   ALA A C   1 
ATOM   205 O  O   . ALA A 1 27 ? -0.335  -4.972  10.531  1.00 26.78  ? 27   ALA A O   1 
ATOM   206 C  CB  . ALA A 1 27 ? -2.901  -3.612  8.881   1.00 27.80  ? 27   ALA A CB  1 
ATOM   207 N  N   . ALA A 1 28 ? 0.255   -3.840  8.648   1.00 21.71  ? 28   ALA A N   1 
ATOM   208 C  CA  . ALA A 1 28 ? 1.460   -4.617  8.470   1.00 22.96  ? 28   ALA A CA  1 
ATOM   209 C  C   . ALA A 1 28 ? 2.421   -4.497  9.670   1.00 31.14  ? 28   ALA A C   1 
ATOM   210 O  O   . ALA A 1 28 ? 3.029   -5.472  10.161  1.00 29.37  ? 28   ALA A O   1 
ATOM   211 C  CB  . ALA A 1 28 ? 2.217   -4.298  7.189   1.00 30.64  ? 28   ALA A CB  1 
ATOM   212 N  N   . GLU A 1 29 ? 2.562   -3.255  10.175  1.00 32.57  ? 29   GLU A N   1 
ATOM   213 C  CA  . GLU A 1 29 ? 3.453   -3.000  11.312  1.00 33.34  ? 29   GLU A CA  1 
ATOM   214 C  C   . GLU A 1 29 ? 3.093   -3.833  12.529  1.00 23.91  ? 29   GLU A C   1 
ATOM   215 O  O   . GLU A 1 29 ? 3.982   -4.461  13.122  1.00 29.83  ? 29   GLU A O   1 
ATOM   216 C  CB  . GLU A 1 29 ? 3.608   -1.470  11.591  1.00 25.60  ? 29   GLU A CB  1 
ATOM   217 C  CG  . GLU A 1 29 ? 4.522   -0.829  10.521  1.00 24.44  ? 29   GLU A CG  1 
ATOM   218 C  CD  . GLU A 1 29 ? 4.280   0.657   10.473  1.00 25.19  ? 29   GLU A CD  1 
ATOM   219 O  OE1 . GLU A 1 29 ? 3.318   1.180   11.018  1.00 24.78  ? 29   GLU A OE1 1 
ATOM   220 O  OE2 . GLU A 1 29 ? 5.213   1.309   9.858   1.00 23.81  ? 29   GLU A OE2 1 
ATOM   221 N  N   . GLU A 1 30 ? 1.793   -3.764  12.799  1.00 27.47  ? 30   GLU A N   1 
ATOM   222 C  CA  . GLU A 1 30 ? 1.085   -4.499  13.862  1.00 37.83  ? 30   GLU A CA  1 
ATOM   223 C  C   . GLU A 1 30 ? 1.326   -6.022  13.849  1.00 40.11  ? 30   GLU A C   1 
ATOM   224 O  O   . GLU A 1 30 ? 1.324   -6.682  14.872  1.00 39.63  ? 30   GLU A O   1 
ATOM   225 C  CB  . GLU A 1 30 ? -0.434  -4.183  13.856  1.00 40.07  ? 30   GLU A CB  1 
ATOM   226 C  CG  . GLU A 1 30 ? -0.754  -2.729  14.247  1.00 42.44  ? 30   GLU A CG  1 
ATOM   227 C  CD  . GLU A 1 30 ? -2.227  -2.455  14.341  1.00 56.36  ? 30   GLU A CD  1 
ATOM   228 O  OE1 . GLU A 1 30 ? -3.069  -3.333  14.397  1.00 50.54  ? 30   GLU A OE1 1 
ATOM   229 O  OE2 . GLU A 1 30 ? -2.516  -1.183  14.204  1.00 36.99  ? 30   GLU A OE2 1 
ATOM   230 N  N   . GLU A 1 31 ? 1.497   -6.578  12.657  1.00 38.32  ? 31   GLU A N   1 
ATOM   231 C  CA  . GLU A 1 31 ? 1.813   -7.966  12.446  1.00 35.60  ? 31   GLU A CA  1 
ATOM   232 C  C   . GLU A 1 31 ? 3.320   -8.216  12.550  1.00 52.16  ? 31   GLU A C   1 
ATOM   233 O  O   . GLU A 1 31 ? 3.779   -9.362  12.420  1.00 49.05  ? 31   GLU A O   1 
ATOM   234 C  CB  . GLU A 1 31 ? 1.205   -8.429  11.092  1.00 32.36  ? 31   GLU A CB  1 
ATOM   235 C  CG  . GLU A 1 31 ? -0.334  -8.630  11.189  1.00 42.97  ? 31   GLU A CG  1 
ATOM   236 C  CD  . GLU A 1 31 ? -0.783  -9.582  12.291  1.00 67.41  ? 31   GLU A CD  1 
ATOM   237 O  OE1 . GLU A 1 31 ? -0.239  -10.645 12.535  1.00 80.04  ? 31   GLU A OE1 1 
ATOM   238 O  OE2 . GLU A 1 31 ? -1.740  -9.103  13.053  1.00 80.93  ? 31   GLU A OE2 1 
ATOM   239 N  N   . GLY A 1 32 ? 4.115   -7.138  12.747  1.00 36.45  ? 32   GLY A N   1 
ATOM   240 C  CA  . GLY A 1 32 ? 5.562   -7.261  12.861  1.00 31.78  ? 32   GLY A CA  1 
ATOM   241 C  C   . GLY A 1 32 ? 6.347   -7.199  11.588  1.00 31.69  ? 32   GLY A C   1 
ATOM   242 O  O   . GLY A 1 32 ? 7.469   -7.667  11.546  1.00 34.57  ? 32   GLY A O   1 
ATOM   243 N  N   . ILE A 1 33 ? 5.763   -6.623  10.523  1.00 35.35  ? 33   ILE A N   1 
ATOM   244 C  CA  . ILE A 1 33 ? 6.407   -6.510  9.208   1.00 28.42  ? 33   ILE A CA  1 
ATOM   245 C  C   . ILE A 1 33 ? 7.149   -5.173  9.061   1.00 33.98  ? 33   ILE A C   1 
ATOM   246 O  O   . ILE A 1 33 ? 6.602   -4.131  9.379   1.00 32.45  ? 33   ILE A O   1 
ATOM   247 C  CB  . ILE A 1 33 ? 5.391   -6.608  8.074   1.00 31.00  ? 33   ILE A CB  1 
ATOM   248 C  CG1 . ILE A 1 33 ? 4.525   -7.880  8.116   1.00 47.25  ? 33   ILE A CG1 1 
ATOM   249 C  CG2 . ILE A 1 33 ? 5.996   -6.526  6.666   1.00 27.16  ? 33   ILE A CG2 1 
ATOM   250 C  CD1 . ILE A 1 33 ? 3.629   -7.910  6.860   1.00 51.98  ? 33   ILE A CD1 1 
ATOM   251 N  N   . ASP A 1 34 ? 8.363   -5.166  8.538   1.00 31.29  ? 34   ASP A N   1 
ATOM   252 C  CA  . ASP A 1 34 ? 9.042   -3.893  8.355   1.00 34.35  ? 34   ASP A CA  1 
ATOM   253 C  C   . ASP A 1 34 ? 8.902   -3.385  6.925   1.00 43.06  ? 34   ASP A C   1 
ATOM   254 O  O   . ASP A 1 34 ? 9.465   -3.964  5.997   1.00 33.14  ? 34   ASP A O   1 
ATOM   255 C  CB  . ASP A 1 34 ? 10.528  -4.090  8.661   1.00 38.16  ? 34   ASP A CB  1 
ATOM   256 C  CG  . ASP A 1 34 ? 11.312  -2.818  8.607   1.00 60.77  ? 34   ASP A CG  1 
ATOM   257 O  OD1 . ASP A 1 34 ? 10.860  -1.749  8.260   1.00 67.71  ? 34   ASP A OD1 1 
ATOM   258 O  OD2 . ASP A 1 34 ? 12.560  -2.988  8.950   1.00 100.00 ? 34   ASP A OD2 1 
ATOM   259 N  N   . LEU A 1 35 ? 8.176   -2.287  6.742   1.00 25.84  ? 35   LEU A N   1 
ATOM   260 C  CA  . LEU A 1 35 ? 7.982   -1.691  5.438   1.00 25.49  ? 35   LEU A CA  1 
ATOM   261 C  C   . LEU A 1 35 ? 8.640   -0.285  5.389   1.00 30.02  ? 35   LEU A C   1 
ATOM   262 O  O   . LEU A 1 35 ? 8.735   0.455   6.354   1.00 30.20  ? 35   LEU A O   1 
ATOM   263 C  CB  . LEU A 1 35 ? 6.475   -1.575  5.040   1.00 29.86  ? 35   LEU A CB  1 
ATOM   264 C  CG  . LEU A 1 35 ? 5.656   -2.900  4.895   1.00 34.99  ? 35   LEU A CG  1 
ATOM   265 C  CD1 . LEU A 1 35 ? 4.224   -2.565  4.382   1.00 25.92  ? 35   LEU A CD1 1 
ATOM   266 C  CD2 . LEU A 1 35 ? 6.374   -3.833  3.877   1.00 28.46  ? 35   LEU A CD2 1 
ATOM   267 N  N   . PRO A 1 36 ? 9.056   0.145   4.267   1.00 24.98  ? 36   PRO A N   1 
ATOM   268 C  CA  . PRO A 1 36 ? 9.611   1.510   4.280   1.00 27.92  ? 36   PRO A CA  1 
ATOM   269 C  C   . PRO A 1 36 ? 8.538   2.608   4.442   1.00 34.05  ? 36   PRO A C   1 
ATOM   270 O  O   . PRO A 1 36 ? 7.370   2.579   3.915   1.00 24.43  ? 36   PRO A O   1 
ATOM   271 C  CB  . PRO A 1 36 ? 10.236  1.681   2.874   1.00 25.14  ? 36   PRO A CB  1 
ATOM   272 C  CG  . PRO A 1 36 ? 9.850   0.462   2.023   1.00 33.38  ? 36   PRO A CG  1 
ATOM   273 C  CD  . PRO A 1 36 ? 9.123   -0.519  2.917   1.00 27.27  ? 36   PRO A CD  1 
ATOM   274 N  N   . TYR A 1 37 ? 9.005   3.690   5.065   1.00 24.54  ? 37   TYR A N   1 
ATOM   275 C  CA  . TYR A 1 37 ? 8.174   4.875   5.132   1.00 24.90  ? 37   TYR A CA  1 
ATOM   276 C  C   . TYR A 1 37 ? 9.024   6.099   5.505   1.00 44.09  ? 37   TYR A C   1 
ATOM   277 O  O   . TYR A 1 37 ? 10.163  5.972   5.945   1.00 28.24  ? 37   TYR A O   1 
ATOM   278 C  CB  . TYR A 1 37 ? 7.046   4.878   6.136   1.00 18.81  ? 37   TYR A CB  1 
ATOM   279 C  CG  . TYR A 1 37 ? 7.589   4.788   7.560   1.00 24.63  ? 37   TYR A CG  1 
ATOM   280 C  CD1 . TYR A 1 37 ? 7.920   3.548   8.129   1.00 26.04  ? 37   TYR A CD1 1 
ATOM   281 C  CD2 . TYR A 1 37 ? 7.748   5.927   8.353   1.00 29.97  ? 37   TYR A CD2 1 
ATOM   282 C  CE1 . TYR A 1 37 ? 8.404   3.437   9.431   1.00 30.23  ? 37   TYR A CE1 1 
ATOM   283 C  CE2 . TYR A 1 37 ? 8.209   5.832   9.671   1.00 24.88  ? 37   TYR A CE2 1 
ATOM   284 C  CZ  . TYR A 1 37 ? 8.550   4.594   10.212  1.00 30.95  ? 37   TYR A CZ  1 
ATOM   285 O  OH  . TYR A 1 37 ? 8.990   4.504   11.521  1.00 38.22  ? 37   TYR A OH  1 
ATOM   286 N  N   . SER A 1 38 ? 8.428   7.288   5.357   1.00 29.18  ? 38   SER A N   1 
ATOM   287 C  CA  . SER A 1 38 ? 9.076   8.519   5.801   1.00 32.26  ? 38   SER A CA  1 
ATOM   288 C  C   . SER A 1 38 ? 8.060   9.525   6.430   1.00 25.30  ? 38   SER A C   1 
ATOM   289 O  O   . SER A 1 38 ? 8.006   9.590   7.680   1.00 25.32  ? 38   SER A O   1 
ATOM   290 C  CB  . SER A 1 38 ? 10.145  9.079   4.865   1.00 22.00  ? 38   SER A CB  1 
ATOM   291 O  OG  . SER A 1 38 ? 9.491   9.701   3.804   1.00 33.52  ? 38   SER A OG  1 
ATOM   292 N  N   . CYS A 1 39 ? 7.292   10.218  5.566   1.00 23.71  ? 39   CYS A N   1 
ATOM   293 C  CA  . CYS A 1 39 ? 6.354   11.238  6.027   1.00 26.55  ? 39   CYS A CA  1 
ATOM   294 C  C   . CYS A 1 39 ? 5.137   10.672  6.718   1.00 34.48  ? 39   CYS A C   1 
ATOM   295 O  O   . CYS A 1 39 ? 4.567   11.329  7.588   1.00 26.18  ? 39   CYS A O   1 
ATOM   296 C  CB  . CYS A 1 39 ? 5.905   12.207  4.887   1.00 29.83  ? 39   CYS A CB  1 
ATOM   297 S  SG  . CYS A 1 39 ? 4.677   11.446  3.727   1.00 29.79  ? 39   CYS A SG  1 
ATOM   298 N  N   . ARG A 1 40 ? 4.690   9.451   6.295   1.00 24.58  ? 40   ARG A N   1 
ATOM   299 C  CA  . ARG A 1 40 ? 3.458   8.866   6.898   1.00 28.18  ? 40   ARG A CA  1 
ATOM   300 C  C   . ARG A 1 40 ? 2.229   9.773   6.654   1.00 30.09  ? 40   ARG A C   1 
ATOM   301 O  O   . ARG A 1 40 ? 1.225   9.591   7.327   1.00 31.35  ? 40   ARG A O   1 
ATOM   302 C  CB  . ARG A 1 40 ? 3.503   8.322   8.349   1.00 26.06  ? 40   ARG A CB  1 
ATOM   303 C  CG  . ARG A 1 40 ? 4.736   7.456   8.635   1.00 26.48  ? 40   ARG A CG  1 
ATOM   304 C  CD  . ARG A 1 40 ? 4.761   6.908   10.062  1.00 29.25  ? 40   ARG A CD  1 
ATOM   305 N  NE  . ARG A 1 40 ? 3.661   5.939   10.356  1.00 29.50  ? 40   ARG A NE  1 
ATOM   306 C  CZ  . ARG A 1 40 ? 3.822   4.607   10.450  1.00 24.32  ? 40   ARG A CZ  1 
ATOM   307 N  NH1 . ARG A 1 40 ? 5.013   4.011   10.288  1.00 22.08  ? 40   ARG A NH1 1 
ATOM   308 N  NH2 . ARG A 1 40 ? 2.721   3.913   10.704  1.00 24.44  ? 40   ARG A NH2 1 
ATOM   309 N  N   . ALA A 1 41 ? 2.282   10.740  5.723   1.00 30.98  ? 41   ALA A N   1 
ATOM   310 C  CA  . ALA A 1 41 ? 1.105   11.614  5.555   1.00 35.10  ? 41   ALA A CA  1 
ATOM   311 C  C   . ALA A 1 41 ? 0.602   11.616  4.117   1.00 32.60  ? 41   ALA A C   1 
ATOM   312 O  O   . ALA A 1 41 ? 0.059   12.620  3.713   1.00 33.61  ? 41   ALA A O   1 
ATOM   313 C  CB  . ALA A 1 41 ? 1.495   13.044  5.915   1.00 32.00  ? 41   ALA A CB  1 
ATOM   314 N  N   . GLY A 1 42 ? 0.952   10.623  3.254   1.00 37.71  ? 42   GLY A N   1 
ATOM   315 C  CA  . GLY A 1 42 ? 0.520   10.644  1.822   1.00 32.94  ? 42   GLY A CA  1 
ATOM   316 C  C   . GLY A 1 42 ? 1.076   11.732  0.869   1.00 33.79  ? 42   GLY A C   1 
ATOM   317 O  O   . GLY A 1 42 ? 0.482   12.098  -0.195  1.00 27.19  ? 42   GLY A O   1 
ATOM   318 N  N   . SER A 1 43 ? 2.282   12.232  1.207   1.00 29.21  ? 43   SER A N   1 
ATOM   319 C  CA  . SER A 1 43 ? 2.717   13.233  0.331   1.00 27.72  ? 43   SER A CA  1 
ATOM   320 C  C   . SER A 1 43 ? 4.068   12.917  -0.254  1.00 36.35  ? 43   SER A C   1 
ATOM   321 O  O   . SER A 1 43 ? 4.709   13.815  -0.836  1.00 37.69  ? 43   SER A O   1 
ATOM   322 C  CB  . SER A 1 43 ? 2.647   14.577  1.064   1.00 41.18  ? 43   SER A CB  1 
ATOM   323 O  OG  . SER A 1 43 ? 3.688   14.608  1.990   1.00 37.35  ? 43   SER A OG  1 
ATOM   324 N  N   . CYS A 1 44 ? 4.521   11.665  -0.097  1.00 24.01  ? 44   CYS A N   1 
ATOM   325 C  CA  . CYS A 1 44 ? 5.837   11.363  -0.632  1.00 26.72  ? 44   CYS A CA  1 
ATOM   326 C  C   . CYS A 1 44 ? 5.929   10.016  -1.391  1.00 34.67  ? 44   CYS A C   1 
ATOM   327 O  O   . CYS A 1 44 ? 4.881   9.385   -1.494  1.00 30.25  ? 44   CYS A O   1 
ATOM   328 C  CB  . CYS A 1 44 ? 6.928   11.468  0.461   1.00 22.69  ? 44   CYS A CB  1 
ATOM   329 S  SG  . CYS A 1 44 ? 7.225   10.025  1.455   1.00 24.81  ? 44   CYS A SG  1 
ATOM   330 N  N   . SER A 1 45 ? 7.100   9.608   -1.964  1.00 24.73  ? 45   SER A N   1 
ATOM   331 C  CA  . SER A 1 45 ? 7.153   8.333   -2.707  1.00 26.39  ? 45   SER A CA  1 
ATOM   332 C  C   . SER A 1 45 ? 7.683   7.180   -1.850  1.00 30.37  ? 45   SER A C   1 
ATOM   333 O  O   . SER A 1 45 ? 7.813   6.017   -2.244  1.00 28.25  ? 45   SER A O   1 
ATOM   334 C  CB  . SER A 1 45 ? 8.003   8.512   -3.930  1.00 27.38  ? 45   SER A CB  1 
ATOM   335 O  OG  . SER A 1 45 ? 9.347   8.787   -3.472  1.00 29.38  ? 45   SER A OG  1 
ATOM   336 N  N   . SER A 1 46 ? 8.102   7.485   -0.634  1.00 21.91  ? 46   SER A N   1 
ATOM   337 C  CA  . SER A 1 46 ? 8.746   6.457   0.133   1.00 21.12  ? 46   SER A CA  1 
ATOM   338 C  C   . SER A 1 46 ? 8.010   5.132   0.318   1.00 25.42  ? 46   SER A C   1 
ATOM   339 O  O   . SER A 1 46 ? 8.701   4.132   0.439   1.00 26.31  ? 46   SER A O   1 
ATOM   340 C  CB  . SER A 1 46 ? 9.179   6.923   1.544   1.00 28.46  ? 46   SER A CB  1 
ATOM   341 O  OG  . SER A 1 46 ? 10.149  7.930   1.376   1.00 36.10  ? 46   SER A OG  1 
ATOM   342 N  N   . CYS A 1 47 ? 6.720   5.139   0.643   1.00 21.93  ? 47   CYS A N   1 
ATOM   343 C  CA  . CYS A 1 47 ? 6.034   3.906   0.976   1.00 21.80  ? 47   CYS A CA  1 
ATOM   344 C  C   . CYS A 1 47 ? 5.349   3.308   -0.273  1.00 21.02  ? 47   CYS A C   1 
ATOM   345 O  O   . CYS A 1 47 ? 4.400   2.523   -0.155  1.00 23.37  ? 47   CYS A O   1 
ATOM   346 C  CB  . CYS A 1 47 ? 4.929   4.247   1.993   1.00 20.46  ? 47   CYS A CB  1 
ATOM   347 S  SG  . CYS A 1 47 ? 3.715   5.376   1.297   1.00 24.27  ? 47   CYS A SG  1 
ATOM   348 N  N   . ALA A 1 48 ? 5.766   3.740   -1.427  1.00 23.57  ? 48   ALA A N   1 
ATOM   349 C  CA  . ALA A 1 48 ? 5.098   3.284   -2.702  1.00 27.12  ? 48   ALA A CA  1 
ATOM   350 C  C   . ALA A 1 48 ? 5.160   1.755   -2.912  1.00 23.33  ? 48   ALA A C   1 
ATOM   351 O  O   . ALA A 1 48 ? 6.217   1.081   -2.728  1.00 22.29  ? 48   ALA A O   1 
ATOM   352 C  CB  . ALA A 1 48 ? 5.586   4.008   -3.963  1.00 23.21  ? 48   ALA A CB  1 
ATOM   353 N  N   . GLY A 1 49 ? 4.056   1.316   -3.461  1.00 26.74  ? 49   GLY A N   1 
ATOM   354 C  CA  . GLY A 1 49 ? 3.870   -0.067  -3.913  1.00 29.02  ? 49   GLY A CA  1 
ATOM   355 C  C   . GLY A 1 49 ? 3.088   -0.040  -5.284  1.00 28.23  ? 49   GLY A C   1 
ATOM   356 O  O   . GLY A 1 49 ? 2.596   1.020   -5.785  1.00 20.19  ? 49   GLY A O   1 
ATOM   357 N  N   . LYS A 1 50 ? 2.890   -1.273  -5.861  1.00 22.94  ? 50   LYS A N   1 
ATOM   358 C  CA  . LYS A 1 50 ? 2.121   -1.458  -7.148  1.00 21.93  ? 50   LYS A CA  1 
ATOM   359 C  C   . LYS A 1 50 ? 0.983   -2.499  -6.815  1.00 27.46  ? 50   LYS A C   1 
ATOM   360 O  O   . LYS A 1 50 ? 1.264   -3.612  -6.258  1.00 22.40  ? 50   LYS A O   1 
ATOM   361 C  CB  . LYS A 1 50 ? 3.030   -1.976  -8.299  1.00 22.08  ? 50   LYS A CB  1 
ATOM   362 C  CG  . LYS A 1 50 ? 3.735   -0.840  -9.032  1.00 70.03  ? 50   LYS A CG  1 
ATOM   363 C  CD  . LYS A 1 50 ? 3.008   -0.291  -10.263 1.00 70.65  ? 50   LYS A CD  1 
ATOM   364 C  CE  . LYS A 1 50 ? 3.819   -0.602  -11.523 1.00 95.81  ? 50   LYS A CE  1 
ATOM   365 N  NZ  . LYS A 1 50 ? 3.130   -0.439  -12.814 1.00 100.00 ? 50   LYS A NZ  1 
ATOM   366 N  N   . LEU A 1 51 ? -0.272  -2.064  -7.026  1.00 23.93  ? 51   LEU A N   1 
ATOM   367 C  CA  . LEU A 1 51 ? -1.459  -2.919  -6.757  1.00 22.04  ? 51   LEU A CA  1 
ATOM   368 C  C   . LEU A 1 51 ? -1.548  -3.932  -7.963  1.00 26.89  ? 51   LEU A C   1 
ATOM   369 O  O   . LEU A 1 51 ? -1.564  -3.634  -9.167  1.00 26.02  ? 51   LEU A O   1 
ATOM   370 C  CB  . LEU A 1 51 ? -2.670  -2.001  -6.777  1.00 23.42  ? 51   LEU A CB  1 
ATOM   371 C  CG  . LEU A 1 51 ? -3.970  -2.756  -6.854  1.00 26.07  ? 51   LEU A CG  1 
ATOM   372 C  CD1 . LEU A 1 51 ? -4.269  -3.344  -5.506  1.00 32.32  ? 51   LEU A CD1 1 
ATOM   373 C  CD2 . LEU A 1 51 ? -5.124  -1.826  -7.126  1.00 35.33  ? 51   LEU A CD2 1 
ATOM   374 N  N   . LYS A 1 52 ? -1.482  -5.178  -7.615  1.00 24.44  ? 52   LYS A N   1 
ATOM   375 C  CA  . LYS A 1 52 ? -1.552  -6.244  -8.591  1.00 23.16  ? 52   LYS A CA  1 
ATOM   376 C  C   . LYS A 1 52 ? -3.000  -6.745  -8.801  1.00 30.50  ? 52   LYS A C   1 
ATOM   377 O  O   . LYS A 1 52 ? -3.513  -6.859  -9.956  1.00 32.15  ? 52   LYS A O   1 
ATOM   378 C  CB  . LYS A 1 52 ? -0.672  -7.351  -8.073  1.00 24.68  ? 52   LYS A CB  1 
ATOM   379 C  CG  . LYS A 1 52 ? 0.731   -6.774  -7.875  1.00 61.41  ? 52   LYS A CG  1 
ATOM   380 C  CD  . LYS A 1 52 ? 1.296   -6.331  -9.206  1.00 88.91  ? 52   LYS A CD  1 
ATOM   381 C  CE  . LYS A 1 52 ? 2.321   -5.222  -9.156  1.00 99.36  ? 52   LYS A CE  1 
ATOM   382 N  NZ  . LYS A 1 52 ? 3.116   -5.187  -10.402 1.00 100.00 ? 52   LYS A NZ  1 
ATOM   383 N  N   . THR A 1 53 ? -3.692  -6.923  -7.701  1.00 22.25  ? 53   THR A N   1 
ATOM   384 C  CA  . THR A 1 53 ? -5.075  -7.426  -7.733  1.00 24.34  ? 53   THR A CA  1 
ATOM   385 C  C   . THR A 1 53 ? -5.965  -6.839  -6.641  1.00 27.89  ? 53   THR A C   1 
ATOM   386 O  O   . THR A 1 53 ? -5.516  -6.776  -5.493  1.00 28.95  ? 53   THR A O   1 
ATOM   387 C  CB  . THR A 1 53 ? -5.026  -8.936  -7.323  1.00 31.58  ? 53   THR A CB  1 
ATOM   388 O  OG1 . THR A 1 53 ? -4.059  -9.650  -8.066  1.00 36.65  ? 53   THR A OG1 1 
ATOM   389 C  CG2 . THR A 1 53 ? -6.412  -9.489  -7.552  1.00 28.92  ? 53   THR A CG2 1 
ATOM   390 N  N   . GLY A 1 54 ? -7.200  -6.486  -6.930  1.00 23.82  ? 54   GLY A N   1 
ATOM   391 C  CA  . GLY A 1 54 ? -8.057  -5.962  -5.869  1.00 22.96  ? 54   GLY A CA  1 
ATOM   392 C  C   . GLY A 1 54 ? -8.370  -4.422  -6.020  1.00 21.97  ? 54   GLY A C   1 
ATOM   393 O  O   . GLY A 1 54 ? -7.987  -3.763  -6.983  1.00 25.52  ? 54   GLY A O   1 
ATOM   394 N  N   . SER A 1 55 ? -9.029  -3.848  -5.001  1.00 25.22  ? 55   SER A N   1 
ATOM   395 C  CA  . SER A 1 55 ? -9.403  -2.451  -4.981  1.00 28.49  ? 55   SER A CA  1 
ATOM   396 C  C   . SER A 1 55 ? -8.957  -1.808  -3.653  1.00 24.34  ? 55   SER A C   1 
ATOM   397 O  O   . SER A 1 55 ? -8.904  -2.472  -2.609  1.00 27.68  ? 55   SER A O   1 
ATOM   398 C  CB  . SER A 1 55 ? -10.942 -2.392  -4.928  1.00 29.79  ? 55   SER A CB  1 
ATOM   399 O  OG  . SER A 1 55 ? -11.493 -3.103  -6.026  1.00 41.45  ? 55   SER A OG  1 
ATOM   400 N  N   . LEU A 1 56 ? -8.681  -0.520  -3.713  1.00 26.66  ? 56   LEU A N   1 
ATOM   401 C  CA  . LEU A 1 56 ? -8.244  0.264   -2.538  1.00 25.62  ? 56   LEU A CA  1 
ATOM   402 C  C   . LEU A 1 56 ? -8.941  1.617   -2.491  1.00 30.33  ? 56   LEU A C   1 
ATOM   403 O  O   . LEU A 1 56 ? -9.436  2.110   -3.502  1.00 29.36  ? 56   LEU A O   1 
ATOM   404 C  CB  . LEU A 1 56 ? -6.767  0.664   -2.660  1.00 26.75  ? 56   LEU A CB  1 
ATOM   405 C  CG  . LEU A 1 56 ? -5.782  -0.491  -2.779  1.00 34.83  ? 56   LEU A CG  1 
ATOM   406 C  CD1 . LEU A 1 56 ? -4.414  -0.041  -3.314  1.00 29.42  ? 56   LEU A CD1 1 
ATOM   407 C  CD2 . LEU A 1 56 ? -5.509  -1.161  -1.435  1.00 28.43  ? 56   LEU A CD2 1 
ATOM   408 N  N   . ASN A 1 57 ? -8.967  2.206   -1.313  1.00 28.09  ? 57   ASN A N   1 
ATOM   409 C  CA  . ASN A 1 57 ? -9.446  3.593   -1.159  1.00 24.87  ? 57   ASN A CA  1 
ATOM   410 C  C   . ASN A 1 57 ? -8.211  4.430   -0.802  1.00 23.91  ? 57   ASN A C   1 
ATOM   411 O  O   . ASN A 1 57 ? -7.618  4.232   0.274   1.00 25.64  ? 57   ASN A O   1 
ATOM   412 C  CB  . ASN A 1 57 ? -10.519 3.696   -0.068  1.00 26.11  ? 57   ASN A CB  1 
ATOM   413 C  CG  . ASN A 1 57 ? -10.921 5.147   0.261   1.00 35.12  ? 57   ASN A CG  1 
ATOM   414 O  OD1 . ASN A 1 57 ? -10.239 6.092   -0.142  1.00 40.95  ? 57   ASN A OD1 1 
ATOM   415 N  ND2 . ASN A 1 57 ? -11.999 5.384   0.988   1.00 41.01  ? 57   ASN A ND2 1 
ATOM   416 N  N   . GLN A 1 58 ? -7.848  5.323   -1.735  1.00 27.37  ? 58   GLN A N   1 
ATOM   417 C  CA  . GLN A 1 58 ? -6.639  6.191   -1.613  1.00 31.76  ? 58   GLN A CA  1 
ATOM   418 C  C   . GLN A 1 58 ? -6.998  7.694   -1.461  1.00 34.04  ? 58   GLN A C   1 
ATOM   419 O  O   . GLN A 1 58 ? -6.197  8.595   -1.721  1.00 29.19  ? 58   GLN A O   1 
ATOM   420 C  CB  . GLN A 1 58 ? -5.716  5.995   -2.825  1.00 25.80  ? 58   GLN A CB  1 
ATOM   421 C  CG  . GLN A 1 58 ? -5.004  4.629   -2.819  1.00 28.40  ? 58   GLN A CG  1 
ATOM   422 C  CD  . GLN A 1 58 ? -3.740  4.587   -3.688  1.00 47.72  ? 58   GLN A CD  1 
ATOM   423 O  OE1 . GLN A 1 58 ? -3.794  4.145   -4.838  1.00 34.30  ? 58   GLN A OE1 1 
ATOM   424 N  NE2 . GLN A 1 58 ? -2.591  5.025   -3.206  1.00 26.13  ? 58   GLN A NE2 1 
ATOM   425 N  N   . ASP A 1 59 ? -8.221  7.985   -1.023  1.00 36.72  ? 59   ASP A N   1 
ATOM   426 C  CA  . ASP A 1 59 ? -8.645  9.384   -0.863  1.00 38.66  ? 59   ASP A CA  1 
ATOM   427 C  C   . ASP A 1 59 ? -7.720  10.233  -0.016  1.00 35.94  ? 59   ASP A C   1 
ATOM   428 O  O   . ASP A 1 59 ? -7.603  11.430  -0.265  1.00 39.04  ? 59   ASP A O   1 
ATOM   429 C  CB  . ASP A 1 59 ? -9.972  9.399   -0.092  1.00 42.70  ? 59   ASP A CB  1 
ATOM   430 C  CG  . ASP A 1 59 ? -11.123 8.902   -0.905  1.00 46.32  ? 59   ASP A CG  1 
ATOM   431 O  OD1 . ASP A 1 59 ? -11.087 8.843   -2.109  1.00 38.83  ? 59   ASP A OD1 1 
ATOM   432 O  OD2 . ASP A 1 59 ? -12.222 8.802   -0.211  1.00 59.49  ? 59   ASP A OD2 1 
ATOM   433 N  N   . ASP A 1 60 ? -7.166  9.650   1.053   1.00 24.98  ? 60   ASP A N   1 
ATOM   434 C  CA  . ASP A 1 60 ? -6.308  10.424  1.921   1.00 24.28  ? 60   ASP A CA  1 
ATOM   435 C  C   . ASP A 1 60 ? -4.948  10.689  1.297   1.00 40.65  ? 60   ASP A C   1 
ATOM   436 O  O   . ASP A 1 60 ? -4.144  11.312  1.959   1.00 43.03  ? 60   ASP A O   1 
ATOM   437 C  CB  . ASP A 1 60 ? -6.057  9.640   3.211   1.00 27.18  ? 60   ASP A CB  1 
ATOM   438 C  CG  . ASP A 1 60 ? -7.343  9.583   3.983   1.00 57.16  ? 60   ASP A CG  1 
ATOM   439 O  OD1 . ASP A 1 60 ? -8.322  10.227  3.646   1.00 51.58  ? 60   ASP A OD1 1 
ATOM   440 O  OD2 . ASP A 1 60 ? -7.324  8.769   5.021   1.00 41.88  ? 60   ASP A OD2 1 
ATOM   441 N  N   . GLN A 1 61 ? -4.568  10.151  0.142   1.00 27.55  ? 61   GLN A N   1 
ATOM   442 C  CA  . GLN A 1 61 ? -3.226  10.443  -0.333  1.00 30.08  ? 61   GLN A CA  1 
ATOM   443 C  C   . GLN A 1 61 ? -3.202  11.737  -1.205  1.00 40.72  ? 61   GLN A C   1 
ATOM   444 O  O   . GLN A 1 61 ? -4.205  12.083  -1.826  1.00 34.19  ? 61   GLN A O   1 
ATOM   445 C  CB  . GLN A 1 61 ? -2.755  9.242   -1.134  1.00 33.63  ? 61   GLN A CB  1 
ATOM   446 C  CG  . GLN A 1 61 ? -3.253  9.215   -2.599  1.00 25.93  ? 61   GLN A CG  1 
ATOM   447 C  CD  . GLN A 1 61 ? -2.447  10.084  -3.523  1.00 28.73  ? 61   GLN A CD  1 
ATOM   448 O  OE1 . GLN A 1 61 ? -1.233  10.166  -3.390  1.00 30.35  ? 61   GLN A OE1 1 
ATOM   449 N  NE2 . GLN A 1 61 ? -3.057  10.532  -4.629  1.00 35.06  ? 61   GLN A NE2 1 
ATOM   450 N  N   . SER A 1 62 ? -2.097  12.489  -1.351  1.00 27.75  ? 62   SER A N   1 
ATOM   451 C  CA  . SER A 1 62 ? -2.145  13.695  -2.219  1.00 30.90  ? 62   SER A CA  1 
ATOM   452 C  C   . SER A 1 62 ? -1.022  13.835  -3.208  1.00 36.75  ? 62   SER A C   1 
ATOM   453 O  O   . SER A 1 62 ? -0.877  14.813  -3.896  1.00 52.66  ? 62   SER A O   1 
ATOM   454 C  CB  . SER A 1 62 ? -2.129  15.016  -1.429  1.00 35.95  ? 62   SER A CB  1 
ATOM   455 O  OG  . SER A 1 62 ? -1.097  14.980  -0.453  1.00 46.21  ? 62   SER A OG  1 
ATOM   456 N  N   . PHE A 1 63 ? -0.144  12.894  -3.245  1.00 29.60  ? 63   PHE A N   1 
ATOM   457 C  CA  . PHE A 1 63 ? 1.002   12.996  -4.109  1.00 27.99  ? 63   PHE A CA  1 
ATOM   458 C  C   . PHE A 1 63 ? 0.806   12.433  -5.520  1.00 31.11  ? 63   PHE A C   1 
ATOM   459 O  O   . PHE A 1 63 ? 1.295   13.004  -6.446  1.00 27.26  ? 63   PHE A O   1 
ATOM   460 C  CB  . PHE A 1 63 ? 2.130   12.291  -3.303  1.00 25.49  ? 63   PHE A CB  1 
ATOM   461 C  CG  . PHE A 1 63 ? 3.392   12.103  -4.083  1.00 30.88  ? 63   PHE A CG  1 
ATOM   462 C  CD1 . PHE A 1 63 ? 4.284   13.163  -4.235  1.00 26.86  ? 63   PHE A CD1 1 
ATOM   463 C  CD2 . PHE A 1 63 ? 3.705   10.879  -4.682  1.00 29.02  ? 63   PHE A CD2 1 
ATOM   464 C  CE1 . PHE A 1 63 ? 5.507   12.990  -4.891  1.00 29.07  ? 63   PHE A CE1 1 
ATOM   465 C  CE2 . PHE A 1 63 ? 4.914   10.703  -5.355  1.00 29.76  ? 63   PHE A CE2 1 
ATOM   466 C  CZ  . PHE A 1 63 ? 5.826   11.760  -5.474  1.00 33.72  ? 63   PHE A CZ  1 
ATOM   467 N  N   . LEU A 1 64 ? 0.196   11.255  -5.723  1.00 25.68  ? 64   LEU A N   1 
ATOM   468 C  CA  . LEU A 1 64 ? 0.121   10.683  -7.073  1.00 24.82  ? 64   LEU A CA  1 
ATOM   469 C  C   . LEU A 1 64 ? -0.943  11.411  -7.877  1.00 26.70  ? 64   LEU A C   1 
ATOM   470 O  O   . LEU A 1 64 ? -1.978  11.773  -7.308  1.00 31.40  ? 64   LEU A O   1 
ATOM   471 C  CB  . LEU A 1 64 ? -0.370  9.186   -6.987  1.00 22.47  ? 64   LEU A CB  1 
ATOM   472 C  CG  . LEU A 1 64 ? 0.540   8.254   -6.143  1.00 29.46  ? 64   LEU A CG  1 
ATOM   473 C  CD1 . LEU A 1 64 ? -0.096  6.861   -5.939  1.00 30.53  ? 64   LEU A CD1 1 
ATOM   474 C  CD2 . LEU A 1 64 ? 1.990   8.098   -6.694  1.00 24.48  ? 64   LEU A CD2 1 
ATOM   475 N  N   . ASP A 1 65 ? -0.712  11.535  -9.175  1.00 28.62  ? 65   ASP A N   1 
ATOM   476 C  CA  . ASP A 1 65 ? -1.696  12.076  -10.121 1.00 34.60  ? 65   ASP A CA  1 
ATOM   477 C  C   . ASP A 1 65 ? -2.694  10.944  -10.575 1.00 41.36  ? 65   ASP A C   1 
ATOM   478 O  O   . ASP A 1 65 ? -2.424  9.749   -10.351 1.00 26.86  ? 65   ASP A O   1 
ATOM   479 C  CB  . ASP A 1 65 ? -0.989  12.865  -11.259 1.00 31.77  ? 65   ASP A CB  1 
ATOM   480 C  CG  . ASP A 1 65 ? -0.364  12.053  -12.339 1.00 47.04  ? 65   ASP A CG  1 
ATOM   481 O  OD1 . ASP A 1 65 ? -0.706  10.934  -12.624 1.00 48.63  ? 65   ASP A OD1 1 
ATOM   482 O  OD2 . ASP A 1 65 ? 0.614   12.659  -12.948 1.00 71.08  ? 65   ASP A OD2 1 
ATOM   483 N  N   . ASP A 1 66 ? -3.846  11.300  -11.176 1.00 31.65  ? 66   ASP A N   1 
ATOM   484 C  CA  . ASP A 1 66 ? -4.831  10.315  -11.600 1.00 33.85  ? 66   ASP A CA  1 
ATOM   485 C  C   . ASP A 1 66 ? -4.226  9.243   -12.485 1.00 38.51  ? 66   ASP A C   1 
ATOM   486 O  O   . ASP A 1 66 ? -4.594  8.066   -12.412 1.00 38.50  ? 66   ASP A O   1 
ATOM   487 C  CB  . ASP A 1 66 ? -6.161  10.909  -12.163 1.00 35.51  ? 66   ASP A CB  1 
ATOM   488 C  CG  . ASP A 1 66 ? -7.021  11.470  -11.052 1.00 95.83  ? 66   ASP A CG  1 
ATOM   489 O  OD1 . ASP A 1 66 ? -7.295  10.831  -10.037 1.00 100.00 ? 66   ASP A OD1 1 
ATOM   490 O  OD2 . ASP A 1 66 ? -7.311  12.749  -11.203 1.00 84.76  ? 66   ASP A OD2 1 
ATOM   491 N  N   . ASP A 1 67 ? -3.265  9.672   -13.305 1.00 33.26  ? 67   ASP A N   1 
ATOM   492 C  CA  . ASP A 1 67 ? -2.570  8.777   -14.224 1.00 33.10  ? 67   ASP A CA  1 
ATOM   493 C  C   . ASP A 1 67 ? -1.750  7.730   -13.512 1.00 45.29  ? 67   ASP A C   1 
ATOM   494 O  O   . ASP A 1 67 ? -1.766  6.547   -13.877 1.00 34.92  ? 67   ASP A O   1 
ATOM   495 C  CB  . ASP A 1 67 ? -1.630  9.506   -15.143 1.00 31.04  ? 67   ASP A CB  1 
ATOM   496 C  CG  . ASP A 1 67 ? -2.325  9.963   -16.409 1.00 90.55  ? 67   ASP A CG  1 
ATOM   497 O  OD1 . ASP A 1 67 ? -3.611  10.033  -16.434 1.00 92.64  ? 67   ASP A OD1 1 
ATOM   498 O  OD2 . ASP A 1 67 ? -1.623  10.270  -17.436 1.00 100.00 ? 67   ASP A OD2 1 
ATOM   499 N  N   . GLN A 1 68 ? -1.036  8.172   -12.522 1.00 38.59  ? 68   GLN A N   1 
ATOM   500 C  CA  . GLN A 1 68 ? -0.199  7.267   -11.763 1.00 32.76  ? 68   GLN A CA  1 
ATOM   501 C  C   . GLN A 1 68 ? -1.084  6.218   -11.070 1.00 26.08  ? 68   GLN A C   1 
ATOM   502 O  O   . GLN A 1 68 ? -0.757  5.023   -11.048 1.00 30.32  ? 68   GLN A O   1 
ATOM   503 C  CB  . GLN A 1 68 ? 0.624   8.053   -10.762 1.00 22.57  ? 68   GLN A CB  1 
ATOM   504 C  CG  . GLN A 1 68 ? 1.844   8.708   -11.413 1.00 26.78  ? 68   GLN A CG  1 
ATOM   505 C  CD  . GLN A 1 68 ? 2.563   9.696   -10.499 1.00 35.57  ? 68   GLN A CD  1 
ATOM   506 O  OE1 . GLN A 1 68 ? 1.916   10.451  -9.778  1.00 29.91  ? 68   GLN A OE1 1 
ATOM   507 N  NE2 . GLN A 1 68 ? 3.883   9.736   -10.487 1.00 29.90  ? 68   GLN A NE2 1 
ATOM   508 N  N   . ILE A 1 69 ? -2.198  6.694   -10.529 1.00 25.11  ? 69   ILE A N   1 
ATOM   509 C  CA  . ILE A 1 69 ? -3.175  5.827   -9.839  1.00 27.87  ? 69   ILE A CA  1 
ATOM   510 C  C   . ILE A 1 69 ? -3.696  4.773   -10.813 1.00 34.66  ? 69   ILE A C   1 
ATOM   511 O  O   . ILE A 1 69 ? -3.771  3.580   -10.485 1.00 29.47  ? 69   ILE A O   1 
ATOM   512 C  CB  . ILE A 1 69 ? -4.361  6.650   -9.329  1.00 32.70  ? 69   ILE A CB  1 
ATOM   513 C  CG1 . ILE A 1 69 ? -3.999  7.542   -8.141  1.00 40.33  ? 69   ILE A CG1 1 
ATOM   514 C  CG2 . ILE A 1 69 ? -5.528  5.782   -8.853  1.00 29.13  ? 69   ILE A CG2 1 
ATOM   515 C  CD1 . ILE A 1 69 ? -3.760  6.754   -6.852  1.00 32.83  ? 69   ILE A CD1 1 
ATOM   516 N  N   . ASP A 1 70 ? -4.035  5.267   -11.981 1.00 31.86  ? 70   ASP A N   1 
ATOM   517 C  CA  . ASP A 1 70 ? -4.528  4.447   -13.089 1.00 38.31  ? 70   ASP A CA  1 
ATOM   518 C  C   . ASP A 1 70 ? -3.479  3.355   -13.434 1.00 40.55  ? 70   ASP A C   1 
ATOM   519 O  O   . ASP A 1 70 ? -3.828  2.202   -13.749 1.00 48.39  ? 70   ASP A O   1 
ATOM   520 C  CB  . ASP A 1 70 ? -4.750  5.350   -14.312 1.00 52.17  ? 70   ASP A CB  1 
ATOM   521 C  CG  . ASP A 1 70 ? -6.115  6.063   -14.351 1.00 55.19  ? 70   ASP A CG  1 
ATOM   522 O  OD1 . ASP A 1 70 ? -6.893  6.052   -13.324 1.00 80.92  ? 70   ASP A OD1 1 
ATOM   523 O  OD2 . ASP A 1 70 ? -6.486  6.678   -15.429 1.00 63.35  ? 70   ASP A OD2 1 
ATOM   524 N  N   . GLU A 1 71 ? -2.197  3.757   -13.364 1.00 34.13  ? 71   GLU A N   1 
ATOM   525 C  CA  . GLU A 1 71 ? -1.028  2.872   -13.663 1.00 34.15  ? 71   GLU A CA  1 
ATOM   526 C  C   . GLU A 1 71 ? -0.930  1.750   -12.615 1.00 30.41  ? 71   GLU A C   1 
ATOM   527 O  O   . GLU A 1 71 ? -0.296  0.708   -12.851 1.00 35.23  ? 71   GLU A O   1 
ATOM   528 C  CB  . GLU A 1 71 ? 0.298   3.670   -13.669 1.00 41.29  ? 71   GLU A CB  1 
ATOM   529 C  CG  . GLU A 1 71 ? 0.717   4.149   -15.073 1.00 64.85  ? 71   GLU A CG  1 
ATOM   530 C  CD  . GLU A 1 71 ? 2.176   3.816   -15.455 1.00 100.00 ? 71   GLU A CD  1 
ATOM   531 O  OE1 . GLU A 1 71 ? 3.061   3.601   -14.541 1.00 55.31  ? 71   GLU A OE1 1 
ATOM   532 O  OE2 . GLU A 1 71 ? 2.524   3.756   -16.702 1.00 100.00 ? 71   GLU A OE2 1 
ATOM   533 N  N   . GLY A 1 72 ? -1.561  2.012   -11.477 1.00 27.79  ? 72   GLY A N   1 
ATOM   534 C  CA  . GLY A 1 72 ? -1.660  1.041   -10.369 1.00 32.80  ? 72   GLY A CA  1 
ATOM   535 C  C   . GLY A 1 72 ? -0.738  1.387   -9.179  1.00 32.09  ? 72   GLY A C   1 
ATOM   536 O  O   . GLY A 1 72 ? -0.496  0.557   -8.289  1.00 25.25  ? 72   GLY A O   1 
ATOM   537 N  N   . TRP A 1 73 ? -0.226  2.608   -9.151  1.00 22.23  ? 73   TRP A N   1 
ATOM   538 C  CA  . TRP A 1 73 ? 0.667   3.035   -8.053  1.00 21.49  ? 73   TRP A CA  1 
ATOM   539 C  C   . TRP A 1 73 ? -0.150  3.235   -6.771  1.00 26.19  ? 73   TRP A C   1 
ATOM   540 O  O   . TRP A 1 73 ? -1.277  3.706   -6.841  1.00 26.06  ? 73   TRP A O   1 
ATOM   541 C  CB  . TRP A 1 73 ? 1.413   4.319   -8.419  1.00 23.52  ? 73   TRP A CB  1 
ATOM   542 C  CG  . TRP A 1 73 ? 2.529   4.078   -9.442  1.00 26.22  ? 73   TRP A CG  1 
ATOM   543 C  CD1 . TRP A 1 73 ? 2.481   4.349   -10.747 1.00 28.20  ? 73   TRP A CD1 1 
ATOM   544 C  CD2 . TRP A 1 73 ? 3.810   3.513   -9.160  1.00 24.95  ? 73   TRP A CD2 1 
ATOM   545 N  NE1 . TRP A 1 73 ? 3.732   3.954   -11.310 1.00 28.21  ? 73   TRP A NE1 1 
ATOM   546 C  CE2 . TRP A 1 73 ? 4.497   3.465   -10.366 1.00 34.89  ? 73   TRP A CE2 1 
ATOM   547 C  CE3 . TRP A 1 73 ? 4.446   3.040   -8.001  1.00 24.84  ? 73   TRP A CE3 1 
ATOM   548 C  CZ2 . TRP A 1 73 ? 5.797   2.963   -10.497 1.00 32.01  ? 73   TRP A CZ2 1 
ATOM   549 C  CZ3 . TRP A 1 73 ? 5.760   2.537   -8.141  1.00 28.18  ? 73   TRP A CZ3 1 
ATOM   550 C  CH2 . TRP A 1 73 ? 6.402   2.500   -9.331  1.00 32.61  ? 73   TRP A CH2 1 
ATOM   551 N  N   . VAL A 1 74 ? 0.416   2.907   -5.569  1.00 23.35  ? 74   VAL A N   1 
ATOM   552 C  CA  . VAL A 1 74 ? -0.276  3.047   -4.282  1.00 26.91  ? 74   VAL A CA  1 
ATOM   553 C  C   . VAL A 1 74 ? 0.695   3.604   -3.237  1.00 21.84  ? 74   VAL A C   1 
ATOM   554 O  O   . VAL A 1 74 ? 1.864   3.177   -3.215  1.00 22.56  ? 74   VAL A O   1 
ATOM   555 C  CB  . VAL A 1 74 ? -0.600  1.638   -3.654  1.00 34.43  ? 74   VAL A CB  1 
ATOM   556 C  CG1 . VAL A 1 74 ? -1.503  1.755   -2.417  1.00 31.94  ? 74   VAL A CG1 1 
ATOM   557 C  CG2 . VAL A 1 74 ? -1.163  0.648   -4.645  1.00 34.41  ? 74   VAL A CG2 1 
ATOM   558 N  N   . LEU A 1 75 ? 0.151   4.425   -2.352  1.00 23.50  ? 75   LEU A N   1 
ATOM   559 C  CA  . LEU A 1 75 ? 0.929   4.895   -1.168  1.00 25.89  ? 75   LEU A CA  1 
ATOM   560 C  C   . LEU A 1 75 ? 0.403   4.143   0.040   1.00 21.88  ? 75   LEU A C   1 
ATOM   561 O  O   . LEU A 1 75 ? -0.749  4.355   0.524   1.00 24.28  ? 75   LEU A O   1 
ATOM   562 C  CB  . LEU A 1 75 ? 0.909   6.442   -0.988  1.00 24.52  ? 75   LEU A CB  1 
ATOM   563 C  CG  . LEU A 1 75 ? 1.499   7.242   -2.170  1.00 29.19  ? 75   LEU A CG  1 
ATOM   564 C  CD1 . LEU A 1 75 ? 1.430   8.790   -1.915  1.00 27.15  ? 75   LEU A CD1 1 
ATOM   565 C  CD2 . LEU A 1 75 ? 2.927   6.795   -2.478  1.00 24.99  ? 75   LEU A CD2 1 
ATOM   566 N  N   . THR A 1 76 ? 1.210   3.173   0.502   1.00 20.95  ? 76   THR A N   1 
ATOM   567 C  CA  . THR A 1 76 ? 0.759   2.287   1.536   1.00 22.14  ? 76   THR A CA  1 
ATOM   568 C  C   . THR A 1 76 ? 0.444   2.956   2.907   1.00 25.69  ? 76   THR A C   1 
ATOM   569 O  O   . THR A 1 76 ? -0.348  2.413   3.656   1.00 20.55  ? 76   THR A O   1 
ATOM   570 C  CB  . THR A 1 76 ? 1.641   1.022   1.686   1.00 29.14  ? 76   THR A CB  1 
ATOM   571 O  OG1 . THR A 1 76 ? 2.889   1.418   2.174   1.00 22.12  ? 76   THR A OG1 1 
ATOM   572 C  CG2 . THR A 1 76 ? 1.762   0.190   0.374   1.00 21.65  ? 76   THR A CG2 1 
ATOM   573 N  N   . CYS A 1 77 ? 1.006   4.164   3.182   1.00 19.42  ? 77   CYS A N   1 
ATOM   574 C  CA  . CYS A 1 77 ? 0.654   4.748   4.468   1.00 23.31  ? 77   CYS A CA  1 
ATOM   575 C  C   . CYS A 1 77 ? -0.722  5.369   4.458   1.00 23.91  ? 77   CYS A C   1 
ATOM   576 O  O   . CYS A 1 77 ? -1.197  5.866   5.483   1.00 27.19  ? 77   CYS A O   1 
ATOM   577 C  CB  . CYS A 1 77 ? 1.704   5.858   4.795   1.00 26.08  ? 77   CYS A CB  1 
ATOM   578 S  SG  . CYS A 1 77 ? 1.670   7.334   3.719   1.00 24.96  ? 77   CYS A SG  1 
ATOM   579 N  N   . ALA A 1 78 ? -1.325  5.474   3.282   1.00 20.23  ? 78   ALA A N   1 
ATOM   580 C  CA  . ALA A 1 78 ? -2.619  6.189   3.189   1.00 26.31  ? 78   ALA A CA  1 
ATOM   581 C  C   . ALA A 1 78 ? -3.739  5.463   2.445   1.00 36.64  ? 78   ALA A C   1 
ATOM   582 O  O   . ALA A 1 78 ? -4.678  6.086   1.931   1.00 30.28  ? 78   ALA A O   1 
ATOM   583 C  CB  . ALA A 1 78 ? -2.414  7.533   2.487   1.00 24.52  ? 78   ALA A CB  1 
ATOM   584 N  N   . ALA A 1 79 ? -3.592  4.137   2.366   1.00 29.72  ? 79   ALA A N   1 
ATOM   585 C  CA  . ALA A 1 79 ? -4.521  3.307   1.602   1.00 32.19  ? 79   ALA A CA  1 
ATOM   586 C  C   . ALA A 1 79 ? -5.295  2.339   2.467   1.00 25.32  ? 79   ALA A C   1 
ATOM   587 O  O   . ALA A 1 79 ? -4.687  1.656   3.316   1.00 24.70  ? 79   ALA A O   1 
ATOM   588 C  CB  . ALA A 1 79 ? -3.762  2.616   0.403   1.00 25.97  ? 79   ALA A CB  1 
ATOM   589 N  N   . TYR A 1 80 ? -6.626  2.313   2.276   1.00 25.90  ? 80   TYR A N   1 
ATOM   590 C  CA  . TYR A 1 80 ? -7.500  1.321   2.926   1.00 24.76  ? 80   TYR A CA  1 
ATOM   591 C  C   . TYR A 1 80 ? -7.897  0.254   1.879   1.00 24.61  ? 80   TYR A C   1 
ATOM   592 O  O   . TYR A 1 80 ? -8.177  0.568   0.707   1.00 25.82  ? 80   TYR A O   1 
ATOM   593 C  CB  . TYR A 1 80 ? -8.817  1.774   3.594   1.00 26.45  ? 80   TYR A CB  1 
ATOM   594 C  CG  . TYR A 1 80 ? -8.639  2.818   4.680   1.00 31.84  ? 80   TYR A CG  1 
ATOM   595 C  CD1 . TYR A 1 80 ? -8.195  2.512   5.974   1.00 34.25  ? 80   TYR A CD1 1 
ATOM   596 C  CD2 . TYR A 1 80 ? -8.924  4.145   4.349   1.00 34.72  ? 80   TYR A CD2 1 
ATOM   597 C  CE1 . TYR A 1 80 ? -8.011  3.526   6.920   1.00 30.56  ? 80   TYR A CE1 1 
ATOM   598 C  CE2 . TYR A 1 80 ? -8.804  5.166   5.291   1.00 30.24  ? 80   TYR A CE2 1 
ATOM   599 C  CZ  . TYR A 1 80 ? -8.370  4.832   6.571   1.00 35.29  ? 80   TYR A CZ  1 
ATOM   600 O  OH  . TYR A 1 80 ? -8.219  5.865   7.437   1.00 51.62  ? 80   TYR A OH  1 
ATOM   601 N  N   . PRO A 1 81 ? -7.894  -1.014  2.306   1.00 27.26  ? 81   PRO A N   1 
ATOM   602 C  CA  . PRO A 1 81 ? -8.315  -2.086  1.372   1.00 29.66  ? 81   PRO A CA  1 
ATOM   603 C  C   . PRO A 1 81 ? -9.839  -2.100  1.265   1.00 31.14  ? 81   PRO A C   1 
ATOM   604 O  O   . PRO A 1 81 ? -10.490 -1.863  2.304   1.00 29.26  ? 81   PRO A O   1 
ATOM   605 C  CB  . PRO A 1 81 ? -7.951  -3.402  2.081   1.00 28.79  ? 81   PRO A CB  1 
ATOM   606 C  CG  . PRO A 1 81 ? -7.765  -3.077  3.567   1.00 31.75  ? 81   PRO A CG  1 
ATOM   607 C  CD  . PRO A 1 81 ? -7.582  -1.566  3.656   1.00 26.94  ? 81   PRO A CD  1 
ATOM   608 N  N   . VAL A 1 82 ? -10.400 -2.270  0.059   1.00 27.18  ? 82   VAL A N   1 
ATOM   609 C  CA  . VAL A 1 82 ? -11.864 -2.379  -0.013  1.00 35.74  ? 82   VAL A CA  1 
ATOM   610 C  C   . VAL A 1 82 ? -12.321 -3.824  -0.359  1.00 42.39  ? 82   VAL A C   1 
ATOM   611 O  O   . VAL A 1 82 ? -13.496 -4.174  -0.489  1.00 34.16  ? 82   VAL A O   1 
ATOM   612 C  CB  . VAL A 1 82 ? -12.617 -1.255  -0.765  1.00 36.83  ? 82   VAL A CB  1 
ATOM   613 C  CG1 . VAL A 1 82 ? -12.436 0.140   -0.169  1.00 37.46  ? 82   VAL A CG1 1 
ATOM   614 C  CG2 . VAL A 1 82 ? -12.296 -1.223  -2.230  1.00 34.29  ? 82   VAL A CG2 1 
ATOM   615 N  N   . SER A 1 83 ? -11.340 -4.681  -0.546  1.00 36.29  ? 83   SER A N   1 
ATOM   616 C  CA  . SER A 1 83 ? -11.489 -6.078  -0.907  1.00 34.79  ? 83   SER A CA  1 
ATOM   617 C  C   . SER A 1 83 ? -10.166 -6.730  -0.607  1.00 35.38  ? 83   SER A C   1 
ATOM   618 O  O   . SER A 1 83 ? -9.217  -6.078  -0.148  1.00 27.25  ? 83   SER A O   1 
ATOM   619 C  CB  . SER A 1 83 ? -11.656 -6.277  -2.422  1.00 30.61  ? 83   SER A CB  1 
ATOM   620 O  OG  . SER A 1 83 ? -10.454 -6.105  -3.223  1.00 28.06  ? 83   SER A OG  1 
ATOM   621 N  N   . ASP A 1 84 ? -10.107 -8.024  -0.895  1.00 26.06  ? 84   ASP A N   1 
ATOM   622 C  CA  . ASP A 1 84 ? -8.834  -8.655  -0.734  1.00 30.29  ? 84   ASP A CA  1 
ATOM   623 C  C   . ASP A 1 84 ? -7.865  -8.045  -1.733  1.00 30.65  ? 84   ASP A C   1 
ATOM   624 O  O   . ASP A 1 84 ? -8.260  -7.722  -2.849  1.00 31.40  ? 84   ASP A O   1 
ATOM   625 C  CB  . ASP A 1 84 ? -8.929  -10.135 -0.998  1.00 29.55  ? 84   ASP A CB  1 
ATOM   626 C  CG  . ASP A 1 84 ? -9.686  -10.812 0.101   1.00 40.79  ? 84   ASP A CG  1 
ATOM   627 O  OD1 . ASP A 1 84 ? -10.025 -10.395 1.235   1.00 34.20  ? 84   ASP A OD1 1 
ATOM   628 O  OD2 . ASP A 1 84 ? -9.921  -11.984 -0.368  1.00 47.36  ? 84   ASP A OD2 1 
ATOM   629 N  N   . VAL A 1 85 ? -6.580  -7.920  -1.403  1.00 22.99  ? 85   VAL A N   1 
ATOM   630 C  CA  . VAL A 1 85 ? -5.675  -7.336  -2.386  1.00 20.82  ? 85   VAL A CA  1 
ATOM   631 C  C   . VAL A 1 85 ? -4.248  -7.936  -2.319  1.00 24.03  ? 85   VAL A C   1 
ATOM   632 O  O   . VAL A 1 85 ? -3.802  -8.462  -1.246  1.00 27.17  ? 85   VAL A O   1 
ATOM   633 C  CB  . VAL A 1 85 ? -5.511  -5.807  -2.161  1.00 28.89  ? 85   VAL A CB  1 
ATOM   634 C  CG1 . VAL A 1 85 ? -6.778  -4.985  -2.387  1.00 26.65  ? 85   VAL A CG1 1 
ATOM   635 C  CG2 . VAL A 1 85 ? -4.883  -5.559  -0.751  1.00 29.90  ? 85   VAL A CG2 1 
ATOM   636 N  N   . THR A 1 86 ? -3.603  -7.880  -3.514  1.00 20.22  ? 86   THR A N   1 
ATOM   637 C  CA  . THR A 1 86 ? -2.234  -8.226  -3.638  1.00 21.23  ? 86   THR A CA  1 
ATOM   638 C  C   . THR A 1 86 ? -1.430  -6.971  -4.031  1.00 25.70  ? 86   THR A C   1 
ATOM   639 O  O   . THR A 1 86 ? -1.750  -6.282  -5.002  1.00 22.59  ? 86   THR A O   1 
ATOM   640 C  CB  . THR A 1 86 ? -1.994  -9.319  -4.645  1.00 23.30  ? 86   THR A CB  1 
ATOM   641 O  OG1 . THR A 1 86 ? -2.799  -10.442 -4.326  1.00 26.36  ? 86   THR A OG1 1 
ATOM   642 C  CG2 . THR A 1 86 ? -0.533  -9.775  -4.684  1.00 22.87  ? 86   THR A CG2 1 
ATOM   643 N  N   . ILE A 1 87 ? -0.381  -6.676  -3.263  1.00 22.97  ? 87   ILE A N   1 
ATOM   644 C  CA  . ILE A 1 87 ? 0.452   -5.472  -3.510  1.00 23.87  ? 87   ILE A CA  1 
ATOM   645 C  C   . ILE A 1 87 ? 1.960   -5.791  -3.486  1.00 19.36  ? 87   ILE A C   1 
ATOM   646 O  O   . ILE A 1 87 ? 2.457   -6.461  -2.582  1.00 24.47  ? 87   ILE A O   1 
ATOM   647 C  CB  . ILE A 1 87 ? 0.204   -4.429  -2.408  1.00 21.55  ? 87   ILE A CB  1 
ATOM   648 C  CG1 . ILE A 1 87 ? -1.205  -3.837  -2.464  1.00 27.50  ? 87   ILE A CG1 1 
ATOM   649 C  CG2 . ILE A 1 87 ? 1.174   -3.247  -2.484  1.00 20.65  ? 87   ILE A CG2 1 
ATOM   650 C  CD1 . ILE A 1 87 ? -1.580  -3.026  -1.221  1.00 31.38  ? 87   ILE A CD1 1 
ATOM   651 N  N   . GLU A 1 88 ? 2.687   -5.312  -4.501  1.00 21.01  ? 88   GLU A N   1 
ATOM   652 C  CA  . GLU A 1 88 ? 4.169   -5.448  -4.520  1.00 22.22  ? 88   GLU A CA  1 
ATOM   653 C  C   . GLU A 1 88 ? 4.740   -4.230  -3.779  1.00 27.78  ? 88   GLU A C   1 
ATOM   654 O  O   . GLU A 1 88 ? 4.453   -3.086  -4.145  1.00 24.12  ? 88   GLU A O   1 
ATOM   655 C  CB  . GLU A 1 88 ? 4.734   -5.443  -5.952  1.00 28.56  ? 88   GLU A CB  1 
ATOM   656 C  CG  . GLU A 1 88 ? 4.116   -6.493  -6.872  1.00 41.70  ? 88   GLU A CG  1 
ATOM   657 C  CD  . GLU A 1 88 ? 4.912   -6.717  -8.165  1.00 48.78  ? 88   GLU A CD  1 
ATOM   658 O  OE1 . GLU A 1 88 ? 5.894   -5.938  -8.469  1.00 55.59  ? 88   GLU A OE1 1 
ATOM   659 O  OE2 . GLU A 1 88 ? 4.594   -7.691  -8.948  1.00 95.14  ? 88   GLU A OE2 1 
ATOM   660 N  N   . THR A 1 89 ? 5.535   -4.477  -2.743  1.00 21.38  ? 89   THR A N   1 
ATOM   661 C  CA  . THR A 1 89 ? 6.099   -3.381  -1.900  1.00 25.41  ? 89   THR A CA  1 
ATOM   662 C  C   . THR A 1 89 ? 7.539   -2.989  -2.345  1.00 30.23  ? 89   THR A C   1 
ATOM   663 O  O   . THR A 1 89 ? 8.104   -3.566  -3.276  1.00 22.22  ? 89   THR A O   1 
ATOM   664 C  CB  . THR A 1 89 ? 6.123   -3.818  -0.427  1.00 24.95  ? 89   THR A CB  1 
ATOM   665 O  OG1 . THR A 1 89 ? 6.963   -4.955  -0.268  1.00 26.36  ? 89   THR A OG1 1 
ATOM   666 C  CG2 . THR A 1 89 ? 4.738   -4.193  0.122   1.00 23.11  ? 89   THR A CG2 1 
ATOM   667 N  N   . HIS A 1 90 ? 8.109   -1.982  -1.655  1.00 29.25  ? 90   HIS A N   1 
ATOM   668 C  CA  . HIS A 1 90 ? 9.499   -1.464  -1.916  1.00 30.89  ? 90   HIS A CA  1 
ATOM   669 C  C   . HIS A 1 90 ? 9.680   -1.107  -3.414  1.00 19.65  ? 90   HIS A C   1 
ATOM   670 O  O   . HIS A 1 90 ? 10.564  -1.643  -4.099  1.00 24.29  ? 90   HIS A O   1 
ATOM   671 C  CB  . HIS A 1 90 ? 10.546  -2.539  -1.595  1.00 23.67  ? 90   HIS A CB  1 
ATOM   672 C  CG  . HIS A 1 90 ? 10.555  -2.969  -0.127  1.00 28.74  ? 90   HIS A CG  1 
ATOM   673 N  ND1 . HIS A 1 90 ? 9.477   -3.625  0.457   1.00 25.05  ? 90   HIS A ND1 1 
ATOM   674 C  CD2 . HIS A 1 90 ? 11.494  -2.840  0.848   1.00 25.95  ? 90   HIS A CD2 1 
ATOM   675 C  CE1 . HIS A 1 90 ? 9.778   -3.868  1.720   1.00 26.62  ? 90   HIS A CE1 1 
ATOM   676 N  NE2 . HIS A 1 90 ? 10.977  -3.405  1.970   1.00 27.96  ? 90   HIS A NE2 1 
ATOM   677 N  N   . LYS A 1 91 ? 8.852   -0.187  -3.914  1.00 21.85  ? 91   LYS A N   1 
ATOM   678 C  CA  . LYS A 1 91 ? 8.874   0.200   -5.352  1.00 24.48  ? 91   LYS A CA  1 
ATOM   679 C  C   . LYS A 1 91 ? 9.209   1.686   -5.577  1.00 22.53  ? 91   LYS A C   1 
ATOM   680 O  O   . LYS A 1 91 ? 9.126   2.196   -6.705  1.00 24.20  ? 91   LYS A O   1 
ATOM   681 C  CB  . LYS A 1 91 ? 7.497   -0.019  -5.983  1.00 24.74  ? 91   LYS A CB  1 
ATOM   682 C  CG  . LYS A 1 91 ? 7.191   -1.489  -6.259  1.00 33.72  ? 91   LYS A CG  1 
ATOM   683 C  CD  . LYS A 1 91 ? 8.075   -2.086  -7.354  1.00 33.40  ? 91   LYS A CD  1 
ATOM   684 C  CE  . LYS A 1 91 ? 7.835   -3.583  -7.561  1.00 56.58  ? 91   LYS A CE  1 
ATOM   685 N  NZ  . LYS A 1 91 ? 8.286   -4.058  -8.877  1.00 70.22  ? 91   LYS A NZ  1 
ATOM   686 N  N   . LYS A 1 92 ? 9.588   2.350   -4.510  1.00 29.41  ? 92   LYS A N   1 
ATOM   687 C  CA  . LYS A 1 92 ? 9.901   3.792   -4.538  1.00 29.57  ? 92   LYS A CA  1 
ATOM   688 C  C   . LYS A 1 92 ? 10.873  4.158   -5.669  1.00 31.36  ? 92   LYS A C   1 
ATOM   689 O  O   . LYS A 1 92 ? 10.714  5.183   -6.347  1.00 30.72  ? 92   LYS A O   1 
ATOM   690 C  CB  . LYS A 1 92 ? 10.566  4.220   -3.229  1.00 28.26  ? 92   LYS A CB  1 
ATOM   691 C  CG  . LYS A 1 92 ? 11.445  5.465   -3.387  1.00 42.15  ? 92   LYS A CG  1 
ATOM   692 C  CD  . LYS A 1 92 ? 11.611  6.249   -2.083  1.00 58.10  ? 92   LYS A CD  1 
ATOM   693 C  CE  . LYS A 1 92 ? 13.024  6.150   -1.503  1.00 74.57  ? 92   LYS A CE  1 
ATOM   694 N  NZ  . LYS A 1 92 ? 13.411  7.338   -0.728  1.00 73.77  ? 92   LYS A NZ  1 
ATOM   695 N  N   . GLU A 1 93 ? 11.852  3.311   -5.846  1.00 25.37  ? 93   GLU A N   1 
ATOM   696 C  CA  . GLU A 1 93 ? 12.935  3.540   -6.806  1.00 33.41  ? 93   GLU A CA  1 
ATOM   697 C  C   . GLU A 1 93 ? 12.488  3.285   -8.274  1.00 34.04  ? 93   GLU A C   1 
ATOM   698 O  O   . GLU A 1 93 ? 13.227  3.553   -9.232  1.00 37.10  ? 93   GLU A O   1 
ATOM   699 C  CB  . GLU A 1 93 ? 14.112  2.635   -6.414  1.00 36.08  ? 93   GLU A CB  1 
ATOM   700 C  CG  . GLU A 1 93 ? 15.252  3.397   -5.703  1.00 100.00 ? 93   GLU A CG  1 
ATOM   701 C  CD  . GLU A 1 93 ? 15.265  3.461   -4.148  1.00 100.00 ? 93   GLU A CD  1 
ATOM   702 O  OE1 . GLU A 1 93 ? 14.324  4.068   -3.499  1.00 100.00 ? 93   GLU A OE1 1 
ATOM   703 O  OE2 . GLU A 1 93 ? 16.245  2.930   -3.483  1.00 100.00 ? 93   GLU A OE2 1 
ATOM   704 N  N   . GLU A 1 94 ? 11.276  2.788   -8.467  1.00 33.03  ? 94   GLU A N   1 
ATOM   705 C  CA  . GLU A 1 94 ? 10.780  2.474   -9.829  1.00 33.87  ? 94   GLU A CA  1 
ATOM   706 C  C   . GLU A 1 94 ? 9.729   3.475   -10.302 1.00 30.08  ? 94   GLU A C   1 
ATOM   707 O  O   . GLU A 1 94 ? 9.300   3.456   -11.465 1.00 29.33  ? 94   GLU A O   1 
ATOM   708 C  CB  . GLU A 1 94 ? 10.120  1.102   -9.853  1.00 36.71  ? 94   GLU A CB  1 
ATOM   709 C  CG  . GLU A 1 94 ? 11.112  -0.034  -9.637  1.00 52.81  ? 94   GLU A CG  1 
ATOM   710 C  CD  . GLU A 1 94 ? 10.579  -1.383  -10.113 1.00 100.00 ? 94   GLU A CD  1 
ATOM   711 O  OE1 . GLU A 1 94 ? 9.473   -1.441  -10.774 1.00 57.89  ? 94   GLU A OE1 1 
ATOM   712 O  OE2 . GLU A 1 94 ? 11.236  -2.461  -9.853  1.00 85.85  ? 94   GLU A OE2 1 
ATOM   713 N  N   . LEU A 1 95 ? 9.341   4.322   -9.397  1.00 26.01  ? 95   LEU A N   1 
ATOM   714 C  CA  . LEU A 1 95 ? 8.304   5.310   -9.656  1.00 26.71  ? 95   LEU A CA  1 
ATOM   715 C  C   . LEU A 1 95 ? 8.744   6.354   -10.729 1.00 33.16  ? 95   LEU A C   1 
ATOM   716 O  O   . LEU A 1 95 ? 9.877   6.898   -10.737 1.00 28.74  ? 95   LEU A O   1 
ATOM   717 C  CB  . LEU A 1 95 ? 7.980   6.067   -8.365  1.00 24.05  ? 95   LEU A CB  1 
ATOM   718 C  CG  . LEU A 1 95 ? 6.847   7.080   -8.528  1.00 37.37  ? 95   LEU A CG  1 
ATOM   719 C  CD1 . LEU A 1 95 ? 5.473   6.424   -8.677  1.00 39.22  ? 95   LEU A CD1 1 
ATOM   720 C  CD2 . LEU A 1 95 ? 6.724   8.035   -7.339  1.00 48.43  ? 95   LEU A CD2 1 
ATOM   721 N  N   . THR A 1 96 ? 7.830   6.721   -11.636 1.00 24.29  ? 96   THR A N   1 
ATOM   722 C  CA  . THR A 1 96 ? 8.099   7.727   -12.617 1.00 20.50  ? 96   THR A CA  1 
ATOM   723 C  C   . THR A 1 96 ? 6.795   8.472   -12.849 1.00 29.60  ? 96   THR A C   1 
ATOM   724 O  O   . THR A 1 96 ? 5.718   7.996   -12.384 1.00 27.87  ? 96   THR A O   1 
ATOM   725 C  CB  . THR A 1 96 ? 8.455   7.218   -14.014 1.00 29.55  ? 96   THR A CB  1 
ATOM   726 O  OG1 . THR A 1 96 ? 7.333   6.475   -14.448 1.00 30.05  ? 96   THR A OG1 1 
ATOM   727 C  CG2 . THR A 1 96 ? 9.691   6.411   -14.012 1.00 23.85  ? 96   THR A CG2 1 
ATOM   728 N  N   . ALA A 1 97 ? 6.878   9.658   -13.533 1.00 27.16  ? 97   ALA A N   1 
ATOM   729 C  CA  . ALA A 1 97 ? 5.644   10.422  -13.773 1.00 37.74  ? 97   ALA A CA  1 
ATOM   730 C  C   . ALA A 1 97 ? 4.869   9.962   -14.983 1.00 64.29  ? 97   ALA A C   1 
ATOM   731 O  O   . ALA A 1 97 ? 4.970   10.641  -15.999 1.00 100.00 ? 97   ALA A O   1 
ATOM   732 C  CB  . ALA A 1 97 ? 5.718   11.930  -13.674 1.00 35.84  ? 97   ALA A CB  1 
HETATM 733 FE FE1 . FES B 2 .  ? 5.281   9.549   2.541   1.00 26.97  ? 1602 FES A FE1 1 
HETATM 734 FE FE2 . FES B 2 .  ? 3.677   7.303   2.660   1.00 26.54  ? 1602 FES A FE2 1 
HETATM 735 S  S1  . FES B 2 .  ? 5.582   7.633   3.746   1.00 26.27  ? 1602 FES A S1  1 
HETATM 736 S  S2  . FES B 2 .  ? 3.391   9.175   1.345   1.00 27.47  ? 1602 FES A S2  1 
HETATM 737 O  O   . HOH C 3 .  ? 7.420   -0.055  8.843   1.00 28.40  ? 1603 HOH A O   1 
HETATM 738 O  O   . HOH C 3 .  ? 8.823   1.900   -1.650  1.00 27.63  ? 1604 HOH A O   1 
HETATM 739 O  O   . HOH C 3 .  ? 9.619   11.264  -2.131  1.00 31.32  ? 1605 HOH A O   1 
HETATM 740 O  O   . HOH C 3 .  ? -0.900  0.820   14.279  1.00 31.87  ? 1606 HOH A O   1 
HETATM 741 O  O   . HOH C 3 .  ? 5.872   0.795   2.436   1.00 25.57  ? 1607 HOH A O   1 
HETATM 742 O  O   . HOH C 3 .  ? -7.317  6.903   1.988   1.00 32.70  ? 1608 HOH A O   1 
HETATM 743 O  O   . HOH C 3 .  ? -4.912  -11.411 -0.609  1.00 35.81  ? 1609 HOH A O   1 
HETATM 744 O  O   . HOH C 3 .  ? 6.152   -0.300  0.099   1.00 28.21  ? 1610 HOH A O   1 
HETATM 745 O  O   . HOH C 3 .  ? -12.064 0.426   3.883   1.00 37.77  ? 1611 HOH A O   1 
HETATM 746 O  O   . HOH C 3 .  ? 0.169   5.482   8.254   1.00 37.42  ? 1612 HOH A O   1 
HETATM 747 O  O   . HOH C 3 .  ? 4.240   16.592  -2.016  1.00 41.85  ? 1613 HOH A O   1 
HETATM 748 O  O   . HOH C 3 .  ? -8.476  0.305   -6.508  1.00 39.49  ? 1614 HOH A O   1 
HETATM 749 O  O   . HOH C 3 .  ? 9.192   -7.866  8.000   1.00 43.97  ? 1615 HOH A O   1 
HETATM 750 O  O   . HOH C 3 .  ? -15.763 10.415  -0.129  1.00 75.86  ? 1616 HOH A O   1 
HETATM 751 O  O   . HOH C 3 .  ? -4.568  3.061   10.474  1.00 37.45  ? 1617 HOH A O   1 
HETATM 752 O  O   . HOH C 3 .  ? -3.768  2.558   -7.906  1.00 36.12  ? 1618 HOH A O   1 
HETATM 753 O  O   . HOH C 3 .  ? 10.022  2.066   12.078  1.00 36.05  ? 1619 HOH A O   1 
HETATM 754 O  O   . HOH C 3 .  ? -2.545  -6.666  11.153  1.00 55.68  ? 1620 HOH A O   1 
HETATM 755 O  O   . HOH C 3 .  ? -12.470 -9.556  -1.860  1.00 41.58  ? 1621 HOH A O   1 
HETATM 756 O  O   . HOH C 3 .  ? -5.488  -10.707 -3.645  1.00 42.42  ? 1622 HOH A O   1 
HETATM 757 O  O   . HOH C 3 .  ? -1.549  8.640   6.141   1.00 41.41  ? 1623 HOH A O   1 
HETATM 758 O  O   . HOH C 3 .  ? 11.099  1.359   7.674   1.00 45.06  ? 1624 HOH A O   1 
HETATM 759 O  O   . HOH C 3 .  ? 7.000   3.765   -13.414 1.00 40.43  ? 1625 HOH A O   1 
HETATM 760 O  O   . HOH C 3 .  ? 3.990   6.082   -14.144 1.00 63.90  ? 1626 HOH A O   1 
HETATM 761 O  O   . HOH C 3 .  ? 0.090   -2.467  -11.661 1.00 64.36  ? 1627 HOH A O   1 
HETATM 762 O  O   . HOH C 3 .  ? -6.103  14.238  0.107   1.00 66.38  ? 1628 HOH A O   1 
HETATM 763 O  O   . HOH C 3 .  ? -10.964 7.689   3.438   1.00 63.96  ? 1629 HOH A O   1 
HETATM 764 O  O   . HOH C 3 .  ? 1.430   -11.979 13.338  1.00 67.10  ? 1630 HOH A O   1 
HETATM 765 O  O   . HOH C 3 .  ? 4.797   -18.098 -0.982  1.00 53.06  ? 1631 HOH A O   1 
HETATM 766 O  O   . HOH C 3 .  ? 11.225  3.994   8.324   1.00 55.43  ? 1632 HOH A O   1 
HETATM 767 O  O   . HOH C 3 .  ? 12.357  6.147   -11.340 1.00 51.35  ? 1633 HOH A O   1 
HETATM 768 O  O   . HOH C 3 .  ? 4.379   14.447  7.594   1.00 44.39  ? 1634 HOH A O   1 
HETATM 769 O  O   . HOH C 3 .  ? -15.651 -2.341  1.875   1.00 85.08  ? 1635 HOH A O   1 
HETATM 770 O  O   . HOH C 3 .  ? 12.984  6.863   5.031   1.00 52.42  ? 1636 HOH A O   1 
HETATM 771 O  O   . HOH C 3 .  ? -12.101 -6.154  -5.361  1.00 55.66  ? 1637 HOH A O   1 
HETATM 772 O  O   . HOH C 3 .  ? 9.742   -0.366  10.522  1.00 43.93  ? 1638 HOH A O   1 
HETATM 773 O  O   . HOH C 3 .  ? 9.521   -6.314  4.702   1.00 45.31  ? 1639 HOH A O   1 
HETATM 774 O  O   . HOH C 3 .  ? -18.452 -5.401  1.640   1.00 69.36  ? 1640 HOH A O   1 
HETATM 775 O  O   . HOH C 3 .  ? -7.845  -9.927  -4.937  1.00 58.88  ? 1641 HOH A O   1 
HETATM 776 O  O   . HOH C 3 .  ? 2.313   11.303  -14.653 1.00 49.47  ? 1642 HOH A O   1 
HETATM 777 O  O   . HOH C 3 .  ? -12.308 -11.877 2.016   1.00 85.37  ? 1643 HOH A O   1 
HETATM 778 O  O   . HOH C 3 .  ? -3.220  -0.624  -13.510 1.00 63.19  ? 1644 HOH A O   1 
HETATM 779 O  O   . HOH C 3 .  ? -13.616 7.970   -3.867  1.00 57.70  ? 1645 HOH A O   1 
HETATM 780 O  O   . HOH C 3 .  ? 8.345   -6.299  -4.291  1.00 51.80  ? 1646 HOH A O   1 
HETATM 781 O  O   . HOH C 3 .  ? 12.355  4.433   10.732  1.00 50.20  ? 1647 HOH A O   1 
HETATM 782 O  O   . HOH C 3 .  ? -2.210  -15.351 -1.062  1.00 56.90  ? 1648 HOH A O   1 
HETATM 783 O  O   . HOH C 3 .  ? 12.551  0.846   -4.164  1.00 55.79  ? 1649 HOH A O   1 
HETATM 784 O  O   . HOH C 3 .  ? 12.205  -6.977  2.312   1.00 68.43  ? 1650 HOH A O   1 
HETATM 785 O  O   . HOH C 3 .  ? -8.600  -1.486  -8.992  1.00 49.71  ? 1651 HOH A O   1 
HETATM 786 O  O   . HOH C 3 .  ? 12.902  8.412   -3.358  1.00 45.90  ? 1652 HOH A O   1 
HETATM 787 O  O   . HOH C 3 .  ? 10.975  3.414   -16.503 1.00 64.26  ? 1653 HOH A O   1 
HETATM 788 O  O   . HOH C 3 .  ? -1.976  -11.915 13.266  1.00 76.51  ? 1654 HOH A O   1 
HETATM 789 O  O   . HOH C 3 .  ? 11.975  1.319   -1.116  1.00 60.51  ? 1655 HOH A O   1 
HETATM 790 O  O   . HOH C 3 .  ? 3.459   -7.454  16.848  1.00 66.51  ? 1656 HOH A O   1 
HETATM 791 O  O   . HOH C 3 .  ? 18.063  3.680   -7.645  1.00 59.47  ? 1657 HOH A O   1 
HETATM 792 O  O   . HOH C 3 .  ? -3.124  -11.938 -7.205  1.00 59.85  ? 1658 HOH A O   1 
HETATM 793 O  O   . HOH C 3 .  ? 4.789   1.232   -14.095 1.00 63.98  ? 1659 HOH A O   1 
HETATM 794 O  O   . HOH C 3 .  ? 14.701  -1.962  7.893   1.00 79.40  ? 1660 HOH A O   1 
HETATM 795 O  O   . HOH C 3 .  ? -5.602  1.856   13.501  1.00 60.41  ? 1661 HOH A O   1 
HETATM 796 O  O   . HOH C 3 .  ? 9.091   -8.875  4.680   1.00 71.07  ? 1662 HOH A O   1 
HETATM 797 O  O   . HOH C 3 .  ? -5.025  -1.100  14.715  1.00 53.48  ? 1663 HOH A O   1 
HETATM 798 O  O   . HOH C 3 .  ? -10.663 11.165  4.213   1.00 68.40  ? 1664 HOH A O   1 
HETATM 799 O  O   . HOH C 3 .  ? -0.682  -11.219 -9.046  1.00 64.00  ? 1665 HOH A O   1 
HETATM 800 O  O   . HOH C 3 .  ? -6.830  -14.599 11.604  1.00 67.28  ? 1666 HOH A O   1 
HETATM 801 O  O   . HOH C 3 .  ? 9.332   9.375   -17.209 1.00 84.39  ? 1667 HOH A O   1 
HETATM 802 O  O   . HOH C 3 .  ? -11.955 -12.532 -2.430  1.00 73.15  ? 1668 HOH A O   1 
HETATM 803 O  O   . HOH C 3 .  ? -12.913 9.110   -5.993  1.00 70.07  ? 1669 HOH A O   1 
HETATM 804 O  O   . HOH C 3 .  ? 12.686  4.134   4.011   1.00 62.92  ? 1670 HOH A O   1 
HETATM 805 O  O   . HOH C 3 .  ? -8.283  2.523   12.851  1.00 64.57  ? 1671 HOH A O   1 
HETATM 806 O  O   . HOH C 3 .  ? -18.574 -7.481  5.762   1.00 83.51  ? 1672 HOH A O   1 
HETATM 807 O  O   . HOH C 3 .  ? -12.989 3.241   2.703   1.00 68.25  ? 1673 HOH A O   1 
HETATM 808 O  O   . HOH C 3 .  ? 14.409  -0.734  -0.557  1.00 80.99  ? 1674 HOH A O   1 
HETATM 809 O  O   . HOH C 3 .  ? -1.655  -13.196 -5.179  1.00 71.16  ? 1675 HOH A O   1 
HETATM 810 O  O   . HOH C 3 .  ? -2.308  13.752  2.168   1.00 65.51  ? 1676 HOH A O   1 
HETATM 811 O  O   . HOH C 3 .  ? 19.486  6.447   -7.566  1.00 69.96  ? 1677 HOH A O   1 
HETATM 812 O  O   . HOH C 3 .  ? 0.925   16.450  -1.077  1.00 76.93  ? 1678 HOH A O   1 
HETATM 813 O  O   . HOH C 3 .  ? -3.086  16.236  3.618   1.00 68.03  ? 1679 HOH A O   1 
HETATM 814 O  O   . HOH C 3 .  ? -5.785  -19.171 12.810  1.00 76.39  ? 1680 HOH A O   1 
HETATM 815 O  O   . HOH C 3 .  ? -1.325  18.774  4.339   1.00 57.34  ? 1681 HOH A O   1 
HETATM 816 O  O   . HOH C 3 .  ? -11.148 1.396   -5.942  1.00 61.71  ? 1682 HOH A O   1 
HETATM 817 O  O   . HOH C 3 .  ? -10.103 10.687  -6.276  1.00 83.95  ? 1683 HOH A O   1 
# 
